data_4AIP
#
_entry.id   4AIP
#
_cell.length_a   85.320
_cell.length_b   104.620
_cell.length_c   269.100
_cell.angle_alpha   90.00
_cell.angle_beta   90.00
_cell.angle_gamma   90.00
#
_symmetry.space_group_name_H-M   'P 21 21 21'
#
loop_
_entity.id
_entity.type
_entity.pdbx_description
1 polymer 'FE-REGULATED PROTEIN B'
2 non-polymer 'GLUTAMIC ACID'
3 non-polymer 3,6,9,12,15-PENTAOXATRICOSAN-1-OL
4 water water
#
_entity_poly.entity_id   1
_entity_poly.type   'polypeptide(L)'
_entity_poly.pdbx_seq_one_letter_code
;MHHHHHHSSGLVPRGSGMKETAAAKFERQHMDSPDLGTDDDDKMAENNAKVVLDTVTVKGDRQGSKIRTNIVTLQQKDES
TATDMRELLKEEPSIDFGGGNGTSQFLTLRGMGQNSVDIKVDNAYSDSQILYHQGRFIVDPALVKVVSVQKGAGSASAGI
GATNGAIIAKTVDAQDLLKGLDKNWGVRLNSGFASNNGVSYGASVFGKEGNFDGLFSYNRNDEKDYEAGKGFRNVNGGKT
VPYSALDKRSYLAKIGTTFGDDDHRIVLSHMKDQHRGIRTVREEFTVGDKSSRINIDRQAPAYRETTQSNTNLAYTGKNL
GFVEKLDANAYVLEKERYSADDSGTGYAGNVKGPNHTRITTRGANFNFDSRLAEQTLLKYGINYRHQEIKPQAFLNSKFS
IPTTEEKNGQKVDKPMEQQMKDRADEDTVHAYKLSNPTKTDTGVYIEAIHDIGDFTLTGGLRYDRFKVKTHDGKTVSSSN
LNPSFGVIWQPHEHWSFSASHNYASRSPRLYDALQTHGKRGIISIADGTKAERARNTEIGFNYNDGTFAANGSYFWQTIK
DALANPQNRHDSVAVREAVNAGYIKNHGYELGASYRTGGLTAKVGVSHSKPRFYDTHKDKLLSANPEFGAQVGRTWTASL
AYRFQNPNLEIGWRGRYVQKATGSILAAGQKDRKGNLENVVRKGFGVNDVFANWKPLGKDTLNVNLSVNNVFNKFYYPHS
QRWTNTLPGVGRDVRLGVNYKF
;
_entity_poly.pdbx_strand_id   A,B,C
#
# COMPACT_ATOMS: atom_id res chain seq x y z
N ASP A 61 -3.81 43.46 5.85
CA ASP A 61 -5.02 43.45 4.97
C ASP A 61 -5.90 44.67 5.24
N ARG A 62 -6.35 45.36 4.19
CA ARG A 62 -7.08 46.60 4.34
C ARG A 62 -8.25 46.76 3.39
N GLN A 63 -8.85 45.66 2.95
CA GLN A 63 -10.02 45.73 2.09
C GLN A 63 -11.23 45.23 2.83
N GLY A 64 -11.33 45.70 4.07
CA GLY A 64 -12.28 45.17 4.99
C GLY A 64 -12.02 43.68 5.05
N SER A 65 -12.92 42.94 4.45
CA SER A 65 -12.97 41.53 4.67
C SER A 65 -12.82 40.75 3.37
N LYS A 66 -12.56 41.44 2.29
CA LYS A 66 -12.49 40.85 0.98
C LYS A 66 -11.19 40.02 0.68
N ILE A 67 -10.12 40.36 1.37
CA ILE A 67 -8.85 39.62 1.26
C ILE A 67 -8.50 39.31 2.70
N ARG A 68 -8.45 38.02 2.99
CA ARG A 68 -8.08 37.59 4.33
C ARG A 68 -6.88 36.75 4.14
N THR A 69 -5.76 37.37 4.48
CA THR A 69 -4.45 36.73 4.34
C THR A 69 -4.20 35.93 5.60
N ASN A 70 -3.64 34.74 5.46
CA ASN A 70 -3.20 33.93 6.60
C ASN A 70 -4.28 33.66 7.67
N ILE A 71 -5.43 33.23 7.18
CA ILE A 71 -6.57 32.86 8.02
C ILE A 71 -6.14 31.70 8.90
N VAL A 72 -5.39 30.79 8.30
CA VAL A 72 -4.86 29.68 9.05
C VAL A 72 -3.37 29.73 8.97
N THR A 73 -2.74 29.60 10.12
CA THR A 73 -1.31 29.65 10.25
C THR A 73 -0.89 28.22 10.55
N LEU A 74 0.36 27.88 10.25
CA LEU A 74 0.86 26.58 10.54
C LEU A 74 0.90 26.37 12.05
N GLN A 75 1.25 27.42 12.78
CA GLN A 75 1.38 27.33 14.23
C GLN A 75 -0.02 27.13 14.85
N GLN A 76 -1.05 27.77 14.28
CA GLN A 76 -2.41 27.61 14.73
C GLN A 76 -2.88 26.19 14.39
N LYS A 77 -2.63 25.77 13.14
CA LYS A 77 -3.09 24.49 12.65
C LYS A 77 -2.54 23.33 13.52
N ASP A 78 -1.31 23.49 14.02
CA ASP A 78 -0.79 22.53 14.94
C ASP A 78 -1.51 22.42 16.31
N GLU A 79 -2.34 23.40 16.67
CA GLU A 79 -3.11 23.38 17.94
C GLU A 79 -4.49 22.87 17.71
N SER A 80 -4.80 22.55 16.46
CA SER A 80 -6.17 22.19 16.06
C SER A 80 -6.17 20.67 15.83
N THR A 81 -7.36 20.14 15.76
CA THR A 81 -7.54 18.72 15.75
C THR A 81 -8.15 18.39 14.36
N ALA A 82 -8.43 19.45 13.58
CA ALA A 82 -9.09 19.29 12.30
C ALA A 82 -8.18 18.60 11.28
N THR A 83 -8.81 17.82 10.41
CA THR A 83 -8.10 17.03 9.42
C THR A 83 -8.71 17.30 8.04
N ASP A 84 -9.53 18.34 7.94
CA ASP A 84 -10.02 18.80 6.67
C ASP A 84 -10.30 20.28 6.73
N MET A 85 -10.45 20.87 5.55
CA MET A 85 -10.65 22.29 5.40
C MET A 85 -11.94 22.73 6.05
N ARG A 86 -12.99 21.92 5.89
CA ARG A 86 -14.32 22.15 6.49
C ARG A 86 -14.21 22.43 8.01
N GLU A 87 -13.56 21.58 8.76
CA GLU A 87 -13.43 21.85 10.17
C GLU A 87 -12.41 22.96 10.41
N LEU A 88 -11.40 23.05 9.58
CA LEU A 88 -10.37 24.05 9.82
C LEU A 88 -10.86 25.48 9.62
N LEU A 89 -11.76 25.69 8.63
CA LEU A 89 -12.19 27.04 8.29
C LEU A 89 -13.61 27.36 8.76
N LYS A 90 -14.04 26.64 9.83
CA LYS A 90 -15.43 26.78 10.25
C LYS A 90 -15.77 28.14 10.93
N GLU A 91 -14.76 28.78 11.50
CA GLU A 91 -14.96 30.12 12.04
C GLU A 91 -15.15 31.22 10.96
N GLU A 92 -15.22 30.85 9.69
CA GLU A 92 -15.25 31.75 8.58
C GLU A 92 -16.66 31.67 8.05
N PRO A 93 -17.47 32.75 8.23
CA PRO A 93 -18.88 32.74 7.90
C PRO A 93 -19.24 32.75 6.45
N SER A 94 -18.35 33.35 5.60
CA SER A 94 -18.65 33.42 4.11
C SER A 94 -18.35 32.14 3.39
N ILE A 95 -17.64 31.25 4.07
CA ILE A 95 -17.32 29.92 3.50
C ILE A 95 -18.18 28.76 4.09
N ASP A 96 -18.71 27.91 3.24
CA ASP A 96 -19.62 26.89 3.74
C ASP A 96 -19.31 25.68 2.94
N PHE A 97 -19.39 24.53 3.58
CA PHE A 97 -19.04 23.26 2.94
C PHE A 97 -20.21 22.31 3.06
N GLY A 98 -20.51 21.61 1.99
CA GLY A 98 -21.51 20.57 2.04
C GLY A 98 -21.18 19.48 3.04
N GLY A 99 -22.17 18.62 3.32
CA GLY A 99 -21.95 17.39 4.11
C GLY A 99 -21.19 16.26 3.39
N GLY A 100 -20.63 15.33 4.17
CA GLY A 100 -20.00 14.08 3.65
C GLY A 100 -18.49 14.15 3.66
N ASN A 101 -17.86 13.08 3.23
CA ASN A 101 -16.40 12.97 3.28
C ASN A 101 -15.86 13.18 1.89
N GLY A 102 -14.60 13.68 1.81
CA GLY A 102 -13.93 13.91 0.57
C GLY A 102 -14.74 14.69 -0.43
N THR A 103 -14.74 14.19 -1.68
CA THR A 103 -15.42 14.91 -2.78
C THR A 103 -16.97 14.85 -2.74
N SER A 104 -17.57 14.42 -1.61
CA SER A 104 -19.02 14.56 -1.41
C SER A 104 -19.28 16.05 -1.18
N GLN A 105 -18.25 16.74 -0.68
CA GLN A 105 -18.34 18.10 -0.25
C GLN A 105 -18.33 19.11 -1.38
N PHE A 106 -19.26 20.06 -1.27
CA PHE A 106 -19.23 21.28 -2.08
C PHE A 106 -18.72 22.46 -1.29
N LEU A 107 -18.07 23.43 -1.95
CA LEU A 107 -17.69 24.60 -1.19
C LEU A 107 -18.48 25.72 -1.73
N THR A 108 -18.92 26.64 -0.88
CA THR A 108 -19.39 27.94 -1.39
C THR A 108 -18.65 29.07 -0.74
N LEU A 109 -18.42 30.14 -1.52
CA LEU A 109 -17.89 31.40 -0.98
C LEU A 109 -18.83 32.57 -1.37
N ARG A 110 -19.32 33.32 -0.37
CA ARG A 110 -20.41 34.30 -0.58
C ARG A 110 -21.53 33.66 -1.38
N GLY A 111 -21.84 32.39 -1.08
CA GLY A 111 -22.91 31.69 -1.77
C GLY A 111 -22.56 31.20 -3.19
N MET A 112 -21.33 31.43 -3.61
CA MET A 112 -20.86 31.02 -4.98
C MET A 112 -20.07 29.72 -4.92
N GLY A 113 -20.39 28.79 -5.81
CA GLY A 113 -19.77 27.47 -5.76
C GLY A 113 -18.45 27.30 -6.53
N GLN A 114 -18.01 26.05 -6.68
CA GLN A 114 -16.71 25.73 -7.25
C GLN A 114 -16.64 25.87 -8.78
N ASN A 115 -17.78 26.09 -9.39
CA ASN A 115 -17.86 26.58 -10.77
C ASN A 115 -17.17 27.96 -10.97
N SER A 116 -17.15 28.80 -9.92
CA SER A 116 -16.60 30.17 -9.96
C SER A 116 -15.53 30.40 -8.92
N VAL A 117 -15.41 29.51 -7.92
CA VAL A 117 -14.37 29.66 -6.88
C VAL A 117 -13.29 28.56 -6.94
N ASP A 118 -12.02 28.98 -6.90
CA ASP A 118 -10.91 28.05 -7.00
C ASP A 118 -10.18 27.73 -5.69
N ILE A 119 -9.52 26.58 -5.62
CA ILE A 119 -8.55 26.31 -4.59
C ILE A 119 -7.23 26.36 -5.30
N LYS A 120 -6.34 27.22 -4.84
CA LYS A 120 -5.02 27.37 -5.41
C LYS A 120 -4.07 26.84 -4.37
N VAL A 121 -3.29 25.80 -4.70
CA VAL A 121 -2.15 25.45 -3.91
C VAL A 121 -0.84 25.68 -4.67
N ASP A 122 0.07 26.40 -4.03
CA ASP A 122 1.32 26.84 -4.64
C ASP A 122 1.06 27.50 -5.99
N ASN A 123 -0.09 28.14 -6.11
CA ASN A 123 -0.44 28.96 -7.30
C ASN A 123 -0.66 28.11 -8.57
N ALA A 124 -1.32 26.98 -8.38
CA ALA A 124 -1.69 26.07 -9.44
C ALA A 124 -3.14 25.69 -9.17
N TYR A 125 -4.00 25.77 -10.18
CA TYR A 125 -5.42 25.48 -10.06
C TYR A 125 -6.09 25.16 -11.42
N SER A 126 -6.96 24.17 -11.40
CA SER A 126 -7.76 23.73 -12.52
C SER A 126 -9.14 24.35 -12.33
N ASP A 127 -9.94 24.39 -13.38
CA ASP A 127 -11.29 24.77 -13.21
C ASP A 127 -12.23 23.64 -13.74
N SER A 128 -11.66 22.47 -14.04
CA SER A 128 -12.41 21.39 -14.57
C SER A 128 -13.02 20.51 -13.46
N GLN A 129 -13.91 19.62 -13.85
CA GLN A 129 -14.45 18.67 -12.91
C GLN A 129 -14.56 17.27 -13.47
N ILE A 130 -14.62 16.33 -12.56
CA ILE A 130 -14.81 14.94 -12.87
C ILE A 130 -16.23 14.60 -13.21
N LEU A 131 -17.13 14.96 -12.30
CA LEU A 131 -18.54 14.68 -12.41
C LEU A 131 -19.27 15.67 -11.54
N TYR A 132 -20.40 16.13 -12.03
CA TYR A 132 -21.14 17.12 -11.27
C TYR A 132 -21.86 16.61 -10.03
N HIS A 133 -21.92 15.30 -9.83
CA HIS A 133 -22.53 14.71 -8.63
C HIS A 133 -21.58 14.69 -7.47
N GLN A 134 -20.39 15.25 -7.66
CA GLN A 134 -19.43 15.40 -6.57
C GLN A 134 -18.82 16.77 -6.71
N GLY A 135 -18.23 17.26 -5.64
CA GLY A 135 -17.56 18.51 -5.69
C GLY A 135 -16.12 18.39 -6.20
N ARG A 136 -15.55 19.52 -6.53
CA ARG A 136 -14.13 19.55 -6.86
C ARG A 136 -13.30 19.34 -5.60
N PHE A 137 -12.12 18.78 -5.85
CA PHE A 137 -11.21 18.29 -4.86
C PHE A 137 -10.73 19.35 -3.93
N ILE A 138 -10.72 19.03 -2.65
CA ILE A 138 -10.25 19.99 -1.70
C ILE A 138 -9.06 19.36 -1.08
N VAL A 139 -7.96 20.11 -1.19
CA VAL A 139 -6.69 19.76 -0.64
C VAL A 139 -6.80 19.47 0.86
N ASP A 140 -5.92 18.62 1.34
CA ASP A 140 -5.75 18.15 2.68
C ASP A 140 -4.86 19.11 3.43
N PRO A 141 -5.34 19.65 4.54
CA PRO A 141 -4.60 20.69 5.26
C PRO A 141 -3.31 20.17 5.85
N ALA A 142 -3.18 18.87 5.90
CA ALA A 142 -1.91 18.31 6.45
C ALA A 142 -0.71 18.76 5.58
N LEU A 143 -0.91 18.97 4.28
CA LEU A 143 0.09 19.49 3.37
C LEU A 143 0.42 20.97 3.51
N VAL A 144 -0.48 21.76 4.11
CA VAL A 144 -0.40 23.17 3.85
C VAL A 144 0.31 23.91 4.98
N LYS A 145 0.94 25.03 4.66
CA LYS A 145 1.37 25.89 5.73
C LYS A 145 0.48 27.12 5.99
N VAL A 146 -0.20 27.63 4.96
CA VAL A 146 -1.17 28.73 5.17
C VAL A 146 -2.37 28.51 4.31
N VAL A 147 -3.53 28.95 4.85
CA VAL A 147 -4.71 29.21 4.01
C VAL A 147 -5.13 30.66 4.07
N SER A 148 -5.45 31.21 2.89
CA SER A 148 -5.87 32.58 2.69
C SER A 148 -7.12 32.56 1.80
N VAL A 149 -7.80 33.71 1.71
CA VAL A 149 -9.06 33.81 0.94
C VAL A 149 -9.16 35.16 0.25
N GLN A 150 -9.66 35.15 -0.96
CA GLN A 150 -9.84 36.38 -1.71
C GLN A 150 -11.22 36.25 -2.31
N LYS A 151 -12.03 37.30 -2.11
CA LYS A 151 -13.48 37.17 -2.38
C LYS A 151 -13.85 38.01 -3.54
N GLY A 152 -14.80 37.52 -4.36
CA GLY A 152 -15.27 38.29 -5.53
C GLY A 152 -14.18 38.40 -6.58
N ALA A 153 -14.38 39.34 -7.51
CA ALA A 153 -13.46 39.55 -8.62
C ALA A 153 -12.17 40.13 -8.10
N GLY A 154 -11.05 39.54 -8.52
CA GLY A 154 -9.72 39.99 -8.04
C GLY A 154 -9.21 41.13 -8.88
N SER A 155 -8.10 41.72 -8.45
CA SER A 155 -7.47 42.75 -9.32
C SER A 155 -6.66 42.06 -10.43
N ALA A 156 -5.83 42.82 -11.14
CA ALA A 156 -5.14 42.33 -12.25
C ALA A 156 -4.08 41.25 -12.00
N SER A 157 -3.40 41.29 -10.85
CA SER A 157 -2.34 40.33 -10.54
C SER A 157 -2.87 39.02 -10.04
N ALA A 158 -4.20 38.93 -9.86
CA ALA A 158 -4.81 37.76 -9.18
C ALA A 158 -4.72 36.48 -9.96
N GLY A 159 -4.48 36.55 -11.27
CA GLY A 159 -4.38 35.32 -12.10
C GLY A 159 -5.58 35.13 -13.00
N ILE A 160 -5.77 33.91 -13.47
CA ILE A 160 -6.78 33.61 -14.46
C ILE A 160 -8.05 33.29 -13.74
N GLY A 161 -9.16 33.84 -14.20
CA GLY A 161 -10.50 33.37 -13.83
C GLY A 161 -11.04 33.88 -12.50
N ALA A 162 -10.46 34.96 -12.00
CA ALA A 162 -10.78 35.48 -10.67
C ALA A 162 -12.05 36.30 -10.60
N THR A 163 -13.19 35.71 -11.01
CA THR A 163 -14.47 36.38 -11.04
C THR A 163 -15.09 36.35 -9.67
N ASN A 164 -14.91 35.23 -8.96
CA ASN A 164 -15.65 35.06 -7.73
C ASN A 164 -14.84 34.78 -6.46
N GLY A 165 -13.51 34.62 -6.63
CA GLY A 165 -12.62 34.44 -5.50
C GLY A 165 -12.01 33.07 -5.38
N ALA A 166 -11.27 32.82 -4.31
CA ALA A 166 -10.48 31.61 -4.22
C ALA A 166 -9.98 31.36 -2.81
N ILE A 167 -9.88 30.09 -2.44
CA ILE A 167 -9.12 29.67 -1.27
C ILE A 167 -7.70 29.41 -1.83
N ILE A 168 -6.74 29.89 -1.07
CA ILE A 168 -5.40 30.02 -1.53
C ILE A 168 -4.59 29.36 -0.45
N ALA A 169 -3.77 28.40 -0.83
CA ALA A 169 -2.93 27.67 0.10
C ALA A 169 -1.55 27.50 -0.40
N LYS A 170 -0.63 27.41 0.55
CA LYS A 170 0.78 27.19 0.29
C LYS A 170 1.17 25.91 1.05
N THR A 171 1.91 25.04 0.37
CA THR A 171 2.41 23.83 0.97
C THR A 171 3.55 24.19 1.90
N VAL A 172 3.79 23.29 2.85
CA VAL A 172 4.74 23.50 3.89
C VAL A 172 6.19 23.40 3.37
N ASP A 173 7.10 24.02 4.11
CA ASP A 173 8.50 24.11 3.75
C ASP A 173 9.37 23.73 4.90
N ALA A 174 10.58 23.33 4.54
CA ALA A 174 11.64 23.10 5.46
C ALA A 174 11.81 24.15 6.60
N GLN A 175 11.81 25.45 6.28
CA GLN A 175 11.95 26.46 7.34
C GLN A 175 10.79 26.53 8.35
N ASP A 176 9.58 26.31 7.87
CA ASP A 176 8.45 26.22 8.73
C ASP A 176 8.56 25.05 9.72
N LEU A 177 9.00 23.88 9.26
CA LEU A 177 9.16 22.73 10.14
C LEU A 177 10.34 22.91 11.07
N LEU A 178 11.41 23.57 10.63
CA LEU A 178 12.56 23.76 11.51
C LEU A 178 12.27 24.74 12.62
N LYS A 179 11.15 25.44 12.50
CA LYS A 179 10.85 26.57 13.36
C LYS A 179 11.24 26.35 14.82
N GLY A 180 10.64 25.38 15.47
CA GLY A 180 10.90 25.23 16.90
C GLY A 180 12.24 24.67 17.34
N LEU A 181 13.10 24.28 16.40
CA LEU A 181 14.30 23.47 16.69
C LEU A 181 15.57 24.28 16.53
N ASP A 182 16.63 23.92 17.25
CA ASP A 182 17.87 24.72 17.22
C ASP A 182 18.99 24.03 16.42
N LYS A 183 18.60 23.51 15.26
CA LYS A 183 19.51 22.76 14.41
C LYS A 183 19.02 22.78 12.97
N ASN A 184 19.74 22.11 12.08
CA ASN A 184 19.43 22.10 10.65
C ASN A 184 18.60 20.94 10.07
N TRP A 185 18.15 20.03 10.91
CA TRP A 185 17.36 18.90 10.45
C TRP A 185 16.31 18.69 11.51
N GLY A 186 15.30 17.88 11.21
CA GLY A 186 14.35 17.45 12.22
C GLY A 186 13.31 16.45 11.76
N VAL A 187 12.64 15.84 12.71
CA VAL A 187 11.56 14.94 12.43
C VAL A 187 10.33 15.47 13.12
N ARG A 188 9.19 15.26 12.47
CA ARG A 188 7.91 15.56 13.05
C ARG A 188 6.98 14.37 12.93
N LEU A 189 6.47 13.92 14.04
CA LEU A 189 5.45 12.87 14.04
C LEU A 189 4.14 13.40 14.57
N ASN A 190 3.07 12.85 14.05
CA ASN A 190 1.75 13.16 14.54
C ASN A 190 0.83 11.96 14.51
N SER A 191 -0.12 11.94 15.43
CA SER A 191 -1.20 11.00 15.41
C SER A 191 -2.55 11.59 15.83
N GLY A 192 -3.59 10.92 15.38
CA GLY A 192 -4.92 11.38 15.64
C GLY A 192 -5.82 10.24 15.92
N PHE A 193 -6.67 10.49 16.86
CA PHE A 193 -7.71 9.64 17.14
C PHE A 193 -9.09 10.38 17.07
N ALA A 194 -10.05 9.81 16.35
CA ALA A 194 -11.36 10.39 16.29
C ALA A 194 -12.43 9.37 16.60
N SER A 195 -13.27 9.67 17.58
CA SER A 195 -14.32 8.77 18.01
C SER A 195 -15.32 8.54 16.92
N ASN A 196 -15.53 9.52 16.07
CA ASN A 196 -16.61 9.42 15.12
C ASN A 196 -16.21 9.68 13.66
N ASN A 197 -15.43 8.82 13.01
CA ASN A 197 -14.83 7.58 13.53
C ASN A 197 -13.57 7.49 12.68
N GLY A 198 -12.42 7.71 13.26
CA GLY A 198 -11.23 7.60 12.47
C GLY A 198 -9.92 7.52 13.22
N VAL A 199 -8.87 7.23 12.47
CA VAL A 199 -7.54 7.23 13.03
C VAL A 199 -6.55 7.87 12.01
N SER A 200 -5.60 8.65 12.50
CA SER A 200 -4.71 9.33 11.57
C SER A 200 -3.26 9.32 12.08
N TYR A 201 -2.29 9.41 11.19
CA TYR A 201 -0.87 9.57 11.58
C TYR A 201 -0.04 10.05 10.42
N GLY A 202 1.15 10.52 10.72
CA GLY A 202 2.04 10.96 9.70
C GLY A 202 3.41 11.22 10.22
N ALA A 203 4.31 11.48 9.31
CA ALA A 203 5.66 11.71 9.69
C ALA A 203 6.23 12.56 8.62
N SER A 204 7.24 13.31 9.02
CA SER A 204 7.85 14.26 8.21
C SER A 204 9.34 14.31 8.53
N VAL A 205 10.16 14.37 7.51
CA VAL A 205 11.58 14.57 7.76
C VAL A 205 12.06 15.75 6.90
N PHE A 206 12.99 16.54 7.40
CA PHE A 206 13.32 17.82 6.78
C PHE A 206 14.67 18.36 7.23
N GLY A 207 15.28 19.17 6.40
CA GLY A 207 16.53 19.76 6.76
C GLY A 207 17.11 20.77 5.79
N LYS A 208 18.39 21.04 6.02
CA LYS A 208 19.10 22.10 5.35
C LYS A 208 20.64 21.82 5.38
N GLU A 209 21.29 21.80 4.21
CA GLU A 209 22.75 21.72 4.16
C GLU A 209 23.32 22.70 3.14
N GLY A 210 24.14 23.64 3.61
CA GLY A 210 24.73 24.66 2.74
C GLY A 210 23.55 25.50 2.26
N ASN A 211 23.39 25.56 0.95
CA ASN A 211 22.38 26.37 0.32
C ASN A 211 21.20 25.54 -0.06
N PHE A 212 21.01 24.44 0.64
CA PHE A 212 19.95 23.66 0.18
C PHE A 212 19.09 23.04 1.26
N ASP A 213 17.89 22.62 0.88
CA ASP A 213 16.89 22.18 1.86
C ASP A 213 15.96 21.24 1.20
N GLY A 214 15.28 20.46 2.01
CA GLY A 214 14.31 19.48 1.53
C GLY A 214 13.43 18.90 2.59
N LEU A 215 12.30 18.32 2.20
CA LEU A 215 11.42 17.67 3.15
C LEU A 215 10.66 16.61 2.48
N PHE A 216 10.23 15.63 3.28
CA PHE A 216 9.30 14.62 2.84
C PHE A 216 8.26 14.56 3.97
N SER A 217 6.98 14.71 3.63
CA SER A 217 5.86 14.41 4.55
C SER A 217 4.92 13.41 3.98
N TYR A 218 4.51 12.46 4.82
CA TYR A 218 3.50 11.46 4.53
C TYR A 218 2.39 11.69 5.56
N ASN A 219 1.14 11.62 5.14
CA ASN A 219 0.05 11.71 6.10
C ASN A 219 -1.06 10.79 5.74
N ARG A 220 -1.65 10.20 6.75
CA ARG A 220 -2.74 9.29 6.47
C ARG A 220 -3.86 9.44 7.45
N ASN A 221 -5.08 9.36 6.94
CA ASN A 221 -6.27 9.59 7.73
C ASN A 221 -7.26 8.55 7.31
N ASP A 222 -7.47 7.57 8.18
CA ASP A 222 -8.36 6.44 7.87
C ASP A 222 -9.67 6.61 8.60
N GLU A 223 -10.68 7.03 7.83
CA GLU A 223 -11.96 7.44 8.37
C GLU A 223 -13.05 6.44 8.05
N LYS A 224 -13.85 6.10 9.07
CA LYS A 224 -14.97 5.15 8.91
C LYS A 224 -16.21 5.90 8.49
N ASP A 225 -17.27 5.17 8.16
CA ASP A 225 -18.58 5.77 8.01
C ASP A 225 -18.88 6.64 9.24
N TYR A 226 -19.33 7.87 9.04
CA TYR A 226 -19.53 8.75 10.19
C TYR A 226 -20.96 8.65 10.72
N GLU A 227 -21.10 8.87 12.00
CA GLU A 227 -22.40 8.94 12.62
C GLU A 227 -22.92 10.40 12.57
N ALA A 228 -24.13 10.58 12.05
CA ALA A 228 -24.79 11.88 12.04
C ALA A 228 -25.33 12.20 13.42
N GLY A 229 -25.81 13.42 13.59
CA GLY A 229 -26.37 13.84 14.85
C GLY A 229 -27.63 13.08 15.19
N LYS A 230 -28.13 13.33 16.39
CA LYS A 230 -29.22 12.55 16.96
C LYS A 230 -30.58 12.51 16.23
N GLY A 231 -31.07 11.32 15.96
CA GLY A 231 -32.29 11.12 15.23
C GLY A 231 -32.09 10.65 13.82
N PHE A 232 -30.84 10.71 13.30
CA PHE A 232 -30.53 10.20 11.97
C PHE A 232 -30.56 8.69 11.98
N ARG A 233 -31.15 8.15 10.93
CA ARG A 233 -31.34 6.76 10.84
C ARG A 233 -31.15 6.45 9.38
N ASN A 234 -30.39 5.41 9.11
CA ASN A 234 -29.89 5.20 7.77
C ASN A 234 -30.53 4.24 6.82
N VAL A 235 -31.62 3.55 7.16
CA VAL A 235 -32.26 2.61 6.18
C VAL A 235 -31.97 1.13 6.42
N ASN A 236 -30.89 0.85 7.14
CA ASN A 236 -30.76 -0.39 7.87
C ASN A 236 -31.05 -0.10 9.33
N GLY A 237 -31.50 1.12 9.59
CA GLY A 237 -31.69 1.63 10.94
C GLY A 237 -30.43 1.80 11.77
N GLY A 238 -29.28 2.05 11.14
CA GLY A 238 -28.09 2.44 11.89
C GLY A 238 -27.98 3.94 12.01
N LYS A 239 -26.94 4.39 12.68
CA LYS A 239 -26.71 5.81 12.81
C LYS A 239 -25.63 6.39 11.88
N THR A 240 -25.02 5.52 11.08
CA THR A 240 -23.91 5.95 10.27
C THR A 240 -24.35 6.25 8.84
N VAL A 241 -23.63 7.15 8.19
CA VAL A 241 -23.91 7.48 6.80
C VAL A 241 -23.21 6.48 5.87
N PRO A 242 -23.97 5.67 5.16
CA PRO A 242 -23.35 4.67 4.28
C PRO A 242 -22.40 5.27 3.22
N TYR A 243 -21.23 4.61 3.12
CA TYR A 243 -20.19 4.87 2.13
C TYR A 243 -19.52 6.21 2.22
N SER A 244 -19.33 6.66 3.44
CA SER A 244 -18.75 7.93 3.73
C SER A 244 -17.36 7.74 4.32
N ALA A 245 -16.98 6.47 4.49
CA ALA A 245 -15.61 6.12 4.80
C ALA A 245 -14.65 6.41 3.64
N LEU A 246 -13.49 6.94 3.99
CA LEU A 246 -12.43 7.21 3.07
C LEU A 246 -11.11 7.03 3.73
N ASP A 247 -10.19 6.49 2.99
CA ASP A 247 -8.83 6.31 3.43
C ASP A 247 -8.08 7.41 2.67
N LYS A 248 -7.63 8.43 3.39
CA LYS A 248 -7.07 9.61 2.76
C LYS A 248 -5.58 9.79 3.04
N ARG A 249 -4.80 9.76 1.97
CA ARG A 249 -3.32 9.85 2.05
C ARG A 249 -2.70 10.98 1.29
N SER A 250 -1.73 11.64 1.88
CA SER A 250 -1.05 12.67 1.14
C SER A 250 0.43 12.63 1.35
N TYR A 251 1.18 12.96 0.34
CA TYR A 251 2.55 13.22 0.59
C TYR A 251 3.11 14.39 -0.14
N LEU A 252 4.17 14.92 0.43
CA LEU A 252 4.87 16.05 -0.13
C LEU A 252 6.35 15.81 -0.21
N ALA A 253 6.90 16.09 -1.37
CA ALA A 253 8.33 16.01 -1.50
C ALA A 253 8.81 17.31 -2.05
N LYS A 254 9.73 17.93 -1.31
CA LYS A 254 10.26 19.23 -1.75
C LYS A 254 11.75 19.32 -1.62
N ILE A 255 12.38 19.96 -2.58
CA ILE A 255 13.76 20.27 -2.46
C ILE A 255 13.92 21.73 -2.90
N GLY A 256 14.82 22.45 -2.25
CA GLY A 256 15.01 23.81 -2.61
C GLY A 256 16.41 24.28 -2.43
N THR A 257 16.73 25.35 -3.12
CA THR A 257 17.96 26.08 -2.90
C THR A 257 17.72 27.59 -2.77
N THR A 258 18.40 28.15 -1.78
CA THR A 258 18.42 29.57 -1.55
C THR A 258 19.84 30.09 -1.71
N PHE A 259 20.04 31.01 -2.65
CA PHE A 259 21.37 31.47 -2.98
C PHE A 259 21.39 32.97 -3.33
N GLY A 260 22.59 33.52 -3.38
CA GLY A 260 22.81 34.87 -3.90
C GLY A 260 22.37 35.93 -2.92
N ASP A 261 22.97 35.91 -1.75
CA ASP A 261 22.65 36.84 -0.70
C ASP A 261 21.23 36.67 -0.13
N ASP A 262 20.69 35.47 -0.26
CA ASP A 262 19.31 35.15 0.07
C ASP A 262 18.28 35.91 -0.68
N ASP A 263 18.62 36.34 -1.88
CA ASP A 263 17.68 37.05 -2.71
C ASP A 263 17.18 36.19 -3.86
N HIS A 264 17.65 34.95 -3.92
CA HIS A 264 17.19 33.99 -4.92
C HIS A 264 16.83 32.63 -4.35
N ARG A 265 15.78 32.02 -4.88
CA ARG A 265 15.30 30.71 -4.44
C ARG A 265 14.59 29.90 -5.52
N ILE A 266 15.00 28.61 -5.67
CA ILE A 266 14.36 27.68 -6.56
C ILE A 266 13.86 26.52 -5.71
N VAL A 267 12.61 26.13 -5.93
CA VAL A 267 12.03 25.05 -5.16
C VAL A 267 11.42 24.12 -6.15
N LEU A 268 11.67 22.82 -6.00
CA LEU A 268 10.95 21.79 -6.74
C LEU A 268 10.17 20.95 -5.75
N SER A 269 9.00 20.52 -6.16
CA SER A 269 7.98 20.10 -5.25
C SER A 269 7.04 19.09 -5.94
N HIS A 270 6.72 18.00 -5.26
CA HIS A 270 5.73 17.06 -5.78
C HIS A 270 4.79 16.69 -4.68
N MET A 271 3.50 16.81 -4.96
CA MET A 271 2.53 16.58 -3.96
C MET A 271 1.56 15.61 -4.50
N LYS A 272 1.07 14.73 -3.64
CA LYS A 272 -0.05 13.90 -4.03
C LYS A 272 -1.07 13.73 -2.92
N ASP A 273 -2.35 13.78 -3.23
CA ASP A 273 -3.46 13.82 -2.25
C ASP A 273 -4.47 12.79 -2.73
N GLN A 274 -4.75 11.76 -1.96
CA GLN A 274 -5.53 10.69 -2.52
C GLN A 274 -6.59 10.09 -1.60
N HIS A 275 -7.77 9.86 -2.16
CA HIS A 275 -8.86 9.31 -1.39
C HIS A 275 -9.22 7.99 -1.99
N ARG A 276 -9.34 6.95 -1.15
CA ARG A 276 -9.82 5.64 -1.64
C ARG A 276 -10.87 5.05 -0.74
N GLY A 277 -11.75 4.28 -1.34
CA GLY A 277 -12.68 3.52 -0.56
C GLY A 277 -13.85 3.10 -1.40
N ILE A 278 -14.83 2.46 -0.76
CA ILE A 278 -16.01 2.06 -1.49
C ILE A 278 -16.92 3.27 -1.48
N ARG A 279 -17.25 3.74 -2.67
CA ARG A 279 -17.93 5.03 -2.78
C ARG A 279 -19.03 4.79 -3.74
N THR A 280 -20.00 5.66 -3.75
CA THR A 280 -21.15 5.45 -4.57
C THR A 280 -20.96 6.19 -5.86
N VAL A 281 -21.68 5.78 -6.89
CA VAL A 281 -21.73 6.52 -8.17
C VAL A 281 -22.37 7.77 -7.66
N ARG A 282 -21.92 8.97 -7.96
CA ARG A 282 -22.65 10.12 -7.29
C ARG A 282 -22.38 10.30 -5.81
N GLU A 283 -21.26 10.91 -5.48
CA GLU A 283 -20.85 10.98 -4.09
C GLU A 283 -21.63 11.97 -3.21
N GLU A 284 -22.40 12.85 -3.83
CA GLU A 284 -23.23 13.79 -3.06
C GLU A 284 -24.41 13.13 -2.32
N PHE A 285 -24.76 11.91 -2.71
CA PHE A 285 -25.79 11.11 -2.06
C PHE A 285 -25.23 9.83 -1.43
N THR A 286 -25.84 9.34 -0.35
CA THR A 286 -25.61 7.95 0.04
C THR A 286 -26.58 7.01 -0.62
N VAL A 287 -26.86 5.92 0.08
CA VAL A 287 -27.81 4.94 -0.40
C VAL A 287 -29.06 5.17 0.40
N GLY A 288 -30.18 5.33 -0.30
CA GLY A 288 -31.47 5.46 0.33
C GLY A 288 -32.28 4.18 0.27
N ASP A 289 -33.58 4.31 0.52
CA ASP A 289 -34.52 3.21 0.47
C ASP A 289 -34.56 2.59 -0.93
N LYS A 290 -34.92 1.30 -1.05
CA LYS A 290 -34.89 0.62 -2.37
C LYS A 290 -35.96 1.13 -3.33
N SER A 291 -36.88 1.91 -2.79
CA SER A 291 -37.88 2.62 -3.57
C SER A 291 -37.44 4.01 -4.06
N SER A 292 -36.29 4.51 -3.58
CA SER A 292 -35.72 5.81 -4.01
C SER A 292 -34.79 5.76 -5.22
N ARG A 293 -34.53 6.91 -5.81
CA ARG A 293 -33.60 7.05 -6.92
C ARG A 293 -32.14 6.92 -6.47
N ILE A 294 -31.96 6.70 -5.19
CA ILE A 294 -30.68 6.68 -4.59
C ILE A 294 -30.47 5.33 -3.91
N ASN A 295 -31.14 4.31 -4.43
CA ASN A 295 -31.03 2.97 -3.88
C ASN A 295 -29.75 2.28 -4.30
N ILE A 296 -29.43 1.20 -3.61
CA ILE A 296 -28.18 0.46 -3.77
C ILE A 296 -27.78 0.12 -5.21
N ASP A 297 -28.76 -0.18 -6.06
CA ASP A 297 -28.52 -0.56 -7.46
C ASP A 297 -28.12 0.63 -8.30
N ARG A 298 -28.89 1.72 -8.21
CA ARG A 298 -28.61 2.95 -8.99
C ARG A 298 -27.29 3.60 -8.52
N GLN A 299 -27.04 3.50 -7.22
CA GLN A 299 -25.86 4.10 -6.58
C GLN A 299 -24.64 3.22 -6.59
N ALA A 300 -24.83 1.97 -6.98
CA ALA A 300 -23.77 0.96 -7.30
C ALA A 300 -22.40 1.23 -6.68
N PRO A 301 -22.27 1.13 -5.36
CA PRO A 301 -20.97 1.45 -4.79
C PRO A 301 -19.89 0.53 -5.34
N ALA A 302 -18.67 1.04 -5.47
CA ALA A 302 -17.54 0.29 -5.96
C ALA A 302 -16.27 1.00 -5.48
N TYR A 303 -15.18 0.24 -5.43
CA TYR A 303 -13.90 0.81 -5.04
C TYR A 303 -13.48 1.95 -5.96
N ARG A 304 -12.96 3.01 -5.33
CA ARG A 304 -12.60 4.22 -6.06
C ARG A 304 -11.40 4.91 -5.48
N GLU A 305 -10.50 5.40 -6.35
CA GLU A 305 -9.46 6.33 -5.91
C GLU A 305 -9.59 7.63 -6.67
N THR A 306 -9.53 8.72 -5.93
CA THR A 306 -9.56 10.02 -6.59
C THR A 306 -8.35 10.83 -6.09
N THR A 307 -7.59 11.45 -7.00
CA THR A 307 -6.26 11.85 -6.63
C THR A 307 -5.95 13.20 -7.19
N GLN A 308 -5.31 14.05 -6.40
CA GLN A 308 -4.77 15.29 -6.93
C GLN A 308 -3.24 15.29 -6.77
N SER A 309 -2.54 15.60 -7.84
CA SER A 309 -1.09 15.62 -7.86
C SER A 309 -0.66 16.91 -8.44
N ASN A 310 0.43 17.38 -7.88
CA ASN A 310 1.07 18.58 -8.38
C ASN A 310 2.60 18.53 -8.30
N THR A 311 3.27 18.60 -9.45
CA THR A 311 4.69 18.82 -9.48
C THR A 311 4.86 20.26 -9.88
N ASN A 312 5.65 20.99 -9.10
CA ASN A 312 5.74 22.45 -9.20
C ASN A 312 7.17 22.91 -9.14
N LEU A 313 7.52 23.79 -10.06
CA LEU A 313 8.85 24.40 -10.07
C LEU A 313 8.62 25.88 -9.80
N ALA A 314 9.28 26.36 -8.75
CA ALA A 314 9.01 27.71 -8.34
C ALA A 314 10.29 28.45 -8.17
N TYR A 315 10.28 29.68 -8.65
CA TYR A 315 11.39 30.60 -8.56
C TYR A 315 11.03 31.95 -7.98
N THR A 316 11.73 32.40 -6.96
CA THR A 316 11.61 33.81 -6.59
C THR A 316 12.97 34.54 -6.45
N GLY A 317 13.10 35.62 -7.20
CA GLY A 317 14.28 36.50 -7.14
C GLY A 317 13.87 37.88 -6.64
N LYS A 318 14.69 38.44 -5.77
CA LYS A 318 14.45 39.72 -5.14
C LYS A 318 15.54 40.73 -5.34
N ASN A 319 15.09 41.99 -5.30
CA ASN A 319 15.93 43.14 -5.44
C ASN A 319 16.91 42.88 -6.57
N LEU A 320 16.39 42.71 -7.76
CA LEU A 320 17.20 42.28 -8.86
C LEU A 320 17.53 43.50 -9.65
N GLY A 321 17.48 44.66 -9.01
CA GLY A 321 17.62 45.91 -9.74
C GLY A 321 16.29 46.51 -10.13
N PHE A 322 16.13 46.78 -11.42
CA PHE A 322 14.89 47.27 -12.00
C PHE A 322 13.67 46.50 -11.50
N VAL A 323 13.78 45.18 -11.53
CA VAL A 323 12.77 44.30 -11.00
C VAL A 323 13.06 44.15 -9.51
N GLU A 324 12.15 44.70 -8.68
CA GLU A 324 12.15 44.56 -7.21
C GLU A 324 11.88 43.15 -6.79
N LYS A 325 11.15 42.45 -7.62
CA LYS A 325 10.80 41.12 -7.30
C LYS A 325 10.18 40.42 -8.45
N LEU A 326 10.50 39.13 -8.55
CA LEU A 326 10.02 38.26 -9.59
C LEU A 326 9.51 36.98 -8.92
N ASP A 327 8.35 36.50 -9.35
CA ASP A 327 7.80 35.22 -8.90
C ASP A 327 7.32 34.45 -10.02
N ALA A 328 7.82 33.25 -10.14
CA ALA A 328 7.41 32.46 -11.23
C ALA A 328 7.15 31.03 -10.74
N ASN A 329 6.47 30.26 -11.56
CA ASN A 329 5.82 29.04 -11.13
C ASN A 329 5.65 28.37 -12.50
N ALA A 330 5.88 27.07 -12.59
CA ALA A 330 5.51 26.28 -13.74
C ALA A 330 5.14 24.96 -13.10
N TYR A 331 4.02 24.37 -13.50
CA TYR A 331 3.48 23.28 -12.74
C TYR A 331 2.68 22.38 -13.62
N VAL A 332 2.41 21.18 -13.10
CA VAL A 332 1.54 20.22 -13.79
C VAL A 332 0.65 19.69 -12.72
N LEU A 333 -0.64 19.82 -12.93
CA LEU A 333 -1.63 19.39 -11.99
C LEU A 333 -2.39 18.25 -12.60
N GLU A 334 -2.56 17.16 -11.87
CA GLU A 334 -3.28 15.99 -12.38
C GLU A 334 -4.46 15.79 -11.51
N LYS A 335 -5.56 15.51 -12.14
CA LYS A 335 -6.69 15.13 -11.38
C LYS A 335 -7.08 13.76 -11.92
N GLU A 336 -7.38 12.87 -10.99
CA GLU A 336 -7.67 11.54 -11.41
C GLU A 336 -8.80 10.85 -10.69
N ARG A 337 -9.63 10.14 -11.46
CA ARG A 337 -10.63 9.23 -10.93
C ARG A 337 -10.35 7.83 -11.50
N TYR A 338 -10.14 6.93 -10.56
CA TYR A 338 -10.02 5.51 -10.86
C TYR A 338 -11.16 4.71 -10.20
N SER A 339 -11.76 3.82 -10.95
CA SER A 339 -12.82 3.02 -10.39
C SER A 339 -12.48 1.62 -10.75
N ALA A 340 -12.56 0.70 -9.77
CA ALA A 340 -12.38 -0.76 -10.03
C ALA A 340 -13.41 -1.40 -10.93
N ASP A 341 -14.62 -0.88 -10.92
CA ASP A 341 -15.67 -1.39 -11.80
C ASP A 341 -16.68 -0.30 -12.05
N ASP A 342 -16.85 0.02 -13.32
CA ASP A 342 -17.82 1.03 -13.67
C ASP A 342 -19.14 0.54 -14.31
N SER A 343 -19.47 -0.75 -14.14
CA SER A 343 -20.70 -1.36 -14.73
C SER A 343 -22.00 -0.67 -14.32
N GLY A 344 -22.11 -0.33 -13.04
CA GLY A 344 -23.25 0.40 -12.56
C GLY A 344 -23.13 1.91 -12.57
N THR A 345 -22.13 2.44 -13.29
CA THR A 345 -21.94 3.89 -13.43
C THR A 345 -22.44 4.34 -14.81
N GLY A 346 -23.66 4.82 -14.89
CA GLY A 346 -24.23 5.32 -16.14
C GLY A 346 -23.38 6.37 -16.82
N TYR A 347 -22.85 7.31 -16.01
CA TYR A 347 -22.13 8.48 -16.49
C TYR A 347 -20.79 8.17 -17.15
N ALA A 348 -20.18 7.06 -16.75
CA ALA A 348 -18.95 6.57 -17.37
C ALA A 348 -19.18 5.68 -18.61
N GLY A 349 -20.44 5.56 -19.04
CA GLY A 349 -20.86 4.62 -20.09
C GLY A 349 -20.96 3.17 -19.68
N ASN A 350 -21.20 2.91 -18.39
CA ASN A 350 -21.36 1.54 -17.84
C ASN A 350 -20.20 0.64 -18.22
N VAL A 351 -19.00 1.20 -18.15
CA VAL A 351 -17.77 0.52 -18.55
C VAL A 351 -17.43 -0.57 -17.55
N LYS A 352 -17.42 -1.78 -18.04
CA LYS A 352 -17.17 -2.88 -17.18
C LYS A 352 -15.70 -2.98 -16.76
N GLY A 353 -15.45 -3.28 -15.48
CA GLY A 353 -14.10 -3.34 -14.94
C GLY A 353 -13.45 -1.98 -14.78
N PRO A 354 -12.11 -1.96 -14.60
CA PRO A 354 -11.46 -0.72 -14.19
C PRO A 354 -11.47 0.36 -15.23
N ASN A 355 -11.51 1.58 -14.75
CA ASN A 355 -11.74 2.68 -15.58
C ASN A 355 -11.01 3.82 -14.96
N HIS A 356 -10.32 4.58 -15.76
CA HIS A 356 -9.75 5.71 -15.17
C HIS A 356 -9.80 6.93 -16.00
N THR A 357 -9.99 8.06 -15.36
CA THR A 357 -10.30 9.27 -16.09
C THR A 357 -9.37 10.33 -15.63
N ARG A 358 -8.78 11.06 -16.58
CA ARG A 358 -7.79 12.06 -16.20
C ARG A 358 -7.99 13.48 -16.68
N ILE A 359 -7.59 14.43 -15.85
CA ILE A 359 -7.46 15.78 -16.25
C ILE A 359 -6.07 16.26 -15.93
N THR A 360 -5.40 16.78 -16.95
CA THR A 360 -4.05 17.30 -16.77
C THR A 360 -4.06 18.79 -16.98
N THR A 361 -3.44 19.51 -16.09
CA THR A 361 -3.40 20.93 -16.17
C THR A 361 -1.94 21.39 -16.10
N ARG A 362 -1.43 21.93 -17.21
CA ARG A 362 -0.07 22.49 -17.26
C ARG A 362 -0.17 24.01 -17.20
N GLY A 363 0.54 24.60 -16.28
CA GLY A 363 0.46 26.04 -16.22
C GLY A 363 1.78 26.68 -15.96
N ALA A 364 1.82 27.98 -16.20
CA ALA A 364 2.99 28.73 -15.76
C ALA A 364 2.52 30.11 -15.48
N ASN A 365 3.15 30.78 -14.51
CA ASN A 365 2.90 32.15 -14.23
C ASN A 365 4.23 32.92 -14.08
N PHE A 366 4.28 34.15 -14.60
CA PHE A 366 5.37 35.05 -14.30
C PHE A 366 4.94 36.41 -13.79
N ASN A 367 5.54 36.86 -12.73
CA ASN A 367 5.07 38.04 -12.08
C ASN A 367 6.23 38.95 -11.74
N PHE A 368 6.22 40.17 -12.27
CA PHE A 368 7.28 41.10 -11.96
C PHE A 368 6.74 42.28 -11.17
N ASP A 369 7.52 42.70 -10.21
CA ASP A 369 7.27 43.97 -9.57
C ASP A 369 8.41 44.92 -9.89
N SER A 370 8.06 46.05 -10.48
CA SER A 370 9.02 47.13 -10.71
C SER A 370 8.68 48.44 -10.00
N ARG A 371 9.68 48.99 -9.36
CA ARG A 371 9.49 50.16 -8.58
C ARG A 371 9.75 51.39 -9.37
N LEU A 372 8.72 52.13 -9.76
CA LEU A 372 8.92 53.35 -10.56
C LEU A 372 9.34 54.60 -9.77
N ALA A 373 9.35 54.51 -8.44
CA ALA A 373 9.48 55.66 -7.53
C ALA A 373 9.22 55.12 -6.15
N GLU A 374 9.71 55.78 -5.10
CA GLU A 374 9.52 55.26 -3.75
C GLU A 374 8.06 54.90 -3.42
N GLN A 375 7.11 55.59 -4.05
CA GLN A 375 5.68 55.45 -3.77
C GLN A 375 4.89 54.71 -4.78
N THR A 376 5.51 54.29 -5.86
CA THR A 376 4.72 53.62 -6.88
C THR A 376 5.37 52.33 -7.36
N LEU A 377 4.60 51.25 -7.25
CA LEU A 377 5.03 49.95 -7.66
C LEU A 377 4.27 49.63 -8.92
N LEU A 378 4.97 49.00 -9.86
CA LEU A 378 4.33 48.50 -11.04
C LEU A 378 4.42 47.01 -11.03
N LYS A 379 3.28 46.34 -11.15
CA LYS A 379 3.28 44.88 -11.23
C LYS A 379 2.87 44.60 -12.65
N TYR A 380 3.44 43.54 -13.26
CA TYR A 380 3.05 43.17 -14.58
C TYR A 380 3.51 41.74 -14.71
N GLY A 381 2.87 40.98 -15.59
CA GLY A 381 3.21 39.59 -15.75
C GLY A 381 2.29 38.91 -16.73
N ILE A 382 2.35 37.58 -16.75
CA ILE A 382 1.68 36.79 -17.76
C ILE A 382 1.26 35.43 -17.11
N ASN A 383 0.07 34.95 -17.48
CA ASN A 383 -0.49 33.69 -16.97
C ASN A 383 -0.76 32.76 -18.09
N TYR A 384 -0.37 31.49 -17.91
CA TYR A 384 -0.64 30.49 -18.92
C TYR A 384 -1.16 29.23 -18.26
N ARG A 385 -2.21 28.68 -18.84
CA ARG A 385 -2.75 27.39 -18.42
C ARG A 385 -3.33 26.58 -19.56
N HIS A 386 -2.97 25.28 -19.60
CA HIS A 386 -3.51 24.37 -20.57
C HIS A 386 -4.14 23.20 -19.83
N GLN A 387 -5.34 22.82 -20.22
CA GLN A 387 -6.01 21.75 -19.56
C GLN A 387 -6.48 20.78 -20.60
N GLU A 388 -6.26 19.52 -20.29
CA GLU A 388 -6.61 18.48 -21.17
C GLU A 388 -7.28 17.37 -20.42
N ILE A 389 -8.43 16.97 -20.90
CA ILE A 389 -9.17 15.87 -20.34
C ILE A 389 -8.96 14.61 -21.16
N LYS A 390 -8.62 13.50 -20.49
CA LYS A 390 -8.40 12.24 -21.18
C LYS A 390 -9.29 11.08 -20.72
N PRO A 391 -10.29 10.73 -21.52
CA PRO A 391 -11.04 9.56 -21.10
C PRO A 391 -10.17 8.37 -21.34
N GLN A 392 -10.49 7.26 -20.70
CA GLN A 392 -9.82 6.02 -21.02
C GLN A 392 -10.05 5.59 -22.47
N ALA A 393 -11.19 5.96 -23.04
CA ALA A 393 -11.61 5.51 -24.37
C ALA A 393 -12.88 6.25 -24.69
N PHE A 394 -13.07 6.62 -25.96
CA PHE A 394 -14.32 7.25 -26.42
C PHE A 394 -15.37 6.21 -26.77
N LEU A 395 -16.64 6.51 -26.51
CA LEU A 395 -17.68 5.49 -26.48
C LEU A 395 -18.91 5.78 -27.30
N ASN A 396 -19.07 7.04 -27.65
CA ASN A 396 -19.32 7.51 -29.00
C ASN A 396 -20.05 6.56 -30.00
N SER A 397 -19.39 5.46 -30.40
CA SER A 397 -19.90 4.47 -31.34
C SER A 397 -21.12 3.65 -30.87
N LYS A 398 -21.37 3.72 -29.57
CA LYS A 398 -22.40 2.93 -28.90
C LYS A 398 -23.53 3.77 -28.34
N PHE A 399 -23.43 5.09 -28.52
CA PHE A 399 -24.55 6.00 -28.34
C PHE A 399 -25.81 5.32 -28.87
N SER A 400 -26.85 5.38 -28.08
CA SER A 400 -28.05 4.71 -28.44
C SER A 400 -29.19 5.45 -27.76
N ILE A 401 -30.18 5.88 -28.56
CA ILE A 401 -31.42 6.51 -27.99
C ILE A 401 -32.48 5.41 -27.76
N PRO A 402 -33.04 5.33 -26.55
CA PRO A 402 -34.15 4.36 -26.25
C PRO A 402 -35.34 4.42 -27.26
N THR A 403 -36.06 3.29 -27.43
CA THR A 403 -37.28 3.26 -28.28
C THR A 403 -38.55 3.29 -27.42
N PRO A 415 -43.06 7.32 -30.05
CA PRO A 415 -43.65 7.70 -31.33
C PRO A 415 -42.66 7.45 -32.42
N MET A 416 -43.16 7.36 -33.66
CA MET A 416 -42.34 7.03 -34.81
C MET A 416 -41.65 8.26 -35.38
N GLU A 417 -42.37 9.37 -35.49
CA GLU A 417 -41.75 10.58 -36.05
C GLU A 417 -40.51 11.07 -35.27
N GLN A 418 -40.47 10.78 -33.98
CA GLN A 418 -39.27 11.08 -33.24
C GLN A 418 -38.20 9.94 -33.37
N GLN A 419 -38.66 8.67 -33.38
CA GLN A 419 -37.82 7.50 -33.65
C GLN A 419 -36.92 7.68 -34.89
N MET A 420 -37.50 8.22 -35.96
CA MET A 420 -36.76 8.34 -37.20
C MET A 420 -35.67 9.37 -36.99
N LYS A 421 -36.06 10.50 -36.32
CA LYS A 421 -35.12 11.52 -35.83
C LYS A 421 -34.04 10.87 -34.92
N ASP A 422 -34.49 9.94 -34.08
CA ASP A 422 -33.62 9.27 -33.13
C ASP A 422 -32.58 8.45 -33.87
N ARG A 423 -33.06 7.59 -34.77
CA ARG A 423 -32.18 6.75 -35.55
C ARG A 423 -31.24 7.56 -36.49
N ALA A 424 -31.64 8.76 -36.92
CA ALA A 424 -30.72 9.62 -37.67
C ALA A 424 -29.71 10.27 -36.73
N ASP A 425 -30.15 10.47 -35.50
CA ASP A 425 -29.28 10.99 -34.46
C ASP A 425 -28.14 10.04 -34.14
N GLU A 426 -28.43 8.77 -33.90
CA GLU A 426 -27.33 7.89 -33.52
C GLU A 426 -26.32 7.70 -34.66
N ASP A 427 -26.80 7.79 -35.91
CA ASP A 427 -25.95 7.76 -37.10
C ASP A 427 -24.94 8.90 -37.07
N THR A 428 -25.35 10.07 -36.64
CA THR A 428 -24.45 11.22 -36.60
C THR A 428 -23.48 11.08 -35.48
N VAL A 429 -24.01 10.76 -34.30
CA VAL A 429 -23.11 10.50 -33.19
C VAL A 429 -22.02 9.50 -33.65
N HIS A 430 -22.45 8.38 -34.24
CA HIS A 430 -21.51 7.34 -34.64
C HIS A 430 -20.53 7.76 -35.72
N ALA A 431 -20.82 8.88 -36.40
CA ALA A 431 -19.91 9.37 -37.44
C ALA A 431 -18.75 10.21 -36.85
N TYR A 432 -18.95 10.80 -35.66
CA TYR A 432 -17.93 11.59 -35.04
C TYR A 432 -16.77 10.75 -34.60
N LYS A 433 -15.57 11.29 -34.85
CA LYS A 433 -14.33 10.78 -34.30
C LYS A 433 -13.85 11.81 -33.31
N LEU A 434 -13.71 11.38 -32.06
CA LEU A 434 -13.54 12.28 -30.96
C LEU A 434 -12.12 12.36 -30.45
N SER A 435 -11.73 13.53 -29.98
CA SER A 435 -10.37 13.80 -29.47
C SER A 435 -10.51 14.39 -28.09
N ASN A 436 -9.45 14.26 -27.31
CA ASN A 436 -9.38 14.86 -25.99
C ASN A 436 -9.72 16.37 -26.03
N PRO A 437 -10.68 16.85 -25.18
CA PRO A 437 -10.98 18.27 -25.13
C PRO A 437 -9.82 19.00 -24.46
N THR A 438 -9.59 20.23 -24.86
CA THR A 438 -8.54 21.01 -24.26
C THR A 438 -9.07 22.41 -24.01
N LYS A 439 -8.39 23.14 -23.13
CA LYS A 439 -8.70 24.48 -23.00
C LYS A 439 -7.43 25.23 -22.70
N THR A 440 -7.20 26.32 -23.41
CA THR A 440 -6.01 27.08 -23.15
C THR A 440 -6.43 28.46 -22.67
N ASP A 441 -5.87 28.89 -21.54
CA ASP A 441 -6.11 30.20 -21.07
C ASP A 441 -4.82 30.93 -20.99
N THR A 442 -4.83 32.18 -21.39
CA THR A 442 -3.66 32.98 -21.19
C THR A 442 -4.00 34.42 -20.89
N GLY A 443 -3.14 35.13 -20.16
CA GLY A 443 -3.39 36.50 -19.83
C GLY A 443 -2.11 37.25 -19.57
N VAL A 444 -2.12 38.55 -19.88
CA VAL A 444 -1.04 39.45 -19.63
C VAL A 444 -1.72 40.52 -18.79
N TYR A 445 -0.98 41.11 -17.87
CA TYR A 445 -1.59 42.08 -17.01
C TYR A 445 -0.55 43.12 -16.61
N ILE A 446 -1.05 44.27 -16.15
CA ILE A 446 -0.29 45.31 -15.49
C ILE A 446 -1.10 45.99 -14.40
N GLU A 447 -0.44 46.31 -13.32
CA GLU A 447 -1.05 46.97 -12.22
C GLU A 447 -0.10 47.98 -11.68
N ALA A 448 -0.64 49.17 -11.40
CA ALA A 448 0.15 50.19 -10.79
C ALA A 448 -0.41 50.46 -9.40
N ILE A 449 0.47 50.48 -8.41
CA ILE A 449 0.07 50.74 -7.06
C ILE A 449 0.77 52.01 -6.64
N HIS A 450 -0.04 53.01 -6.30
CA HIS A 450 0.46 54.30 -6.01
C HIS A 450 0.00 54.84 -4.66
N ASP A 451 0.98 55.27 -3.89
CA ASP A 451 0.84 55.73 -2.51
C ASP A 451 0.96 57.24 -2.46
N ILE A 452 -0.11 57.94 -2.07
CA ILE A 452 -0.05 59.40 -1.98
C ILE A 452 -0.81 59.89 -0.78
N GLY A 453 -0.15 60.59 0.12
CA GLY A 453 -0.81 61.02 1.34
C GLY A 453 -1.13 59.74 2.08
N ASP A 454 -2.33 59.59 2.64
CA ASP A 454 -2.59 58.33 3.32
C ASP A 454 -3.58 57.39 2.57
N PHE A 455 -3.57 57.59 1.26
CA PHE A 455 -4.26 56.85 0.24
C PHE A 455 -3.29 55.93 -0.49
N THR A 456 -3.78 54.76 -0.87
CA THR A 456 -3.07 53.84 -1.71
C THR A 456 -4.03 53.53 -2.84
N LEU A 457 -3.60 53.83 -4.05
CA LEU A 457 -4.43 53.67 -5.25
C LEU A 457 -3.89 52.61 -6.18
N THR A 458 -4.77 51.84 -6.80
CA THR A 458 -4.37 50.65 -7.52
C THR A 458 -5.13 50.71 -8.81
N GLY A 459 -4.43 50.61 -9.93
CA GLY A 459 -5.07 50.63 -11.24
C GLY A 459 -4.47 49.50 -12.02
N GLY A 460 -5.30 48.75 -12.75
CA GLY A 460 -4.78 47.58 -13.37
C GLY A 460 -5.55 47.17 -14.56
N LEU A 461 -4.96 46.30 -15.38
CA LEU A 461 -5.60 45.84 -16.55
C LEU A 461 -5.13 44.46 -16.90
N ARG A 462 -6.04 43.63 -17.39
CA ARG A 462 -5.71 42.31 -17.82
C ARG A 462 -6.28 42.14 -19.15
N TYR A 463 -5.58 41.38 -19.95
CA TYR A 463 -6.09 41.00 -21.20
C TYR A 463 -6.11 39.49 -21.15
N ASP A 464 -7.26 38.85 -21.35
CA ASP A 464 -7.41 37.40 -21.14
C ASP A 464 -7.96 36.76 -22.37
N ARG A 465 -7.37 35.64 -22.80
CA ARG A 465 -7.99 34.96 -23.91
C ARG A 465 -8.05 33.51 -23.56
N PHE A 466 -8.97 32.83 -24.20
CA PHE A 466 -9.05 31.42 -24.03
C PHE A 466 -9.28 30.80 -25.34
N LYS A 467 -9.01 29.50 -25.37
CA LYS A 467 -9.42 28.74 -26.47
C LYS A 467 -9.92 27.38 -26.04
N VAL A 468 -11.13 27.03 -26.46
CA VAL A 468 -11.72 25.80 -26.13
C VAL A 468 -11.79 24.92 -27.34
N LYS A 469 -11.22 23.75 -27.21
CA LYS A 469 -11.40 22.71 -28.17
C LYS A 469 -12.19 21.59 -27.51
N THR A 470 -13.46 21.45 -27.86
CA THR A 470 -14.27 20.37 -27.34
C THR A 470 -13.96 19.00 -27.97
N HIS A 471 -14.70 17.98 -27.56
CA HIS A 471 -14.31 16.63 -27.95
C HIS A 471 -14.57 16.23 -29.41
N ASP A 472 -15.26 17.10 -30.14
CA ASP A 472 -15.57 16.91 -31.54
C ASP A 472 -14.55 17.61 -32.42
N GLY A 473 -13.56 18.21 -31.78
CA GLY A 473 -12.51 18.90 -32.49
C GLY A 473 -12.86 20.35 -32.77
N LYS A 474 -14.06 20.80 -32.38
CA LYS A 474 -14.44 22.18 -32.59
C LYS A 474 -13.70 23.16 -31.68
N THR A 475 -13.31 24.27 -32.26
CA THR A 475 -12.48 25.26 -31.60
C THR A 475 -13.16 26.61 -31.61
N VAL A 476 -13.22 27.24 -30.44
CA VAL A 476 -13.85 28.56 -30.26
C VAL A 476 -13.03 29.33 -29.28
N SER A 477 -12.69 30.55 -29.61
CA SER A 477 -11.98 31.46 -28.69
C SER A 477 -12.67 32.80 -28.55
N SER A 478 -12.26 33.51 -27.52
CA SER A 478 -12.65 34.87 -27.31
C SER A 478 -11.56 35.48 -26.45
N SER A 479 -11.64 36.77 -26.23
CA SER A 479 -10.69 37.45 -25.42
C SER A 479 -11.41 38.60 -24.71
N ASN A 480 -10.80 39.15 -23.66
CA ASN A 480 -11.42 40.19 -22.89
C ASN A 480 -10.42 41.13 -22.32
N LEU A 481 -10.81 42.40 -22.26
CA LEU A 481 -10.01 43.41 -21.61
C LEU A 481 -10.66 43.83 -20.30
N ASN A 482 -10.02 43.51 -19.16
CA ASN A 482 -10.62 43.66 -17.82
C ASN A 482 -9.89 44.65 -16.87
N PRO A 483 -10.47 45.84 -16.68
CA PRO A 483 -9.90 46.90 -15.85
C PRO A 483 -10.20 46.71 -14.38
N SER A 484 -9.46 47.35 -13.50
CA SER A 484 -9.69 47.21 -12.09
C SER A 484 -9.16 48.45 -11.43
N PHE A 485 -9.85 48.89 -10.39
CA PHE A 485 -9.51 50.14 -9.68
C PHE A 485 -9.72 49.87 -8.20
N GLY A 486 -8.81 50.34 -7.37
CA GLY A 486 -8.92 50.12 -5.98
C GLY A 486 -8.34 51.26 -5.23
N VAL A 487 -9.00 51.62 -4.13
CA VAL A 487 -8.61 52.70 -3.23
C VAL A 487 -8.57 52.16 -1.82
N ILE A 488 -7.48 52.40 -1.13
CA ILE A 488 -7.45 52.26 0.31
C ILE A 488 -7.04 53.57 0.97
N TRP A 489 -7.77 53.98 1.98
CA TRP A 489 -7.51 55.21 2.68
C TRP A 489 -7.26 54.90 4.13
N GLN A 490 -6.09 55.29 4.60
CA GLN A 490 -5.72 55.06 5.99
C GLN A 490 -5.43 56.37 6.76
N PRO A 491 -6.47 57.02 7.29
CA PRO A 491 -6.39 58.33 7.91
C PRO A 491 -5.72 58.36 9.26
N HIS A 492 -5.81 57.25 9.97
CA HIS A 492 -5.41 57.12 11.37
C HIS A 492 -4.68 55.82 11.35
N GLU A 493 -3.91 55.54 12.38
CA GLU A 493 -3.19 54.32 12.32
C GLU A 493 -4.02 53.07 12.66
N HIS A 494 -5.20 53.27 13.22
CA HIS A 494 -6.05 52.15 13.54
C HIS A 494 -7.14 51.97 12.52
N TRP A 495 -7.09 52.67 11.39
CA TRP A 495 -8.24 52.69 10.51
C TRP A 495 -7.89 52.63 9.09
N SER A 496 -8.57 51.76 8.34
CA SER A 496 -8.59 51.81 6.88
C SER A 496 -10.01 51.75 6.35
N PHE A 497 -10.23 52.30 5.16
CA PHE A 497 -11.48 52.19 4.46
C PHE A 497 -11.13 51.86 3.03
N SER A 498 -12.03 51.21 2.31
CA SER A 498 -11.68 50.65 1.03
C SER A 498 -12.82 50.65 0.12
N ALA A 499 -12.47 50.64 -1.16
CA ALA A 499 -13.39 50.41 -2.24
C ALA A 499 -12.60 49.93 -3.43
N SER A 500 -13.25 49.15 -4.28
CA SER A 500 -12.63 48.61 -5.46
C SER A 500 -13.71 48.36 -6.47
N HIS A 501 -13.34 48.39 -7.74
CA HIS A 501 -14.26 48.15 -8.83
C HIS A 501 -13.49 47.31 -9.83
N ASN A 502 -13.75 46.02 -9.82
CA ASN A 502 -12.88 45.05 -10.46
C ASN A 502 -13.69 44.32 -11.47
N TYR A 503 -13.14 44.28 -12.69
CA TYR A 503 -13.61 43.40 -13.74
C TYR A 503 -12.74 42.19 -13.91
N ALA A 504 -13.37 41.06 -14.19
CA ALA A 504 -12.62 39.84 -14.46
C ALA A 504 -13.44 38.93 -15.34
N SER A 505 -12.77 38.01 -16.02
CA SER A 505 -13.47 37.09 -16.90
C SER A 505 -13.06 35.67 -16.63
N ARG A 506 -13.95 34.76 -16.97
CA ARG A 506 -13.79 33.35 -16.69
C ARG A 506 -14.32 32.56 -17.86
N SER A 507 -13.41 31.82 -18.50
CA SER A 507 -13.71 31.01 -19.70
C SER A 507 -14.65 29.83 -19.47
N PRO A 508 -15.37 29.38 -20.52
CA PRO A 508 -16.22 28.19 -20.36
C PRO A 508 -15.47 27.05 -19.74
N ARG A 509 -16.13 26.27 -18.91
CA ARG A 509 -15.52 25.03 -18.44
C ARG A 509 -15.81 23.92 -19.36
N LEU A 510 -14.87 23.00 -19.42
CA LEU A 510 -15.06 21.76 -20.18
C LEU A 510 -16.13 20.99 -19.47
N TYR A 511 -16.92 20.28 -20.26
CA TYR A 511 -17.76 19.22 -19.75
C TYR A 511 -17.08 18.28 -18.74
N ASP A 512 -17.89 17.50 -18.04
CA ASP A 512 -17.41 16.56 -17.05
C ASP A 512 -16.45 15.55 -17.65
N ALA A 513 -15.31 15.38 -17.00
CA ALA A 513 -14.26 14.48 -17.46
C ALA A 513 -14.81 13.09 -17.73
N LEU A 514 -15.65 12.64 -16.82
CA LEU A 514 -16.12 11.28 -16.79
C LEU A 514 -17.16 11.00 -17.83
N GLN A 515 -17.64 12.05 -18.49
CA GLN A 515 -18.68 11.97 -19.52
C GLN A 515 -18.14 12.24 -20.90
N THR A 516 -16.85 12.59 -20.94
CA THR A 516 -16.14 12.96 -22.13
C THR A 516 -16.12 11.88 -23.18
N HIS A 517 -16.20 10.63 -22.76
CA HIS A 517 -16.26 9.47 -23.70
C HIS A 517 -17.35 9.60 -24.76
N GLY A 518 -18.38 10.40 -24.45
CA GLY A 518 -19.35 10.80 -25.44
C GLY A 518 -20.36 9.72 -25.77
N LYS A 519 -20.47 8.72 -24.92
CA LYS A 519 -21.49 7.73 -25.11
C LYS A 519 -22.93 8.26 -25.02
N ARG A 520 -23.10 9.42 -24.38
CA ARG A 520 -24.41 10.01 -24.22
C ARG A 520 -24.70 11.06 -25.21
N GLY A 521 -23.79 11.20 -26.15
CA GLY A 521 -23.94 12.25 -27.10
C GLY A 521 -22.76 13.19 -27.08
N ILE A 522 -22.76 14.04 -28.09
CA ILE A 522 -21.67 14.89 -28.40
C ILE A 522 -21.87 16.20 -27.69
N ILE A 523 -20.79 16.71 -27.13
CA ILE A 523 -20.86 17.95 -26.39
C ILE A 523 -19.91 18.95 -26.98
N SER A 524 -20.44 20.02 -27.55
CA SER A 524 -19.64 20.96 -28.29
C SER A 524 -19.74 22.37 -27.68
N ILE A 525 -19.48 23.38 -28.50
CA ILE A 525 -19.51 24.80 -28.08
C ILE A 525 -20.01 25.65 -29.24
N ALA A 526 -20.96 26.53 -28.94
CA ALA A 526 -21.55 27.37 -29.99
C ALA A 526 -20.58 28.40 -30.52
N ASP A 527 -20.87 28.92 -31.69
CA ASP A 527 -19.93 29.81 -32.38
C ASP A 527 -19.49 31.06 -31.65
N GLY A 528 -20.39 31.78 -31.03
CA GLY A 528 -19.91 33.06 -30.51
C GLY A 528 -19.60 33.03 -29.04
N THR A 529 -19.61 31.84 -28.43
CA THR A 529 -19.66 31.79 -27.00
C THR A 529 -18.47 32.43 -26.40
N LYS A 530 -18.69 33.08 -25.29
CA LYS A 530 -17.64 33.84 -24.72
C LYS A 530 -17.51 33.62 -23.25
N ALA A 531 -16.50 34.25 -22.68
CA ALA A 531 -16.24 34.18 -21.28
C ALA A 531 -17.28 34.97 -20.45
N GLU A 532 -17.49 34.47 -19.24
CA GLU A 532 -18.25 35.13 -18.20
C GLU A 532 -17.47 36.32 -17.77
N ARG A 533 -18.17 37.40 -17.46
CA ARG A 533 -17.48 38.57 -17.09
C ARG A 533 -18.12 39.29 -15.92
N ALA A 534 -17.33 39.51 -14.89
CA ALA A 534 -17.79 39.90 -13.62
C ALA A 534 -17.44 41.39 -13.43
N ARG A 535 -18.38 42.12 -12.83
CA ARG A 535 -18.18 43.45 -12.40
C ARG A 535 -18.44 43.46 -10.87
N ASN A 536 -17.36 43.50 -10.10
CA ASN A 536 -17.47 43.45 -8.71
C ASN A 536 -17.08 44.79 -8.08
N THR A 537 -17.98 45.36 -7.28
CA THR A 537 -17.73 46.62 -6.63
C THR A 537 -17.83 46.31 -5.19
N GLU A 538 -16.95 46.92 -4.39
CA GLU A 538 -17.13 46.72 -3.00
C GLU A 538 -16.51 47.75 -2.07
N ILE A 539 -17.00 47.83 -0.85
CA ILE A 539 -16.47 48.76 0.15
C ILE A 539 -16.06 48.00 1.43
N GLY A 540 -15.27 48.60 2.28
CA GLY A 540 -14.83 47.88 3.44
C GLY A 540 -14.23 48.83 4.45
N PHE A 541 -14.02 48.33 5.66
CA PHE A 541 -13.29 49.09 6.66
C PHE A 541 -12.55 48.09 7.51
N ASN A 542 -11.46 48.53 8.09
CA ASN A 542 -10.71 47.79 9.08
C ASN A 542 -10.36 48.64 10.30
N TYR A 543 -10.85 48.22 11.42
CA TYR A 543 -10.40 48.80 12.66
C TYR A 543 -9.49 47.78 13.42
N ASN A 544 -8.38 48.26 13.96
CA ASN A 544 -7.54 47.49 14.87
C ASN A 544 -6.69 48.40 15.74
N ASP A 545 -6.88 48.31 17.06
CA ASP A 545 -6.10 49.14 17.97
C ASP A 545 -5.11 48.34 18.85
N GLY A 546 -5.02 47.04 18.62
CA GLY A 546 -4.09 46.17 19.34
C GLY A 546 -4.79 45.33 20.37
N THR A 547 -5.93 45.79 20.86
CA THR A 547 -6.77 45.04 21.74
C THR A 547 -8.04 44.71 20.98
N PHE A 548 -8.69 45.71 20.42
CA PHE A 548 -9.93 45.46 19.70
C PHE A 548 -9.76 45.53 18.17
N ALA A 549 -10.47 44.70 17.44
CA ALA A 549 -10.37 44.72 16.00
C ALA A 549 -11.75 44.52 15.39
N ALA A 550 -11.98 45.11 14.21
CA ALA A 550 -13.19 44.85 13.47
C ALA A 550 -12.96 45.12 11.99
N ASN A 551 -13.74 44.46 11.16
CA ASN A 551 -13.66 44.68 9.75
C ASN A 551 -15.06 44.48 9.20
N GLY A 552 -15.30 45.05 8.04
CA GLY A 552 -16.59 44.95 7.40
C GLY A 552 -16.43 45.08 5.91
N SER A 553 -17.28 44.40 5.17
CA SER A 553 -17.24 44.42 3.75
C SER A 553 -18.68 44.43 3.28
N TYR A 554 -18.96 45.28 2.29
CA TYR A 554 -20.13 45.10 1.46
C TYR A 554 -19.70 44.93 0.02
N PHE A 555 -20.39 44.07 -0.70
CA PHE A 555 -20.01 43.87 -2.10
C PHE A 555 -21.24 43.72 -2.98
N TRP A 556 -21.06 44.04 -4.28
CA TRP A 556 -22.05 43.88 -5.32
C TRP A 556 -21.36 43.21 -6.52
N GLN A 557 -21.98 42.16 -7.05
CA GLN A 557 -21.42 41.42 -8.15
C GLN A 557 -22.43 41.25 -9.28
N THR A 558 -22.02 41.56 -10.52
CA THR A 558 -22.79 41.22 -11.70
C THR A 558 -21.90 40.43 -12.62
N ILE A 559 -22.40 39.31 -13.11
CA ILE A 559 -21.64 38.51 -14.01
C ILE A 559 -22.46 38.26 -15.23
N LYS A 560 -21.94 38.74 -16.38
CA LYS A 560 -22.58 38.54 -17.69
C LYS A 560 -22.16 37.27 -18.39
N ASP A 561 -23.07 36.70 -19.18
CA ASP A 561 -22.80 35.57 -20.08
C ASP A 561 -22.51 34.29 -19.36
N ALA A 562 -23.11 34.12 -18.20
CA ALA A 562 -23.08 32.85 -17.53
C ALA A 562 -23.44 31.66 -18.47
N LEU A 563 -22.75 30.55 -18.25
CA LEU A 563 -22.94 29.34 -19.05
C LEU A 563 -23.26 28.28 -18.10
N ALA A 564 -24.10 27.37 -18.51
CA ALA A 564 -24.28 26.21 -17.62
C ALA A 564 -24.51 24.90 -18.37
N ASN A 565 -25.75 24.66 -18.77
CA ASN A 565 -26.04 23.45 -19.46
C ASN A 565 -26.09 23.72 -20.93
N PRO A 566 -25.81 22.67 -21.71
CA PRO A 566 -25.76 22.82 -23.17
C PRO A 566 -27.13 23.04 -23.92
N GLN A 567 -27.05 23.73 -25.05
CA GLN A 567 -28.09 23.88 -26.07
C GLN A 567 -28.03 22.74 -27.13
N ALA A 574 -28.40 14.59 -28.87
CA ALA A 574 -27.60 14.29 -30.06
C ALA A 574 -26.25 15.02 -30.13
N VAL A 575 -26.30 16.30 -30.47
CA VAL A 575 -25.16 17.21 -30.43
C VAL A 575 -25.74 18.33 -29.56
N ARG A 576 -25.03 18.74 -28.52
CA ARG A 576 -25.48 19.91 -27.71
C ARG A 576 -24.33 20.86 -27.57
N GLU A 577 -24.59 22.09 -27.14
CA GLU A 577 -23.59 23.17 -27.22
C GLU A 577 -23.50 24.07 -26.03
N ALA A 578 -22.29 24.22 -25.51
CA ALA A 578 -22.04 25.11 -24.44
C ALA A 578 -22.51 26.51 -24.90
N VAL A 579 -23.24 27.25 -24.09
CA VAL A 579 -23.63 28.60 -24.52
C VAL A 579 -23.73 29.64 -23.39
N ASN A 580 -23.69 30.92 -23.76
CA ASN A 580 -23.95 31.99 -22.84
C ASN A 580 -25.44 32.01 -22.78
N ALA A 581 -25.98 32.02 -21.56
CA ALA A 581 -27.41 31.75 -21.32
C ALA A 581 -27.93 32.62 -20.22
N GLY A 582 -27.27 33.74 -19.93
CA GLY A 582 -27.79 34.53 -18.82
C GLY A 582 -26.75 35.25 -18.02
N TYR A 583 -27.20 35.78 -16.88
CA TYR A 583 -26.36 36.51 -15.95
C TYR A 583 -26.62 36.16 -14.44
N ILE A 584 -25.81 36.73 -13.57
CA ILE A 584 -25.76 36.36 -12.21
C ILE A 584 -25.61 37.62 -11.45
N LYS A 585 -26.25 37.70 -10.30
CA LYS A 585 -26.05 38.84 -9.41
C LYS A 585 -25.83 38.26 -8.08
N ASN A 586 -25.08 39.01 -7.27
CA ASN A 586 -24.80 38.69 -5.88
C ASN A 586 -24.52 39.96 -5.15
N HIS A 587 -24.89 40.02 -3.89
CA HIS A 587 -24.54 41.16 -2.99
C HIS A 587 -24.62 40.62 -1.60
N GLY A 588 -24.01 41.33 -0.67
CA GLY A 588 -24.14 41.00 0.69
C GLY A 588 -23.05 41.63 1.49
N TYR A 589 -22.88 41.15 2.74
CA TYR A 589 -21.92 41.73 3.68
C TYR A 589 -21.14 40.69 4.43
N GLU A 590 -20.07 41.11 5.04
CA GLU A 590 -19.48 40.39 6.10
C GLU A 590 -19.00 41.39 7.17
N LEU A 591 -19.04 40.98 8.43
CA LEU A 591 -18.53 41.77 9.55
C LEU A 591 -17.78 40.80 10.43
N GLY A 592 -16.70 41.28 11.01
CA GLY A 592 -15.95 40.54 12.00
C GLY A 592 -15.63 41.44 13.18
N ALA A 593 -15.35 40.85 14.33
CA ALA A 593 -14.86 41.66 15.45
C ALA A 593 -14.06 40.76 16.39
N SER A 594 -12.99 41.30 16.95
CA SER A 594 -12.26 40.55 17.92
C SER A 594 -11.84 41.34 19.18
N TYR A 595 -11.47 40.62 20.23
CA TYR A 595 -11.06 41.23 21.48
C TYR A 595 -9.98 40.37 22.11
N ARG A 596 -8.84 40.95 22.42
CA ARG A 596 -7.61 40.21 22.83
C ARG A 596 -7.03 40.99 24.01
N THR A 597 -6.97 40.34 25.16
CA THR A 597 -6.51 40.95 26.38
C THR A 597 -5.97 39.82 27.28
N GLY A 598 -4.65 39.80 27.47
CA GLY A 598 -3.97 38.86 28.38
C GLY A 598 -4.33 37.36 28.39
N GLY A 599 -4.20 36.69 27.26
CA GLY A 599 -4.52 35.26 27.32
C GLY A 599 -5.91 34.96 26.84
N LEU A 600 -6.82 35.90 27.02
CA LEU A 600 -8.20 35.77 26.55
C LEU A 600 -8.37 36.23 25.08
N THR A 601 -9.04 35.44 24.24
CA THR A 601 -9.30 35.92 22.89
C THR A 601 -10.79 35.71 22.47
N ALA A 602 -11.53 36.79 22.22
CA ALA A 602 -12.93 36.69 21.80
C ALA A 602 -13.09 37.07 20.33
N LYS A 603 -13.96 36.35 19.59
CA LYS A 603 -14.14 36.61 18.14
C LYS A 603 -15.57 36.36 17.76
N VAL A 604 -16.10 37.18 16.82
CA VAL A 604 -17.40 36.97 16.21
C VAL A 604 -17.41 37.38 14.76
N GLY A 605 -18.39 36.87 14.01
CA GLY A 605 -18.51 37.21 12.62
C GLY A 605 -19.87 36.80 12.15
N VAL A 606 -20.30 37.39 11.04
CA VAL A 606 -21.54 37.05 10.41
C VAL A 606 -21.41 37.41 8.92
N SER A 607 -22.17 36.72 8.08
CA SER A 607 -22.02 36.89 6.65
C SER A 607 -23.33 36.53 6.04
N HIS A 608 -23.75 37.31 5.07
CA HIS A 608 -24.98 36.96 4.41
C HIS A 608 -24.79 37.37 2.98
N SER A 609 -25.21 36.47 2.06
CA SER A 609 -25.18 36.80 0.67
C SER A 609 -26.33 36.18 -0.09
N LYS A 610 -26.45 36.54 -1.37
CA LYS A 610 -27.68 36.31 -2.15
C LYS A 610 -27.42 36.05 -3.64
N PRO A 611 -26.85 34.88 -3.97
CA PRO A 611 -26.52 34.58 -5.35
C PRO A 611 -27.76 34.29 -6.10
N ARG A 612 -27.92 34.91 -7.27
CA ARG A 612 -29.10 34.77 -8.14
C ARG A 612 -28.78 34.61 -9.66
N PHE A 613 -29.24 33.54 -10.26
CA PHE A 613 -29.03 33.26 -11.66
C PHE A 613 -30.27 33.55 -12.45
N TYR A 614 -30.06 34.31 -13.50
CA TYR A 614 -31.11 34.83 -14.29
C TYR A 614 -31.04 34.26 -15.69
N ASP A 615 -32.02 33.45 -16.03
CA ASP A 615 -32.10 32.90 -17.35
C ASP A 615 -32.38 33.98 -18.40
N THR A 616 -31.68 33.87 -19.52
CA THR A 616 -31.81 34.76 -20.64
C THR A 616 -32.18 33.98 -21.88
N HIS A 617 -31.98 32.67 -21.77
CA HIS A 617 -32.13 31.78 -22.87
C HIS A 617 -33.52 31.16 -22.79
N LYS A 618 -34.12 30.91 -23.94
CA LYS A 618 -35.51 30.50 -23.99
C LYS A 618 -35.77 29.13 -23.39
N ASP A 619 -34.82 28.22 -23.55
CA ASP A 619 -34.86 26.89 -22.95
C ASP A 619 -34.10 27.08 -21.69
N LYS A 620 -34.68 26.82 -20.55
CA LYS A 620 -34.13 27.49 -19.37
C LYS A 620 -32.89 26.75 -18.92
N LEU A 621 -31.73 27.36 -19.19
CA LEU A 621 -30.53 26.59 -19.27
C LEU A 621 -29.59 26.62 -18.06
N LEU A 622 -29.74 27.62 -17.22
CA LEU A 622 -28.92 27.74 -16.02
C LEU A 622 -29.27 26.68 -14.99
N SER A 623 -28.37 26.42 -14.04
CA SER A 623 -28.53 25.25 -13.21
C SER A 623 -28.62 25.61 -11.75
N ALA A 624 -29.34 24.76 -11.01
CA ALA A 624 -29.32 24.83 -9.55
C ALA A 624 -28.37 23.86 -8.87
N ASN A 625 -27.50 23.19 -9.62
CA ASN A 625 -26.53 22.30 -8.97
C ASN A 625 -25.58 23.13 -8.07
N PRO A 626 -25.22 22.55 -6.91
CA PRO A 626 -24.38 23.23 -5.88
C PRO A 626 -22.97 23.74 -6.37
N GLU A 627 -22.41 23.11 -7.39
CA GLU A 627 -21.32 23.69 -8.21
C GLU A 627 -21.47 25.28 -8.36
N PHE A 628 -22.67 25.74 -8.75
CA PHE A 628 -22.89 27.14 -9.08
C PHE A 628 -23.10 28.01 -7.82
N GLY A 629 -23.63 27.41 -6.76
CA GLY A 629 -23.81 28.11 -5.51
C GLY A 629 -24.98 27.53 -4.75
N ALA A 630 -25.29 28.14 -3.60
CA ALA A 630 -26.49 27.87 -2.83
C ALA A 630 -26.88 29.10 -2.05
N GLN A 631 -28.19 29.30 -1.87
CA GLN A 631 -28.64 30.32 -0.92
C GLN A 631 -28.44 29.80 0.48
N VAL A 632 -27.31 30.16 1.08
CA VAL A 632 -26.97 29.72 2.43
C VAL A 632 -27.74 30.65 3.32
N GLY A 633 -28.11 30.14 4.50
CA GLY A 633 -28.63 30.98 5.58
C GLY A 633 -27.59 31.95 6.12
N ARG A 634 -28.07 33.09 6.57
CA ARG A 634 -27.21 33.99 7.28
C ARG A 634 -26.35 33.21 8.30
N THR A 635 -25.06 33.43 8.28
CA THR A 635 -24.19 32.60 9.09
C THR A 635 -23.43 33.42 10.12
N TRP A 636 -23.52 32.94 11.37
CA TRP A 636 -22.80 33.50 12.50
C TRP A 636 -21.73 32.55 13.00
N THR A 637 -20.58 33.08 13.33
CA THR A 637 -19.58 32.26 13.99
C THR A 637 -19.06 33.00 15.22
N ALA A 638 -18.50 32.30 16.20
CA ALA A 638 -17.85 32.99 17.32
C ALA A 638 -17.01 31.99 18.02
N SER A 639 -16.13 32.52 18.83
CA SER A 639 -15.30 31.74 19.65
C SER A 639 -14.82 32.51 20.87
N LEU A 640 -14.42 31.75 21.87
CA LEU A 640 -13.93 32.33 23.14
C LEU A 640 -12.88 31.41 23.73
N ALA A 641 -11.66 31.91 23.87
CA ALA A 641 -10.57 31.07 24.30
C ALA A 641 -9.69 31.76 25.32
N TYR A 642 -9.20 30.99 26.28
CA TYR A 642 -8.26 31.49 27.24
C TYR A 642 -7.04 30.58 27.16
N ARG A 643 -5.86 31.21 27.03
CA ARG A 643 -4.54 30.58 27.13
C ARG A 643 -3.81 30.83 28.45
N PHE A 644 -3.73 29.80 29.27
CA PHE A 644 -3.07 29.89 30.58
C PHE A 644 -1.61 29.99 30.34
N GLN A 645 -0.88 30.66 31.21
CA GLN A 645 0.56 30.72 31.04
C GLN A 645 1.24 29.43 31.52
N ASN A 646 0.75 28.88 32.63
CA ASN A 646 1.28 27.69 33.28
C ASN A 646 0.16 26.84 33.88
N PRO A 647 -0.11 25.64 33.34
CA PRO A 647 0.57 25.08 32.12
C PRO A 647 0.26 25.89 30.87
N ASN A 648 0.99 25.61 29.81
CA ASN A 648 0.79 26.24 28.53
C ASN A 648 -0.37 25.50 27.89
N LEU A 649 -1.57 25.98 28.20
CA LEU A 649 -2.79 25.32 27.83
C LEU A 649 -3.78 26.38 27.45
N GLU A 650 -4.38 26.19 26.28
CA GLU A 650 -5.49 27.03 25.85
C GLU A 650 -6.71 26.13 25.83
N ILE A 651 -7.83 26.63 26.36
CA ILE A 651 -9.09 25.92 26.26
C ILE A 651 -10.05 26.92 25.62
N GLY A 652 -11.05 26.48 24.89
CA GLY A 652 -11.96 27.46 24.35
C GLY A 652 -13.23 26.84 23.88
N TRP A 653 -14.07 27.68 23.30
CA TRP A 653 -15.34 27.21 22.80
C TRP A 653 -15.48 27.81 21.42
N ARG A 654 -16.26 27.22 20.53
CA ARG A 654 -16.40 27.77 19.18
C ARG A 654 -17.76 27.48 18.65
N GLY A 655 -18.50 28.47 18.17
CA GLY A 655 -19.81 28.18 17.70
C GLY A 655 -19.95 28.65 16.28
N ARG A 656 -20.91 28.07 15.56
CA ARG A 656 -21.20 28.40 14.21
C ARG A 656 -22.70 28.15 14.06
N TYR A 657 -23.49 29.20 13.95
CA TYR A 657 -24.94 29.06 13.86
C TYR A 657 -25.38 29.59 12.51
N VAL A 658 -26.13 28.79 11.78
CA VAL A 658 -26.61 29.26 10.48
C VAL A 658 -28.10 29.28 10.40
N GLN A 659 -28.59 30.44 10.03
CA GLN A 659 -30.00 30.66 10.13
C GLN A 659 -30.70 29.93 9.01
N LYS A 660 -31.98 29.74 9.22
CA LYS A 660 -32.84 29.16 8.24
C LYS A 660 -32.66 29.94 6.91
N ALA A 661 -32.77 29.24 5.78
CA ALA A 661 -32.57 29.87 4.47
C ALA A 661 -33.79 29.67 3.62
N THR A 662 -33.91 30.43 2.53
CA THR A 662 -35.04 30.27 1.66
C THR A 662 -34.63 30.49 0.22
N GLY A 663 -35.27 29.81 -0.71
CA GLY A 663 -35.14 30.10 -2.11
C GLY A 663 -34.01 29.36 -2.82
N SER A 664 -34.21 29.18 -4.12
CA SER A 664 -33.22 28.75 -5.10
C SER A 664 -32.17 29.82 -5.41
N ILE A 665 -31.02 29.44 -5.96
CA ILE A 665 -30.19 30.43 -6.68
C ILE A 665 -30.81 30.86 -8.02
N LEU A 666 -31.65 29.99 -8.60
CA LEU A 666 -32.31 30.31 -9.83
C LEU A 666 -33.43 31.30 -9.52
N ALA A 667 -33.44 32.43 -10.22
CA ALA A 667 -34.31 33.57 -9.95
C ALA A 667 -35.75 33.21 -10.29
N ALA A 668 -35.90 32.41 -11.34
CA ALA A 668 -37.18 31.82 -11.77
C ALA A 668 -37.53 30.51 -11.09
N GLY A 669 -36.68 30.06 -10.15
CA GLY A 669 -36.88 28.80 -9.49
C GLY A 669 -36.37 27.53 -10.17
N GLN A 670 -35.99 26.58 -9.34
CA GLN A 670 -35.56 25.26 -9.81
C GLN A 670 -36.67 24.24 -9.78
N LYS A 671 -36.53 23.21 -10.63
CA LYS A 671 -37.54 22.16 -10.84
C LYS A 671 -36.98 20.84 -10.36
N ASN A 676 -41.43 20.80 -12.74
CA ASN A 676 -41.96 20.81 -11.37
C ASN A 676 -41.29 21.66 -10.24
N LEU A 677 -41.87 22.83 -9.98
CA LEU A 677 -41.26 23.90 -9.18
C LEU A 677 -41.05 23.54 -7.70
N GLU A 678 -39.91 23.93 -7.17
CA GLU A 678 -39.51 23.55 -5.82
C GLU A 678 -39.51 24.75 -4.90
N ASN A 679 -40.10 24.54 -3.73
CA ASN A 679 -40.14 25.54 -2.72
C ASN A 679 -38.99 25.31 -1.75
N VAL A 680 -37.87 25.98 -1.98
CA VAL A 680 -36.63 25.64 -1.32
C VAL A 680 -36.47 26.24 0.06
N VAL A 681 -36.40 25.36 1.07
CA VAL A 681 -36.36 25.71 2.49
C VAL A 681 -35.21 24.89 3.10
N ARG A 682 -34.37 25.56 3.88
CA ARG A 682 -33.24 24.85 4.50
C ARG A 682 -33.19 25.32 5.90
N LYS A 683 -33.28 24.33 6.79
CA LYS A 683 -33.32 24.58 8.21
C LYS A 683 -32.04 25.09 8.81
N GLY A 684 -32.21 25.90 9.87
CA GLY A 684 -31.14 26.48 10.62
C GLY A 684 -30.64 25.52 11.65
N PHE A 685 -29.46 25.82 12.23
CA PHE A 685 -28.86 24.96 13.23
C PHE A 685 -27.65 25.65 13.87
N GLY A 686 -27.26 25.16 15.04
CA GLY A 686 -26.01 25.50 15.63
C GLY A 686 -25.11 24.31 15.95
N VAL A 687 -23.82 24.58 15.93
CA VAL A 687 -22.86 23.59 16.22
C VAL A 687 -21.94 24.23 17.25
N ASN A 688 -21.71 23.52 18.32
CA ASN A 688 -20.81 23.99 19.34
C ASN A 688 -19.67 22.99 19.49
N ASP A 689 -18.43 23.50 19.64
CA ASP A 689 -17.26 22.65 19.88
C ASP A 689 -16.52 23.29 21.05
N VAL A 690 -15.82 22.45 21.81
CA VAL A 690 -14.84 22.87 22.83
C VAL A 690 -13.50 22.18 22.54
N PHE A 691 -12.38 22.82 22.90
CA PHE A 691 -11.09 22.34 22.46
C PHE A 691 -10.05 22.73 23.46
N ALA A 692 -8.94 21.99 23.47
CA ALA A 692 -7.84 22.40 24.32
C ALA A 692 -6.60 22.15 23.54
N ASN A 693 -5.63 23.01 23.69
CA ASN A 693 -4.33 22.75 23.13
C ASN A 693 -3.32 22.82 24.26
N TRP A 694 -2.63 21.70 24.51
CA TRP A 694 -1.50 21.82 25.43
C TRP A 694 -0.09 21.52 24.94
N LYS A 695 0.80 22.40 25.38
CA LYS A 695 2.22 22.37 25.19
C LYS A 695 2.86 21.91 26.48
N PRO A 696 2.98 20.61 26.69
CA PRO A 696 3.60 20.13 27.92
C PRO A 696 5.13 20.45 28.04
N LEU A 697 5.74 20.98 27.00
CA LEU A 697 7.15 21.26 27.05
C LEU A 697 7.38 22.74 26.86
N GLY A 698 6.32 23.45 26.52
CA GLY A 698 6.39 24.95 26.43
C GLY A 698 6.79 25.48 25.06
N LYS A 699 7.70 24.76 24.43
CA LYS A 699 8.07 24.94 23.04
C LYS A 699 6.86 24.56 22.20
N ASP A 700 6.94 24.92 20.92
CA ASP A 700 5.90 24.51 19.99
C ASP A 700 6.19 23.12 19.39
N THR A 701 7.15 22.42 20.00
CA THR A 701 7.53 21.12 19.48
C THR A 701 6.70 19.97 19.96
N LEU A 702 5.77 20.20 20.86
CA LEU A 702 4.86 19.12 21.32
C LEU A 702 3.49 19.73 21.61
N ASN A 703 2.48 19.27 20.84
CA ASN A 703 1.09 19.74 21.03
C ASN A 703 0.21 18.55 21.31
N VAL A 704 -0.54 18.63 22.39
CA VAL A 704 -1.50 17.61 22.64
C VAL A 704 -2.87 18.26 22.51
N ASN A 705 -3.66 17.77 21.56
CA ASN A 705 -4.88 18.40 21.24
C ASN A 705 -6.12 17.60 21.58
N LEU A 706 -7.01 18.17 22.38
CA LEU A 706 -8.27 17.50 22.69
C LEU A 706 -9.42 18.37 22.23
N SER A 707 -10.30 17.82 21.41
CA SER A 707 -11.56 18.56 21.09
C SER A 707 -12.82 17.68 21.16
N VAL A 708 -13.98 18.31 21.31
CA VAL A 708 -15.27 17.62 21.13
C VAL A 708 -16.03 18.57 20.17
N ASN A 709 -16.20 18.17 18.90
CA ASN A 709 -16.96 18.97 17.94
C ASN A 709 -18.42 18.49 17.96
N ASN A 710 -19.33 19.46 17.73
CA ASN A 710 -20.75 19.21 17.80
C ASN A 710 -21.17 18.58 19.17
N VAL A 711 -20.72 19.21 20.30
CA VAL A 711 -21.08 18.76 21.64
C VAL A 711 -22.55 18.25 21.82
N PHE A 712 -23.52 18.98 21.33
CA PHE A 712 -24.87 18.60 21.57
C PHE A 712 -25.34 17.71 20.47
N ASN A 713 -24.44 17.13 19.70
CA ASN A 713 -24.86 16.01 18.82
C ASN A 713 -26.00 16.37 17.92
N LYS A 714 -25.95 17.59 17.39
CA LYS A 714 -26.96 18.15 16.55
C LYS A 714 -27.05 17.50 15.16
N PHE A 715 -28.26 17.09 14.82
CA PHE A 715 -28.59 16.49 13.55
C PHE A 715 -28.96 17.64 12.59
N TYR A 716 -28.23 17.72 11.46
CA TYR A 716 -28.50 18.77 10.48
C TYR A 716 -27.94 18.50 9.11
N TYR A 717 -28.54 19.15 8.13
CA TYR A 717 -27.92 19.30 6.83
C TYR A 717 -27.35 20.71 6.61
N PRO A 718 -26.01 20.82 6.33
CA PRO A 718 -25.45 22.12 5.90
C PRO A 718 -26.12 22.65 4.61
N HIS A 719 -25.95 23.94 4.30
CA HIS A 719 -26.65 24.46 3.13
C HIS A 719 -25.91 24.38 1.80
N SER A 720 -24.60 24.21 1.78
CA SER A 720 -23.91 24.19 0.47
C SER A 720 -23.97 22.81 -0.18
N GLN A 721 -25.18 22.42 -0.58
CA GLN A 721 -25.43 21.13 -1.24
C GLN A 721 -26.85 21.25 -1.69
N ARG A 722 -27.40 20.20 -2.27
CA ARG A 722 -28.82 20.15 -2.56
C ARG A 722 -29.75 20.18 -1.33
N TRP A 723 -30.90 20.80 -1.51
CA TRP A 723 -31.83 21.05 -0.40
C TRP A 723 -32.58 19.83 0.10
N THR A 724 -32.78 18.85 -0.79
CA THR A 724 -33.42 17.57 -0.48
C THR A 724 -32.60 16.94 0.64
N ASN A 725 -32.70 15.72 1.02
CA ASN A 725 -31.93 15.56 2.27
C ASN A 725 -30.70 14.68 2.07
N THR A 726 -29.62 15.33 1.72
CA THR A 726 -28.56 14.61 1.12
C THR A 726 -27.65 13.96 2.12
N LEU A 727 -26.79 14.74 2.80
CA LEU A 727 -25.71 14.17 3.63
C LEU A 727 -25.57 15.03 4.83
N PRO A 728 -25.78 14.47 6.04
CA PRO A 728 -25.87 15.39 7.19
C PRO A 728 -24.51 15.73 7.80
N GLY A 729 -24.53 16.75 8.67
CA GLY A 729 -23.38 17.18 9.45
C GLY A 729 -22.91 15.99 10.18
N VAL A 730 -21.64 16.00 10.53
CA VAL A 730 -21.12 14.92 11.31
C VAL A 730 -21.80 15.12 12.67
N GLY A 731 -22.15 14.01 13.30
CA GLY A 731 -22.61 14.08 14.64
C GLY A 731 -21.47 14.51 15.55
N ARG A 732 -21.68 14.32 16.81
CA ARG A 732 -20.65 14.64 17.77
C ARG A 732 -19.43 13.73 17.68
N ASP A 733 -18.25 14.28 17.94
CA ASP A 733 -17.00 13.63 17.57
C ASP A 733 -15.98 14.12 18.54
N VAL A 734 -15.31 13.18 19.20
CA VAL A 734 -14.32 13.51 20.21
C VAL A 734 -12.95 13.12 19.70
N ARG A 735 -12.00 14.06 19.71
CA ARG A 735 -10.71 13.82 19.03
C ARG A 735 -9.57 14.18 19.94
N LEU A 736 -8.53 13.37 19.87
CA LEU A 736 -7.23 13.70 20.41
C LEU A 736 -6.15 13.55 19.33
N GLY A 737 -5.36 14.62 19.10
CA GLY A 737 -4.24 14.72 18.14
C GLY A 737 -2.97 15.13 18.88
N VAL A 738 -1.81 14.66 18.40
CA VAL A 738 -0.48 14.95 19.00
C VAL A 738 0.48 15.20 17.86
N ASN A 739 1.32 16.24 17.93
CA ASN A 739 2.41 16.43 16.98
C ASN A 739 3.59 16.51 17.85
N TYR A 740 4.72 16.06 17.34
CA TYR A 740 5.94 16.24 18.10
C TYR A 740 7.09 16.41 17.15
N LYS A 741 8.00 17.31 17.49
CA LYS A 741 9.13 17.70 16.65
C LYS A 741 10.41 17.38 17.39
N PHE A 742 11.40 16.74 16.75
CA PHE A 742 12.67 16.62 17.42
C PHE A 742 13.91 16.79 16.54
N GLY B 60 5.68 -15.00 43.64
CA GLY B 60 5.57 -15.54 42.24
C GLY B 60 4.22 -16.15 41.89
N ASP B 61 4.19 -17.12 40.97
CA ASP B 61 2.96 -17.86 40.66
C ASP B 61 2.89 -19.05 41.58
N ARG B 62 1.78 -19.18 42.29
CA ARG B 62 1.65 -20.23 43.30
C ARG B 62 0.35 -21.00 43.26
N GLN B 63 -0.25 -21.11 42.09
CA GLN B 63 -1.43 -21.96 41.97
C GLN B 63 -1.13 -23.17 41.10
N GLY B 64 -0.01 -23.81 41.42
CA GLY B 64 0.59 -24.81 40.58
C GLY B 64 0.81 -24.25 39.18
N SER B 65 -0.10 -24.63 38.31
CA SER B 65 0.05 -24.38 36.90
C SER B 65 -1.17 -23.63 36.31
N LYS B 66 -2.08 -23.22 37.19
CA LYS B 66 -3.29 -22.58 36.74
C LYS B 66 -3.16 -21.08 36.31
N ILE B 67 -2.15 -20.41 36.82
CA ILE B 67 -1.85 -19.05 36.41
C ILE B 67 -0.38 -19.10 36.08
N ARG B 68 -0.10 -18.82 34.82
CA ARG B 68 1.28 -18.76 34.37
C ARG B 68 1.49 -17.36 33.84
N THR B 69 2.23 -16.59 34.64
CA THR B 69 2.50 -15.20 34.37
C THR B 69 3.77 -15.17 33.54
N ASN B 70 3.76 -14.33 32.50
CA ASN B 70 4.97 -14.05 31.72
C ASN B 70 5.61 -15.28 31.17
N ILE B 71 4.79 -16.07 30.48
CA ILE B 71 5.25 -17.27 29.79
C ILE B 71 6.28 -16.88 28.74
N VAL B 72 5.98 -15.81 28.03
CA VAL B 72 6.90 -15.26 27.07
C VAL B 72 7.26 -13.87 27.51
N THR B 73 8.55 -13.59 27.54
CA THR B 73 8.99 -12.26 27.82
C THR B 73 9.53 -11.72 26.50
N LEU B 74 9.52 -10.41 26.40
CA LEU B 74 10.06 -9.73 25.24
C LEU B 74 11.53 -10.13 24.97
N GLN B 75 12.33 -10.26 26.01
CA GLN B 75 13.71 -10.51 25.83
C GLN B 75 13.89 -11.97 25.30
N GLN B 76 13.06 -12.90 25.79
CA GLN B 76 13.03 -14.23 25.25
C GLN B 76 12.55 -14.22 23.85
N LYS B 77 11.41 -13.59 23.60
CA LYS B 77 10.83 -13.47 22.23
C LYS B 77 11.85 -12.95 21.18
N ASP B 78 12.76 -12.04 21.62
CA ASP B 78 13.76 -11.55 20.67
C ASP B 78 14.78 -12.61 20.30
N GLU B 79 14.84 -13.70 21.08
CA GLU B 79 15.78 -14.79 20.77
C GLU B 79 15.13 -15.90 19.96
N SER B 80 13.85 -15.72 19.69
CA SER B 80 13.06 -16.71 18.97
C SER B 80 12.91 -16.28 17.52
N THR B 81 12.51 -17.20 16.69
CA THR B 81 12.41 -17.00 15.25
C THR B 81 10.93 -17.04 14.92
N ALA B 82 10.07 -17.30 15.91
CA ALA B 82 8.61 -17.46 15.68
C ALA B 82 7.95 -16.12 15.27
N THR B 83 6.92 -16.19 14.45
CA THR B 83 6.23 -15.02 14.02
C THR B 83 4.74 -15.20 14.23
N ASP B 84 4.35 -16.21 15.00
CA ASP B 84 2.95 -16.36 15.45
C ASP B 84 2.88 -17.03 16.81
N MET B 85 1.74 -16.85 17.48
CA MET B 85 1.54 -17.41 18.82
C MET B 85 1.76 -18.93 18.81
N ARG B 86 1.30 -19.59 17.76
CA ARG B 86 1.38 -21.05 17.64
C ARG B 86 2.83 -21.52 17.85
N GLU B 87 3.76 -20.90 17.14
CA GLU B 87 5.12 -21.36 17.29
C GLU B 87 5.73 -20.78 18.58
N LEU B 88 5.19 -19.65 19.03
CA LEU B 88 5.77 -19.05 20.19
C LEU B 88 5.47 -19.80 21.52
N LEU B 89 4.24 -20.31 21.65
CA LEU B 89 3.76 -21.01 22.85
C LEU B 89 3.71 -22.59 22.70
N LYS B 90 4.53 -23.11 21.80
CA LYS B 90 4.54 -24.57 21.58
C LYS B 90 5.11 -25.39 22.73
N GLU B 91 5.95 -24.79 23.59
CA GLU B 91 6.40 -25.48 24.80
C GLU B 91 5.33 -25.62 25.89
N GLU B 92 4.12 -25.14 25.62
CA GLU B 92 3.03 -25.11 26.62
C GLU B 92 2.06 -26.22 26.23
N PRO B 93 1.97 -27.31 27.07
CA PRO B 93 1.17 -28.50 26.75
C PRO B 93 -0.32 -28.38 26.84
N SER B 94 -0.83 -27.46 27.64
CA SER B 94 -2.29 -27.31 27.73
C SER B 94 -2.84 -26.44 26.60
N ILE B 95 -1.95 -25.80 25.85
CA ILE B 95 -2.38 -24.95 24.71
C ILE B 95 -2.17 -25.62 23.40
N ASP B 96 -3.17 -25.56 22.51
CA ASP B 96 -3.04 -26.31 21.22
C ASP B 96 -3.69 -25.51 20.15
N PHE B 97 -3.02 -25.43 19.00
CA PHE B 97 -3.50 -24.60 17.89
C PHE B 97 -3.80 -25.47 16.70
N GLY B 98 -4.94 -25.29 16.04
CA GLY B 98 -5.12 -25.99 14.80
C GLY B 98 -4.11 -25.60 13.71
N GLY B 99 -4.19 -26.31 12.60
CA GLY B 99 -3.36 -26.01 11.47
C GLY B 99 -3.86 -24.88 10.56
N GLY B 100 -2.93 -24.41 9.69
CA GLY B 100 -3.21 -23.34 8.73
C GLY B 100 -2.67 -21.98 9.18
N ASN B 101 -2.78 -21.00 8.29
CA ASN B 101 -2.30 -19.64 8.56
C ASN B 101 -3.45 -18.80 9.11
N GLY B 102 -3.10 -17.81 9.94
CA GLY B 102 -4.07 -16.77 10.41
C GLY B 102 -5.31 -17.35 11.05
N THR B 103 -6.46 -16.86 10.61
CA THR B 103 -7.73 -17.33 11.19
C THR B 103 -8.22 -18.70 10.65
N SER B 104 -7.33 -19.48 10.05
CA SER B 104 -7.59 -20.91 9.88
C SER B 104 -7.48 -21.61 11.22
N GLN B 105 -6.73 -20.97 12.11
CA GLN B 105 -6.35 -21.57 13.34
C GLN B 105 -7.42 -21.50 14.44
N PHE B 106 -7.62 -22.63 15.12
CA PHE B 106 -8.38 -22.64 16.37
C PHE B 106 -7.42 -22.79 17.57
N LEU B 107 -7.76 -22.21 18.70
CA LEU B 107 -6.95 -22.43 19.87
C LEU B 107 -7.82 -23.19 20.92
N THR B 108 -7.16 -24.06 21.67
CA THR B 108 -7.80 -24.73 22.81
C THR B 108 -6.88 -24.60 23.97
N LEU B 109 -7.50 -24.45 25.15
CA LEU B 109 -6.82 -24.47 26.44
C LEU B 109 -7.56 -25.53 27.29
N ARG B 110 -6.78 -26.48 27.81
CA ARG B 110 -7.28 -27.71 28.51
C ARG B 110 -8.41 -28.21 27.68
N GLY B 111 -8.22 -28.25 26.38
CA GLY B 111 -9.25 -28.86 25.51
C GLY B 111 -10.46 -27.98 25.16
N MET B 112 -10.52 -26.80 25.78
CA MET B 112 -11.63 -25.89 25.57
C MET B 112 -11.32 -24.82 24.52
N GLY B 113 -12.24 -24.66 23.55
CA GLY B 113 -12.12 -23.66 22.46
C GLY B 113 -12.36 -22.16 22.73
N GLN B 114 -12.20 -21.33 21.68
CA GLN B 114 -12.34 -19.86 21.83
C GLN B 114 -13.80 -19.37 22.03
N ASN B 115 -14.74 -20.30 22.06
CA ASN B 115 -16.05 -20.02 22.57
C ASN B 115 -15.98 -19.70 24.09
N SER B 116 -14.96 -20.20 24.77
CA SER B 116 -14.92 -20.08 26.23
C SER B 116 -13.61 -19.50 26.62
N VAL B 117 -12.60 -19.50 25.74
CA VAL B 117 -11.26 -18.91 26.10
C VAL B 117 -10.97 -17.67 25.26
N ASP B 118 -10.44 -16.63 25.91
CA ASP B 118 -10.35 -15.31 25.23
C ASP B 118 -8.89 -15.01 25.13
N ILE B 119 -8.52 -14.14 24.20
CA ILE B 119 -7.22 -13.52 24.12
C ILE B 119 -7.49 -12.06 24.48
N LYS B 120 -6.77 -11.61 25.51
CA LYS B 120 -6.86 -10.30 26.02
C LYS B 120 -5.62 -9.57 25.63
N VAL B 121 -5.74 -8.45 24.92
CA VAL B 121 -4.56 -7.60 24.75
C VAL B 121 -4.89 -6.28 25.34
N ASP B 122 -3.94 -5.79 26.13
CA ASP B 122 -4.08 -4.57 26.92
C ASP B 122 -5.45 -4.55 27.62
N ASN B 123 -5.91 -5.73 28.04
CA ASN B 123 -7.15 -5.85 28.79
C ASN B 123 -8.39 -5.39 27.98
N ALA B 124 -8.44 -5.77 26.70
CA ALA B 124 -9.63 -5.59 25.86
C ALA B 124 -9.91 -6.89 25.08
N TYR B 125 -11.16 -7.33 25.00
CA TYR B 125 -11.43 -8.63 24.40
C TYR B 125 -12.88 -8.73 23.99
N SER B 126 -13.12 -9.30 22.81
CA SER B 126 -14.45 -9.49 22.32
C SER B 126 -14.76 -10.96 22.58
N ASP B 127 -16.03 -11.38 22.51
CA ASP B 127 -16.26 -12.85 22.58
C ASP B 127 -17.08 -13.27 21.36
N SER B 128 -17.22 -12.35 20.41
CA SER B 128 -17.99 -12.59 19.23
C SER B 128 -17.16 -13.29 18.16
N GLN B 129 -17.79 -13.68 17.05
CA GLN B 129 -17.02 -14.23 15.94
C GLN B 129 -17.56 -13.79 14.60
N ILE B 130 -16.78 -14.01 13.56
CA ILE B 130 -17.14 -13.60 12.23
C ILE B 130 -17.90 -14.71 11.57
N LEU B 131 -17.32 -15.91 11.63
CA LEU B 131 -17.86 -17.12 11.01
C LEU B 131 -17.25 -18.31 11.68
N TYR B 132 -18.04 -19.34 11.87
CA TYR B 132 -17.58 -20.48 12.66
C TYR B 132 -16.62 -21.40 11.86
N HIS B 133 -16.48 -21.17 10.56
CA HIS B 133 -15.57 -21.96 9.75
C HIS B 133 -14.16 -21.40 9.80
N GLN B 134 -13.95 -20.45 10.69
CA GLN B 134 -12.60 -19.95 10.97
C GLN B 134 -12.55 -19.70 12.47
N GLY B 135 -11.34 -19.60 13.01
CA GLY B 135 -11.20 -19.30 14.41
C GLY B 135 -11.21 -17.81 14.67
N ARG B 136 -11.25 -17.48 15.93
CA ARG B 136 -11.16 -16.12 16.31
C ARG B 136 -9.69 -15.69 16.24
N PHE B 137 -9.52 -14.38 16.05
CA PHE B 137 -8.30 -13.72 15.66
C PHE B 137 -7.28 -13.83 16.74
N ILE B 138 -6.08 -14.22 16.33
CA ILE B 138 -5.00 -14.34 17.27
C ILE B 138 -3.99 -13.29 16.94
N VAL B 139 -3.67 -12.53 18.00
CA VAL B 139 -2.85 -11.35 17.90
C VAL B 139 -1.46 -11.80 17.39
N ASP B 140 -0.78 -10.86 16.77
CA ASP B 140 0.55 -10.98 16.24
C ASP B 140 1.54 -10.71 17.38
N PRO B 141 2.48 -11.62 17.64
CA PRO B 141 3.37 -11.47 18.80
C PRO B 141 4.36 -10.34 18.58
N ALA B 142 4.46 -9.88 17.34
CA ALA B 142 5.35 -8.75 17.07
C ALA B 142 4.86 -7.54 17.87
N LEU B 143 3.55 -7.39 18.05
CA LEU B 143 3.01 -6.32 18.91
C LEU B 143 3.29 -6.46 20.42
N VAL B 144 3.62 -7.67 20.89
CA VAL B 144 3.41 -7.93 22.31
C VAL B 144 4.67 -7.86 23.12
N LYS B 145 4.58 -7.53 24.41
CA LYS B 145 5.75 -7.60 25.26
C LYS B 145 5.71 -8.73 26.24
N VAL B 146 4.53 -9.18 26.62
CA VAL B 146 4.38 -10.36 27.47
C VAL B 146 3.13 -11.12 27.06
N VAL B 147 3.22 -12.44 27.24
CA VAL B 147 2.08 -13.34 27.17
C VAL B 147 2.04 -14.10 28.49
N SER B 148 0.83 -14.21 29.05
CA SER B 148 0.53 -14.94 30.27
C SER B 148 -0.74 -15.74 29.99
N VAL B 149 -1.06 -16.65 30.88
CA VAL B 149 -2.22 -17.57 30.71
C VAL B 149 -2.91 -17.75 32.07
N GLN B 150 -4.22 -17.87 32.01
CA GLN B 150 -5.01 -18.15 33.20
C GLN B 150 -6.04 -19.16 32.75
N LYS B 151 -6.12 -20.25 33.51
CA LYS B 151 -6.80 -21.47 33.03
C LYS B 151 -8.00 -21.74 33.88
N GLY B 152 -9.09 -22.16 33.25
CA GLY B 152 -10.35 -22.44 33.99
C GLY B 152 -11.02 -21.14 34.49
N ALA B 153 -11.92 -21.29 35.46
CA ALA B 153 -12.69 -20.18 36.01
C ALA B 153 -11.78 -19.31 36.86
N GLY B 154 -11.81 -18.01 36.63
CA GLY B 154 -10.86 -17.16 37.36
C GLY B 154 -11.51 -16.63 38.61
N SER B 155 -10.74 -15.86 39.37
CA SER B 155 -11.28 -15.22 40.57
C SER B 155 -12.04 -13.95 40.20
N ALA B 156 -12.43 -13.16 41.22
CA ALA B 156 -13.36 -12.09 41.01
C ALA B 156 -12.79 -10.94 40.17
N SER B 157 -11.50 -10.68 40.31
CA SER B 157 -10.84 -9.57 39.62
C SER B 157 -10.54 -9.94 38.16
N ALA B 158 -10.90 -11.16 37.76
CA ALA B 158 -10.50 -11.67 36.44
C ALA B 158 -11.17 -10.98 35.26
N GLY B 159 -12.30 -10.28 35.48
CA GLY B 159 -13.01 -9.66 34.38
C GLY B 159 -14.20 -10.45 33.90
N ILE B 160 -14.67 -10.16 32.67
CA ILE B 160 -15.95 -10.64 32.25
C ILE B 160 -15.75 -11.95 31.60
N GLY B 161 -16.52 -12.97 31.99
CA GLY B 161 -16.60 -14.19 31.15
C GLY B 161 -15.53 -15.23 31.42
N ALA B 162 -14.86 -15.10 32.56
CA ALA B 162 -13.76 -15.97 32.87
C ALA B 162 -14.09 -17.40 33.30
N THR B 163 -14.80 -18.14 32.46
CA THR B 163 -15.22 -19.46 32.82
C THR B 163 -14.12 -20.45 32.53
N ASN B 164 -13.50 -20.32 31.37
CA ASN B 164 -12.53 -21.32 30.98
C ASN B 164 -11.07 -20.79 30.84
N GLY B 165 -10.85 -19.47 31.02
CA GLY B 165 -9.47 -18.96 31.05
C GLY B 165 -9.13 -18.14 29.81
N ALA B 166 -7.88 -17.68 29.73
CA ALA B 166 -7.51 -16.68 28.74
C ALA B 166 -6.02 -16.65 28.42
N ILE B 167 -5.70 -16.38 27.15
CA ILE B 167 -4.35 -15.89 26.84
C ILE B 167 -4.39 -14.36 27.05
N ILE B 168 -3.42 -13.85 27.79
CA ILE B 168 -3.36 -12.48 28.18
C ILE B 168 -2.03 -11.87 27.72
N ALA B 169 -2.13 -10.78 26.96
CA ALA B 169 -0.95 -10.17 26.37
C ALA B 169 -1.03 -8.70 26.58
N LYS B 170 0.16 -8.10 26.75
CA LYS B 170 0.37 -6.66 26.83
C LYS B 170 1.20 -6.23 25.63
N THR B 171 0.80 -5.14 24.97
CA THR B 171 1.58 -4.57 23.89
C THR B 171 2.87 -3.92 24.42
N VAL B 172 3.83 -3.77 23.54
CA VAL B 172 5.11 -3.26 23.91
C VAL B 172 5.08 -1.75 24.18
N ASP B 173 6.02 -1.33 25.03
CA ASP B 173 6.13 0.03 25.44
C ASP B 173 7.51 0.60 25.14
N ALA B 174 7.55 1.93 25.14
CA ALA B 174 8.77 2.68 25.08
C ALA B 174 9.88 2.18 26.02
N GLN B 175 9.59 2.03 27.32
CA GLN B 175 10.63 1.60 28.26
C GLN B 175 11.19 0.19 27.99
N ASP B 176 10.34 -0.71 27.51
CA ASP B 176 10.83 -2.00 27.02
C ASP B 176 11.82 -1.87 25.87
N LEU B 177 11.57 -0.95 24.94
CA LEU B 177 12.42 -0.87 23.75
C LEU B 177 13.69 -0.14 24.06
N LEU B 178 13.63 0.78 25.00
CA LEU B 178 14.85 1.49 25.41
C LEU B 178 15.80 0.66 26.24
N LYS B 179 15.33 -0.52 26.69
CA LYS B 179 16.02 -1.36 27.66
C LYS B 179 17.54 -1.41 27.42
N GLY B 180 17.94 -1.90 26.25
CA GLY B 180 19.37 -2.07 26.00
C GLY B 180 20.24 -0.82 25.78
N LEU B 181 19.63 0.36 25.67
CA LEU B 181 20.29 1.56 25.18
C LEU B 181 20.53 2.56 26.29
N ASP B 182 21.55 3.41 26.14
CA ASP B 182 21.94 4.34 27.24
C ASP B 182 21.55 5.80 26.94
N LYS B 183 20.32 5.98 26.44
CA LYS B 183 19.81 7.26 25.95
C LYS B 183 18.28 7.26 25.91
N ASN B 184 17.70 8.38 25.48
CA ASN B 184 16.25 8.59 25.52
C ASN B 184 15.44 8.38 24.23
N TRP B 185 16.08 7.86 23.19
CA TRP B 185 15.39 7.51 21.97
C TRP B 185 16.11 6.29 21.41
N GLY B 186 15.54 5.65 20.39
CA GLY B 186 16.13 4.49 19.78
C GLY B 186 15.34 4.00 18.60
N VAL B 187 16.00 3.20 17.77
CA VAL B 187 15.39 2.56 16.60
C VAL B 187 15.60 1.07 16.72
N ARG B 188 14.62 0.30 16.26
CA ARG B 188 14.74 -1.14 16.26
C ARG B 188 14.33 -1.68 14.93
N LEU B 189 15.26 -2.36 14.27
CA LEU B 189 14.95 -3.02 13.02
C LEU B 189 15.01 -4.52 13.16
N ASN B 190 14.14 -5.20 12.42
CA ASN B 190 14.23 -6.61 12.33
C ASN B 190 13.96 -7.09 10.91
N SER B 191 14.49 -8.27 10.59
CA SER B 191 14.10 -8.97 9.38
C SER B 191 14.08 -10.45 9.61
N GLY B 192 13.38 -11.13 8.73
CA GLY B 192 13.16 -12.51 8.94
C GLY B 192 13.10 -13.14 7.63
N PHE B 193 13.65 -14.33 7.63
CA PHE B 193 13.60 -15.15 6.50
C PHE B 193 13.10 -16.58 6.83
N ALA B 194 12.11 -17.06 6.10
CA ALA B 194 11.70 -18.43 6.32
C ALA B 194 11.70 -19.22 5.04
N SER B 195 12.30 -20.40 5.06
CA SER B 195 12.33 -21.22 3.85
C SER B 195 11.00 -21.72 3.48
N ASN B 196 10.12 -21.89 4.44
CA ASN B 196 8.86 -22.57 4.16
C ASN B 196 7.63 -21.80 4.59
N ASN B 197 7.29 -20.67 3.98
CA ASN B 197 7.93 -19.97 2.86
C ASN B 197 7.50 -18.55 3.25
N GLY B 198 8.43 -17.75 3.78
CA GLY B 198 8.08 -16.37 4.04
C GLY B 198 9.22 -15.39 4.20
N VAL B 199 8.85 -14.12 4.24
CA VAL B 199 9.79 -13.06 4.44
C VAL B 199 9.13 -12.00 5.36
N SER B 200 9.88 -11.48 6.33
CA SER B 200 9.30 -10.57 7.31
C SER B 200 10.27 -9.43 7.67
N TYR B 201 9.73 -8.27 8.08
CA TYR B 201 10.58 -7.15 8.53
C TYR B 201 9.73 -6.19 9.34
N GLY B 202 10.37 -5.29 10.02
CA GLY B 202 9.66 -4.31 10.77
C GLY B 202 10.60 -3.26 11.26
N ALA B 203 10.04 -2.20 11.75
CA ALA B 203 10.82 -1.17 12.30
C ALA B 203 10.00 -0.53 13.36
N SER B 204 10.71 0.15 14.23
CA SER B 204 10.12 0.71 15.38
C SER B 204 10.99 1.87 15.83
N VAL B 205 10.35 2.98 16.13
CA VAL B 205 11.03 4.18 16.63
C VAL B 205 10.34 4.57 17.94
N PHE B 206 11.10 4.99 18.92
CA PHE B 206 10.55 5.17 20.26
C PHE B 206 11.37 6.18 21.05
N GLY B 207 10.76 6.81 22.03
CA GLY B 207 11.53 7.72 22.84
C GLY B 207 10.80 8.34 24.01
N LYS B 208 11.47 9.31 24.63
CA LYS B 208 11.07 9.91 25.88
C LYS B 208 11.61 11.41 25.99
N GLU B 209 10.74 12.36 26.28
CA GLU B 209 11.15 13.72 26.55
C GLU B 209 10.34 14.35 27.69
N GLY B 210 11.03 14.83 28.72
CA GLY B 210 10.33 15.31 29.92
C GLY B 210 9.55 14.16 30.51
N ASN B 211 8.25 14.36 30.64
CA ASN B 211 7.35 13.37 31.21
C ASN B 211 6.57 12.56 30.21
N PHE B 212 7.03 12.60 28.97
CA PHE B 212 6.38 11.99 27.86
C PHE B 212 7.19 10.93 27.22
N ASP B 213 6.53 9.97 26.58
CA ASP B 213 7.20 8.91 25.81
C ASP B 213 6.29 8.45 24.67
N GLY B 214 6.86 7.81 23.66
CA GLY B 214 5.99 7.28 22.56
C GLY B 214 6.69 6.25 21.71
N LEU B 215 5.95 5.46 20.95
CA LEU B 215 6.54 4.60 19.98
C LEU B 215 5.63 4.43 18.80
N PHE B 216 6.25 4.09 17.67
CA PHE B 216 5.59 3.58 16.51
C PHE B 216 6.30 2.32 16.03
N SER B 217 5.56 1.22 15.86
CA SER B 217 6.07 -0.01 15.28
C SER B 217 5.19 -0.39 14.16
N TYR B 218 5.85 -0.68 13.04
CA TYR B 218 5.29 -1.31 11.91
C TYR B 218 5.94 -2.74 11.75
N ASN B 219 5.12 -3.77 11.52
CA ASN B 219 5.63 -5.09 11.25
C ASN B 219 4.94 -5.74 10.07
N ARG B 220 5.74 -6.42 9.25
CA ARG B 220 5.12 -7.14 8.16
C ARG B 220 5.68 -8.52 8.03
N ASN B 221 4.80 -9.48 7.73
CA ASN B 221 5.19 -10.90 7.52
C ASN B 221 4.48 -11.36 6.28
N ASP B 222 5.22 -11.47 5.17
CA ASP B 222 4.63 -11.94 3.89
C ASP B 222 4.88 -13.41 3.69
N GLU B 223 3.81 -14.21 3.89
CA GLU B 223 3.94 -15.68 3.91
C GLU B 223 3.28 -16.32 2.70
N LYS B 224 4.00 -17.22 2.05
CA LYS B 224 3.44 -17.99 0.94
C LYS B 224 2.66 -19.21 1.42
N ASP B 225 1.96 -19.89 0.49
CA ASP B 225 1.47 -21.24 0.71
C ASP B 225 2.57 -22.09 1.37
N TYR B 226 2.23 -22.72 2.51
CA TYR B 226 3.20 -23.53 3.21
C TYR B 226 3.18 -24.97 2.74
N GLU B 227 4.36 -25.58 2.79
CA GLU B 227 4.54 -26.97 2.44
C GLU B 227 4.33 -27.82 3.71
N ALA B 228 3.40 -28.77 3.67
CA ALA B 228 3.23 -29.71 4.79
C ALA B 228 4.36 -30.74 4.81
N GLY B 229 4.40 -31.55 5.86
CA GLY B 229 5.40 -32.59 5.99
C GLY B 229 5.33 -33.63 4.89
N LYS B 230 6.29 -34.52 4.93
CA LYS B 230 6.49 -35.50 3.87
C LYS B 230 5.36 -36.51 3.62
N GLY B 231 4.90 -36.57 2.38
CA GLY B 231 3.80 -37.42 2.02
C GLY B 231 2.55 -36.65 1.67
N PHE B 232 2.47 -35.39 2.09
CA PHE B 232 1.34 -34.53 1.74
C PHE B 232 1.36 -34.19 0.27
N ARG B 233 0.18 -34.28 -0.31
CA ARG B 233 0.02 -34.06 -1.72
C ARG B 233 -1.33 -33.35 -1.89
N ASN B 234 -1.31 -32.28 -2.67
CA ASN B 234 -2.40 -31.32 -2.62
C ASN B 234 -3.49 -31.33 -3.67
N VAL B 235 -3.52 -32.25 -4.62
CA VAL B 235 -4.66 -32.30 -5.59
C VAL B 235 -4.32 -31.75 -6.96
N ASN B 236 -3.30 -30.90 -6.99
CA ASN B 236 -2.55 -30.66 -8.20
C ASN B 236 -1.24 -31.41 -8.07
N GLY B 237 -1.13 -32.15 -6.97
CA GLY B 237 0.01 -33.00 -6.70
C GLY B 237 1.22 -32.19 -6.32
N GLY B 238 1.01 -31.00 -5.77
CA GLY B 238 2.10 -30.26 -5.16
C GLY B 238 2.22 -30.58 -3.68
N LYS B 239 3.18 -29.97 -3.02
CA LYS B 239 3.36 -30.17 -1.60
C LYS B 239 2.83 -29.01 -0.74
N THR B 240 2.29 -27.97 -1.36
CA THR B 240 1.86 -26.83 -0.61
C THR B 240 0.36 -26.90 -0.33
N VAL B 241 -0.03 -26.30 0.78
CA VAL B 241 -1.44 -26.17 1.18
C VAL B 241 -2.06 -24.98 0.48
N PRO B 242 -2.97 -25.24 -0.46
CA PRO B 242 -3.59 -24.14 -1.19
C PRO B 242 -4.27 -23.10 -0.28
N TYR B 243 -4.00 -21.84 -0.61
CA TYR B 243 -4.62 -20.63 -0.04
C TYR B 243 -4.33 -20.40 1.42
N SER B 244 -3.11 -20.69 1.78
CA SER B 244 -2.64 -20.59 3.13
C SER B 244 -1.63 -19.46 3.21
N ALA B 245 -1.32 -18.85 2.06
CA ALA B 245 -0.59 -17.57 2.02
C ALA B 245 -1.39 -16.43 2.68
N LEU B 246 -0.67 -15.63 3.46
CA LEU B 246 -1.20 -14.43 4.06
C LEU B 246 -0.11 -13.41 4.17
N ASP B 247 -0.52 -12.18 3.93
CA ASP B 247 0.31 -11.01 4.06
C ASP B 247 -0.20 -10.41 5.36
N LYS B 248 0.65 -10.41 6.38
CA LYS B 248 0.22 -10.02 7.73
C LYS B 248 1.00 -8.83 8.26
N ARG B 249 0.24 -7.78 8.56
CA ARG B 249 0.78 -6.46 8.95
C ARG B 249 0.24 -5.98 10.28
N SER B 250 1.10 -5.33 11.06
CA SER B 250 0.58 -4.81 12.24
C SER B 250 1.24 -3.48 12.53
N TYR B 251 0.51 -2.62 13.24
CA TYR B 251 1.14 -1.42 13.80
C TYR B 251 0.74 -1.11 15.16
N LEU B 252 1.65 -0.44 15.84
CA LEU B 252 1.32 0.03 17.13
C LEU B 252 1.75 1.48 17.21
N ALA B 253 0.83 2.29 17.78
CA ALA B 253 1.15 3.71 18.06
C ALA B 253 0.85 4.00 19.49
N LYS B 254 1.86 4.36 20.24
CA LYS B 254 1.59 4.71 21.61
C LYS B 254 2.14 6.01 22.07
N ILE B 255 1.38 6.72 22.89
CA ILE B 255 1.97 7.87 23.57
C ILE B 255 1.57 7.76 25.01
N GLY B 256 2.46 8.19 25.89
CA GLY B 256 2.23 8.05 27.30
C GLY B 256 2.86 9.17 28.07
N THR B 257 2.29 9.45 29.23
CA THR B 257 2.91 10.35 30.17
C THR B 257 2.94 9.74 31.58
N THR B 258 4.09 9.88 32.22
CA THR B 258 4.31 9.43 33.58
C THR B 258 4.63 10.65 34.42
N PHE B 259 3.81 10.91 35.42
CA PHE B 259 3.95 12.11 36.23
C PHE B 259 3.61 11.88 37.71
N GLY B 260 3.97 12.86 38.56
CA GLY B 260 3.56 12.87 39.95
C GLY B 260 4.31 11.87 40.77
N ASP B 261 5.66 11.96 40.72
CA ASP B 261 6.56 11.14 41.54
C ASP B 261 6.66 9.71 40.98
N ASP B 262 6.28 9.59 39.70
CA ASP B 262 6.13 8.30 39.02
C ASP B 262 5.06 7.40 39.57
N ASP B 263 4.06 8.01 40.21
CA ASP B 263 2.97 7.26 40.75
C ASP B 263 1.71 7.37 39.88
N HIS B 264 1.82 8.12 38.79
CA HIS B 264 0.73 8.25 37.85
C HIS B 264 1.16 8.04 36.39
N ARG B 265 0.32 7.36 35.60
CA ARG B 265 0.60 7.18 34.19
C ARG B 265 -0.65 7.09 33.30
N ILE B 266 -0.68 7.87 32.19
CA ILE B 266 -1.74 7.75 31.19
C ILE B 266 -1.07 7.32 29.92
N VAL B 267 -1.65 6.35 29.22
CA VAL B 267 -1.12 5.87 27.98
C VAL B 267 -2.21 5.82 26.93
N LEU B 268 -1.93 6.35 25.76
CA LEU B 268 -2.90 6.23 24.68
C LEU B 268 -2.27 5.44 23.54
N SER B 269 -3.07 4.52 23.00
CA SER B 269 -2.55 3.43 22.24
C SER B 269 -3.45 3.15 21.04
N HIS B 270 -2.92 2.95 19.83
CA HIS B 270 -3.75 2.39 18.77
C HIS B 270 -3.03 1.22 18.16
N MET B 271 -3.71 0.09 18.03
CA MET B 271 -3.11 -1.05 17.43
C MET B 271 -3.91 -1.53 16.25
N LYS B 272 -3.20 -2.03 15.22
CA LYS B 272 -3.90 -2.66 14.14
C LYS B 272 -3.13 -3.92 13.76
N ASP B 273 -3.89 -4.99 13.42
CA ASP B 273 -3.35 -6.30 13.09
C ASP B 273 -4.14 -6.75 11.87
N GLN B 274 -3.50 -6.99 10.74
CA GLN B 274 -4.30 -7.28 9.56
C GLN B 274 -3.76 -8.45 8.71
N HIS B 275 -4.69 -9.26 8.22
CA HIS B 275 -4.32 -10.35 7.35
C HIS B 275 -4.96 -10.19 6.01
N ARG B 276 -4.20 -10.34 4.91
CA ARG B 276 -4.79 -10.25 3.58
C ARG B 276 -4.29 -11.32 2.66
N GLY B 277 -5.15 -11.75 1.77
CA GLY B 277 -4.69 -12.66 0.71
C GLY B 277 -5.88 -13.31 0.05
N ILE B 278 -5.63 -14.21 -0.87
CA ILE B 278 -6.72 -14.89 -1.48
C ILE B 278 -7.00 -16.08 -0.51
N ARG B 279 -8.22 -16.13 0.01
CA ARG B 279 -8.53 -17.03 1.06
C ARG B 279 -9.81 -17.63 0.66
N THR B 280 -10.15 -18.74 1.29
CA THR B 280 -11.27 -19.52 0.86
C THR B 280 -12.45 -19.18 1.75
N VAL B 281 -13.65 -19.38 1.23
CA VAL B 281 -14.87 -19.21 2.02
C VAL B 281 -14.56 -20.29 3.03
N ARG B 282 -14.70 -20.12 4.31
CA ARG B 282 -14.31 -21.30 5.15
C ARG B 282 -12.83 -21.53 5.26
N GLU B 283 -12.15 -20.75 6.08
CA GLU B 283 -10.70 -20.84 6.17
C GLU B 283 -10.15 -22.09 6.87
N GLU B 284 -11.04 -22.87 7.47
CA GLU B 284 -10.60 -24.08 8.18
C GLU B 284 -10.27 -25.23 7.23
N PHE B 285 -10.69 -25.10 5.98
CA PHE B 285 -10.40 -26.06 4.95
C PHE B 285 -9.60 -25.41 3.82
N THR B 286 -8.81 -26.19 3.06
CA THR B 286 -8.34 -25.70 1.73
C THR B 286 -9.29 -26.14 0.66
N VAL B 287 -8.75 -26.34 -0.53
CA VAL B 287 -9.50 -26.81 -1.66
C VAL B 287 -9.12 -28.27 -1.83
N GLY B 288 -10.14 -29.12 -1.92
CA GLY B 288 -9.91 -30.53 -2.15
C GLY B 288 -10.19 -30.90 -3.59
N ASP B 289 -10.31 -32.20 -3.83
CA ASP B 289 -10.73 -32.76 -5.13
C ASP B 289 -12.08 -32.17 -5.58
N LYS B 290 -12.29 -32.04 -6.90
CA LYS B 290 -13.56 -31.50 -7.40
C LYS B 290 -14.81 -32.33 -7.06
N SER B 291 -14.59 -33.56 -6.61
CA SER B 291 -15.65 -34.42 -6.12
C SER B 291 -15.97 -34.19 -4.64
N SER B 292 -15.13 -33.44 -3.93
CA SER B 292 -15.37 -33.13 -2.49
C SER B 292 -16.23 -31.90 -2.22
N ARG B 293 -16.72 -31.77 -0.99
CA ARG B 293 -17.51 -30.60 -0.52
C ARG B 293 -16.64 -29.36 -0.33
N ILE B 294 -15.37 -29.54 -0.61
CA ILE B 294 -14.40 -28.56 -0.32
C ILE B 294 -13.66 -28.23 -1.63
N ASN B 295 -14.34 -28.49 -2.75
CA ASN B 295 -13.81 -28.17 -4.08
C ASN B 295 -13.79 -26.68 -4.35
N ILE B 296 -13.08 -26.34 -5.43
CA ILE B 296 -12.77 -24.96 -5.80
C ILE B 296 -13.98 -24.05 -5.89
N ASP B 297 -15.11 -24.59 -6.36
CA ASP B 297 -16.36 -23.83 -6.57
C ASP B 297 -17.07 -23.53 -5.25
N ARG B 298 -17.24 -24.55 -4.41
CA ARG B 298 -17.86 -24.36 -3.08
C ARG B 298 -17.03 -23.48 -2.17
N GLN B 299 -15.70 -23.63 -2.29
CA GLN B 299 -14.69 -22.91 -1.49
C GLN B 299 -14.31 -21.54 -2.06
N ALA B 300 -14.69 -21.29 -3.32
CA ALA B 300 -14.62 -19.98 -3.98
C ALA B 300 -13.66 -18.97 -3.37
N PRO B 301 -12.33 -19.18 -3.58
CA PRO B 301 -11.36 -18.25 -3.00
C PRO B 301 -11.54 -16.88 -3.57
N ALA B 302 -11.33 -15.86 -2.72
CA ALA B 302 -11.48 -14.48 -3.10
C ALA B 302 -10.57 -13.67 -2.22
N TYR B 303 -10.14 -12.50 -2.68
CA TYR B 303 -9.36 -11.63 -1.82
C TYR B 303 -10.11 -11.19 -0.51
N ARG B 304 -9.39 -11.18 0.59
CA ARG B 304 -9.96 -10.94 1.87
C ARG B 304 -9.01 -10.18 2.77
N GLU B 305 -9.55 -9.25 3.55
CA GLU B 305 -8.76 -8.69 4.67
C GLU B 305 -9.54 -8.92 5.93
N THR B 306 -8.83 -9.35 6.97
CA THR B 306 -9.46 -9.52 8.24
C THR B 306 -8.57 -8.79 9.25
N THR B 307 -9.19 -7.93 10.07
CA THR B 307 -8.46 -6.94 10.85
C THR B 307 -8.90 -6.85 12.32
N GLN B 308 -7.96 -6.58 13.20
CA GLN B 308 -8.28 -6.33 14.59
C GLN B 308 -7.59 -5.05 14.98
N SER B 309 -8.36 -4.14 15.57
CA SER B 309 -7.84 -2.83 15.87
C SER B 309 -8.34 -2.48 17.21
N ASN B 310 -7.52 -1.73 17.90
CA ASN B 310 -7.87 -1.36 19.21
C ASN B 310 -7.28 0.01 19.47
N THR B 311 -8.15 0.97 19.77
CA THR B 311 -7.67 2.19 20.44
C THR B 311 -8.01 2.10 21.93
N ASN B 312 -7.02 2.35 22.76
CA ASN B 312 -7.07 2.06 24.19
C ASN B 312 -6.54 3.23 24.98
N LEU B 313 -7.30 3.68 25.99
CA LEU B 313 -6.81 4.65 26.94
C LEU B 313 -6.63 3.96 28.27
N ALA B 314 -5.47 4.13 28.90
CA ALA B 314 -5.19 3.41 30.08
C ALA B 314 -4.61 4.31 31.06
N TYR B 315 -5.01 4.11 32.30
CA TYR B 315 -4.47 4.92 33.38
C TYR B 315 -4.05 4.00 34.51
N THR B 316 -2.90 4.27 35.13
CA THR B 316 -2.60 3.66 36.41
C THR B 316 -2.06 4.69 37.43
N GLY B 317 -2.71 4.75 38.59
CA GLY B 317 -2.23 5.56 39.71
C GLY B 317 -1.92 4.68 40.91
N LYS B 318 -0.91 5.08 41.66
CA LYS B 318 -0.42 4.37 42.82
C LYS B 318 -0.31 5.35 43.98
N ASN B 319 -0.59 4.94 45.23
CA ASN B 319 -0.43 5.85 46.40
C ASN B 319 -1.31 7.10 46.31
N LEU B 320 -2.59 6.89 46.02
CA LEU B 320 -3.50 7.98 45.78
C LEU B 320 -4.14 8.49 47.07
N GLY B 321 -3.72 7.89 48.20
CA GLY B 321 -4.24 8.18 49.52
C GLY B 321 -5.58 7.53 49.77
N PHE B 322 -6.54 7.80 48.88
CA PHE B 322 -7.84 7.17 49.01
C PHE B 322 -7.80 5.72 48.56
N VAL B 323 -6.74 5.34 47.86
CA VAL B 323 -6.59 3.97 47.36
C VAL B 323 -5.12 3.78 47.11
N GLU B 324 -4.62 2.57 47.23
CA GLU B 324 -3.18 2.38 47.03
C GLU B 324 -2.75 2.07 45.58
N LYS B 325 -3.69 1.59 44.77
CA LYS B 325 -3.51 1.48 43.34
C LYS B 325 -4.84 1.44 42.62
N LEU B 326 -4.86 2.08 41.47
CA LEU B 326 -6.00 2.11 40.61
C LEU B 326 -5.52 1.81 39.19
N ASP B 327 -6.28 0.97 38.49
CA ASP B 327 -6.06 0.68 37.08
C ASP B 327 -7.33 0.87 36.36
N ALA B 328 -7.23 1.55 35.23
CA ALA B 328 -8.40 1.72 34.43
C ALA B 328 -7.97 1.70 32.98
N ASN B 329 -8.94 1.53 32.11
CA ASN B 329 -8.75 1.08 30.73
C ASN B 329 -10.13 1.53 30.14
N ALA B 330 -10.13 2.18 28.99
CA ALA B 330 -11.36 2.36 28.19
C ALA B 330 -10.88 2.19 26.78
N TYR B 331 -11.61 1.44 25.97
CA TYR B 331 -11.06 1.09 24.70
C TYR B 331 -12.18 0.95 23.71
N VAL B 332 -11.81 0.85 22.44
CA VAL B 332 -12.74 0.47 21.37
C VAL B 332 -12.03 -0.51 20.44
N LEU B 333 -12.59 -1.71 20.30
CA LEU B 333 -11.99 -2.81 19.60
C LEU B 333 -12.87 -3.03 18.40
N GLU B 334 -12.22 -3.16 17.25
CA GLU B 334 -12.91 -3.39 15.99
C GLU B 334 -12.45 -4.64 15.37
N LYS B 335 -13.40 -5.44 14.95
CA LYS B 335 -13.09 -6.61 14.20
C LYS B 335 -13.74 -6.54 12.86
N GLU B 336 -12.93 -6.69 11.83
CA GLU B 336 -13.46 -6.59 10.49
C GLU B 336 -13.19 -7.72 9.59
N ARG B 337 -14.18 -7.95 8.74
CA ARG B 337 -13.97 -8.74 7.58
C ARG B 337 -14.36 -7.94 6.34
N TYR B 338 -13.40 -7.86 5.44
CA TYR B 338 -13.62 -7.32 4.13
C TYR B 338 -13.36 -8.39 3.04
N SER B 339 -14.29 -8.51 2.12
CA SER B 339 -14.10 -9.39 1.01
C SER B 339 -14.32 -8.60 -0.25
N ALA B 340 -13.45 -8.83 -1.26
CA ALA B 340 -13.57 -8.12 -2.56
C ALA B 340 -14.72 -8.63 -3.42
N ASP B 341 -15.11 -9.88 -3.24
CA ASP B 341 -16.28 -10.40 -3.91
C ASP B 341 -16.88 -11.51 -3.09
N ASP B 342 -18.15 -11.35 -2.72
CA ASP B 342 -18.78 -12.40 -1.89
C ASP B 342 -19.86 -13.24 -2.62
N SER B 343 -19.83 -13.23 -3.97
CA SER B 343 -20.76 -14.00 -4.80
C SER B 343 -20.76 -15.52 -4.51
N GLY B 344 -19.58 -16.08 -4.25
CA GLY B 344 -19.43 -17.50 -3.96
C GLY B 344 -19.40 -17.76 -2.47
N THR B 345 -19.78 -16.79 -1.65
CA THR B 345 -19.85 -16.97 -0.22
C THR B 345 -21.30 -17.10 0.26
N GLY B 346 -21.77 -18.35 0.43
CA GLY B 346 -23.16 -18.64 0.84
C GLY B 346 -23.54 -17.90 2.12
N TYR B 347 -22.61 -17.92 3.08
CA TYR B 347 -22.84 -17.38 4.45
C TYR B 347 -23.04 -15.87 4.51
N ALA B 348 -22.49 -15.16 3.54
CA ALA B 348 -22.66 -13.71 3.46
C ALA B 348 -23.89 -13.33 2.60
N GLY B 349 -24.67 -14.33 2.21
CA GLY B 349 -25.82 -14.13 1.33
C GLY B 349 -25.45 -13.97 -0.12
N ASN B 350 -24.29 -14.52 -0.51
CA ASN B 350 -23.83 -14.46 -1.92
C ASN B 350 -23.77 -13.03 -2.47
N VAL B 351 -23.35 -12.11 -1.61
CA VAL B 351 -23.36 -10.70 -1.95
C VAL B 351 -22.29 -10.39 -2.99
N LYS B 352 -22.76 -9.98 -4.15
CA LYS B 352 -21.89 -9.67 -5.24
C LYS B 352 -21.01 -8.43 -4.98
N GLY B 353 -19.74 -8.53 -5.30
CA GLY B 353 -18.77 -7.45 -5.08
C GLY B 353 -18.37 -7.27 -3.64
N PRO B 354 -17.77 -6.13 -3.30
CA PRO B 354 -17.19 -5.95 -1.97
C PRO B 354 -18.20 -5.98 -0.82
N ASN B 355 -17.76 -6.60 0.27
CA ASN B 355 -18.59 -6.82 1.42
C ASN B 355 -17.78 -6.65 2.66
N HIS B 356 -18.42 -6.08 3.64
CA HIS B 356 -17.69 -5.55 4.73
C HIS B 356 -18.51 -5.79 5.95
N THR B 357 -17.95 -6.45 6.95
CA THR B 357 -18.66 -6.86 8.11
C THR B 357 -17.90 -6.36 9.31
N ARG B 358 -18.60 -5.71 10.23
CA ARG B 358 -17.90 -5.20 11.43
C ARG B 358 -18.40 -5.71 12.73
N ILE B 359 -17.49 -5.84 13.69
CA ILE B 359 -17.92 -6.00 15.08
C ILE B 359 -17.16 -4.98 15.89
N THR B 360 -17.92 -4.16 16.64
CA THR B 360 -17.33 -3.11 17.45
C THR B 360 -17.56 -3.43 18.90
N THR B 361 -16.48 -3.31 19.68
CA THR B 361 -16.54 -3.59 21.09
C THR B 361 -16.02 -2.37 21.87
N ARG B 362 -16.91 -1.80 22.70
CA ARG B 362 -16.55 -0.69 23.58
C ARG B 362 -16.47 -1.16 24.98
N GLY B 363 -15.37 -0.92 25.62
CA GLY B 363 -15.32 -1.40 26.96
C GLY B 363 -14.62 -0.46 27.90
N ALA B 364 -14.85 -0.68 29.16
CA ALA B 364 -14.03 0.00 30.16
C ALA B 364 -13.92 -0.86 31.38
N ASN B 365 -12.81 -0.74 32.07
CA ASN B 365 -12.63 -1.47 33.32
C ASN B 365 -12.06 -0.58 34.36
N PHE B 366 -12.55 -0.65 35.60
CA PHE B 366 -11.90 0.04 36.67
C PHE B 366 -11.57 -0.89 37.79
N ASN B 367 -10.42 -0.67 38.39
CA ASN B 367 -9.94 -1.63 39.33
C ASN B 367 -9.18 -0.92 40.41
N PHE B 368 -9.55 -1.15 41.66
CA PHE B 368 -8.98 -0.44 42.79
C PHE B 368 -8.47 -1.44 43.74
N ASP B 369 -7.32 -1.15 44.31
CA ASP B 369 -6.77 -1.94 45.38
C ASP B 369 -6.70 -1.06 46.63
N SER B 370 -7.31 -1.51 47.71
CA SER B 370 -7.27 -0.81 48.98
C SER B 370 -6.73 -1.70 50.02
N ARG B 371 -5.80 -1.15 50.74
CA ARG B 371 -5.17 -1.86 51.80
C ARG B 371 -5.86 -1.71 53.15
N LEU B 372 -6.56 -2.74 53.62
CA LEU B 372 -7.23 -2.66 54.91
C LEU B 372 -6.35 -2.85 56.16
N ALA B 373 -5.08 -3.25 55.96
CA ALA B 373 -4.15 -3.67 57.02
C ALA B 373 -2.92 -4.18 56.31
N GLU B 374 -1.77 -4.18 56.98
CA GLU B 374 -0.53 -4.66 56.32
C GLU B 374 -0.67 -6.01 55.59
N GLN B 375 -1.56 -6.87 56.09
CA GLN B 375 -1.76 -8.24 55.55
C GLN B 375 -2.95 -8.46 54.69
N THR B 376 -3.81 -7.47 54.56
CA THR B 376 -5.02 -7.71 53.79
C THR B 376 -5.30 -6.65 52.72
N LEU B 377 -5.47 -7.11 51.49
CA LEU B 377 -5.71 -6.23 50.40
C LEU B 377 -7.13 -6.44 50.00
N LEU B 378 -7.79 -5.35 49.64
CA LEU B 378 -9.16 -5.43 49.13
C LEU B 378 -9.12 -4.93 47.73
N LYS B 379 -9.54 -5.74 46.79
CA LYS B 379 -9.62 -5.31 45.40
C LYS B 379 -11.10 -5.18 45.16
N TYR B 380 -11.50 -4.20 44.33
CA TYR B 380 -12.87 -4.06 43.97
C TYR B 380 -12.86 -3.25 42.70
N GLY B 381 -13.92 -3.38 41.89
CA GLY B 381 -13.98 -2.64 40.69
C GLY B 381 -15.18 -3.01 39.86
N ILE B 382 -15.16 -2.57 38.61
CA ILE B 382 -16.34 -2.75 37.77
C ILE B 382 -15.83 -3.02 36.36
N ASN B 383 -16.53 -3.85 35.58
CA ASN B 383 -16.22 -4.08 34.18
C ASN B 383 -17.42 -3.70 33.33
N TYR B 384 -17.16 -3.09 32.16
CA TYR B 384 -18.23 -2.76 31.21
C TYR B 384 -17.78 -3.09 29.81
N ARG B 385 -18.63 -3.76 29.05
CA ARG B 385 -18.38 -4.03 27.67
C ARG B 385 -19.69 -4.01 26.88
N HIS B 386 -19.64 -3.32 25.72
CA HIS B 386 -20.74 -3.29 24.78
C HIS B 386 -20.24 -3.73 23.41
N GLN B 387 -21.01 -4.59 22.76
CA GLN B 387 -20.54 -5.14 21.50
C GLN B 387 -21.69 -4.97 20.58
N GLU B 388 -21.36 -4.63 19.35
CA GLU B 388 -22.36 -4.43 18.34
C GLU B 388 -21.82 -4.98 17.06
N ILE B 389 -22.66 -5.74 16.37
CA ILE B 389 -22.33 -6.32 15.12
C ILE B 389 -23.02 -5.58 13.99
N LYS B 390 -22.25 -5.17 12.98
CA LYS B 390 -22.83 -4.42 11.87
C LYS B 390 -22.67 -5.10 10.52
N PRO B 391 -23.76 -5.68 9.99
CA PRO B 391 -23.61 -6.14 8.62
C PRO B 391 -23.61 -4.93 7.73
N GLN B 392 -23.19 -5.13 6.48
CA GLN B 392 -23.25 -4.09 5.49
C GLN B 392 -24.66 -3.71 5.09
N ALA B 393 -25.57 -4.68 5.18
CA ALA B 393 -26.96 -4.54 4.73
C ALA B 393 -27.71 -5.79 5.18
N PHE B 394 -28.97 -5.65 5.61
CA PHE B 394 -29.78 -6.82 6.02
C PHE B 394 -30.45 -7.42 4.84
N LEU B 395 -30.55 -8.74 4.82
CA LEU B 395 -30.89 -9.46 3.57
C LEU B 395 -32.07 -10.43 3.47
N ASN B 396 -32.61 -10.87 4.58
CA ASN B 396 -33.97 -10.65 5.03
C ASN B 396 -35.11 -10.74 4.04
N SER B 397 -35.20 -9.71 3.24
CA SER B 397 -36.27 -9.58 2.29
C SER B 397 -36.03 -10.60 1.20
N LYS B 398 -34.88 -11.27 1.25
CA LYS B 398 -34.46 -12.12 0.12
C LYS B 398 -34.45 -13.62 0.48
N PHE B 399 -34.74 -13.89 1.77
CA PHE B 399 -34.86 -15.21 2.36
C PHE B 399 -35.86 -15.98 1.54
N SER B 400 -35.51 -17.23 1.21
CA SER B 400 -36.33 -18.10 0.31
C SER B 400 -36.34 -19.60 0.69
N GLU B 417 -45.72 -30.66 -2.02
CA GLU B 417 -46.99 -30.09 -2.44
C GLU B 417 -47.78 -29.43 -1.28
N GLN B 418 -47.18 -29.34 -0.09
CA GLN B 418 -47.82 -28.60 1.04
C GLN B 418 -46.91 -27.48 1.64
N GLN B 419 -46.28 -26.77 0.70
CA GLN B 419 -45.26 -25.79 0.95
C GLN B 419 -45.84 -24.55 1.62
N MET B 420 -47.15 -24.30 1.50
CA MET B 420 -47.78 -23.17 2.20
C MET B 420 -46.99 -22.84 3.44
N LYS B 421 -47.00 -23.76 4.41
CA LYS B 421 -46.23 -23.63 5.67
C LYS B 421 -44.89 -22.88 5.48
N ASP B 422 -44.23 -23.14 4.34
CA ASP B 422 -43.02 -22.46 3.86
C ASP B 422 -43.28 -21.07 3.29
N ARG B 423 -44.32 -20.89 2.47
CA ARG B 423 -44.70 -19.52 2.04
C ARG B 423 -45.11 -18.71 3.26
N ALA B 424 -45.79 -19.39 4.19
CA ALA B 424 -46.11 -18.79 5.48
C ALA B 424 -44.82 -18.32 6.13
N ASP B 425 -43.81 -19.19 6.18
CA ASP B 425 -42.48 -18.88 6.76
C ASP B 425 -41.75 -17.73 6.06
N GLU B 426 -41.76 -17.83 4.73
CA GLU B 426 -41.24 -16.82 3.85
C GLU B 426 -41.82 -15.45 4.15
N ASP B 427 -43.13 -15.40 4.34
CA ASP B 427 -43.77 -14.11 4.61
C ASP B 427 -43.38 -13.54 5.95
N THR B 428 -43.10 -14.41 6.94
CA THR B 428 -42.61 -13.97 8.27
C THR B 428 -41.21 -13.31 8.21
N VAL B 429 -40.25 -14.00 7.61
CA VAL B 429 -38.91 -13.47 7.58
C VAL B 429 -38.95 -12.07 6.95
N HIS B 430 -39.56 -11.96 5.75
CA HIS B 430 -39.71 -10.67 5.04
C HIS B 430 -40.34 -9.56 5.87
N ALA B 431 -41.16 -9.95 6.84
CA ALA B 431 -41.91 -9.06 7.70
C ALA B 431 -41.05 -8.44 8.79
N TYR B 432 -39.89 -9.01 9.06
CA TYR B 432 -39.00 -8.47 10.07
C TYR B 432 -38.23 -7.33 9.52
N LYS B 433 -38.03 -6.38 10.41
CA LYS B 433 -37.12 -5.31 10.13
C LYS B 433 -36.01 -5.44 11.15
N LEU B 434 -34.83 -5.71 10.63
CA LEU B 434 -33.76 -6.11 11.51
C LEU B 434 -32.88 -4.95 11.88
N SER B 435 -32.27 -5.04 13.06
CA SER B 435 -31.33 -4.07 13.59
C SER B 435 -30.05 -4.80 13.94
N ASN B 436 -28.97 -4.04 14.09
CA ASN B 436 -27.70 -4.56 14.54
C ASN B 436 -27.87 -5.22 15.90
N PRO B 437 -27.38 -6.47 16.08
CA PRO B 437 -27.43 -7.12 17.38
C PRO B 437 -26.42 -6.49 18.31
N THR B 438 -26.74 -6.43 19.58
CA THR B 438 -25.81 -5.90 20.54
C THR B 438 -25.76 -6.84 21.73
N LYS B 439 -24.69 -6.68 22.52
CA LYS B 439 -24.63 -7.33 23.78
C LYS B 439 -23.91 -6.51 24.79
N THR B 440 -24.50 -6.37 25.97
CA THR B 440 -23.90 -5.52 26.99
C THR B 440 -23.61 -6.43 28.15
N ASP B 441 -22.38 -6.40 28.63
CA ASP B 441 -22.00 -7.17 29.78
C ASP B 441 -21.51 -6.19 30.77
N THR B 442 -21.81 -6.41 32.03
CA THR B 442 -21.29 -5.55 33.07
C THR B 442 -21.16 -6.35 34.36
N GLY B 443 -20.19 -5.98 35.18
CA GLY B 443 -19.96 -6.71 36.42
C GLY B 443 -19.27 -5.84 37.44
N VAL B 444 -19.59 -6.06 38.72
CA VAL B 444 -19.04 -5.34 39.86
C VAL B 444 -18.39 -6.48 40.62
N TYR B 445 -17.29 -6.23 41.32
CA TYR B 445 -16.66 -7.36 42.01
C TYR B 445 -15.91 -6.83 43.20
N ILE B 446 -15.66 -7.71 44.17
CA ILE B 446 -14.81 -7.46 45.31
C ILE B 446 -14.06 -8.72 45.67
N GLU B 447 -12.86 -8.54 46.15
CA GLU B 447 -12.02 -9.62 46.50
C GLU B 447 -11.18 -9.26 47.69
N ALA B 448 -11.16 -10.13 48.68
CA ALA B 448 -10.27 -9.89 49.79
C ALA B 448 -9.15 -10.89 49.76
N ILE B 449 -7.92 -10.41 49.94
CA ILE B 449 -6.74 -11.25 49.96
C ILE B 449 -6.06 -11.09 51.29
N HIS B 450 -6.07 -12.18 52.04
CA HIS B 450 -5.63 -12.12 53.39
C HIS B 450 -4.52 -13.10 53.59
N ASP B 451 -3.42 -12.58 54.14
CA ASP B 451 -2.22 -13.29 54.56
C ASP B 451 -2.12 -13.58 56.05
N ILE B 452 -2.17 -14.87 56.42
CA ILE B 452 -2.06 -15.22 57.84
C ILE B 452 -1.16 -16.43 58.05
N GLY B 453 -0.07 -16.25 58.79
CA GLY B 453 0.88 -17.35 58.98
C GLY B 453 1.52 -17.58 57.62
N ASP B 454 1.56 -18.81 57.13
CA ASP B 454 2.15 -18.95 55.81
C ASP B 454 1.12 -19.45 54.78
N PHE B 455 -0.11 -19.00 55.08
CA PHE B 455 -1.31 -19.11 54.27
C PHE B 455 -1.64 -17.79 53.59
N THR B 456 -2.17 -17.85 52.38
CA THR B 456 -2.72 -16.71 51.69
C THR B 456 -4.13 -17.11 51.26
N LEU B 457 -5.12 -16.40 51.79
CA LEU B 457 -6.53 -16.73 51.57
C LEU B 457 -7.18 -15.64 50.74
N THR B 458 -8.09 -16.05 49.85
CA THR B 458 -8.62 -15.17 48.83
C THR B 458 -10.11 -15.43 48.86
N GLY B 459 -10.93 -14.37 49.02
CA GLY B 459 -12.37 -14.54 48.99
C GLY B 459 -12.89 -13.50 48.06
N GLY B 460 -13.82 -13.87 47.17
CA GLY B 460 -14.32 -12.85 46.31
C GLY B 460 -15.70 -13.08 45.80
N LEU B 461 -16.27 -12.04 45.19
CA LEU B 461 -17.58 -12.15 44.61
C LEU B 461 -17.74 -11.25 43.42
N ARG B 462 -18.44 -11.76 42.40
CA ARG B 462 -18.77 -10.92 41.28
C ARG B 462 -20.25 -10.99 41.11
N TYR B 463 -20.81 -9.91 40.62
CA TYR B 463 -22.13 -9.92 40.23
C TYR B 463 -22.08 -9.52 38.75
N ASP B 464 -22.63 -10.34 37.86
CA ASP B 464 -22.50 -10.12 36.43
C ASP B 464 -23.86 -10.09 35.78
N ARG B 465 -24.10 -9.11 34.92
CA ARG B 465 -25.33 -9.15 34.14
C ARG B 465 -24.97 -8.96 32.71
N PHE B 466 -25.85 -9.43 31.87
CA PHE B 466 -25.70 -9.19 30.50
C PHE B 466 -27.03 -8.82 29.99
N LYS B 467 -26.99 -8.25 28.78
CA LYS B 467 -28.20 -8.06 28.07
C LYS B 467 -27.98 -8.28 26.60
N VAL B 468 -28.84 -9.10 26.00
CA VAL B 468 -28.65 -9.51 24.60
C VAL B 468 -29.80 -8.97 23.80
N LYS B 469 -29.48 -8.17 22.80
CA LYS B 469 -30.46 -7.71 21.88
C LYS B 469 -30.10 -8.34 20.52
N THR B 470 -30.86 -9.36 20.12
CA THR B 470 -30.62 -10.00 18.84
C THR B 470 -31.12 -9.16 17.64
N HIS B 471 -30.96 -9.67 16.42
CA HIS B 471 -31.18 -8.83 15.24
C HIS B 471 -32.62 -8.55 14.90
N ASP B 472 -33.53 -9.21 15.61
CA ASP B 472 -34.97 -9.00 15.45
C ASP B 472 -35.47 -7.93 16.41
N GLY B 473 -34.57 -7.40 17.24
CA GLY B 473 -34.92 -6.43 18.24
C GLY B 473 -35.25 -7.00 19.61
N LYS B 474 -35.27 -8.34 19.70
CA LYS B 474 -35.63 -8.99 20.95
C LYS B 474 -34.54 -8.86 21.99
N THR B 475 -34.94 -8.52 23.21
CA THR B 475 -34.04 -8.28 24.30
C THR B 475 -34.26 -9.29 25.47
N VAL B 476 -33.20 -9.93 25.93
CA VAL B 476 -33.26 -10.89 27.02
C VAL B 476 -32.08 -10.65 27.93
N SER B 477 -32.30 -10.53 29.23
CA SER B 477 -31.17 -10.40 30.15
C SER B 477 -31.26 -11.37 31.27
N SER B 478 -30.18 -11.43 32.05
CA SER B 478 -30.09 -12.25 33.24
C SER B 478 -28.90 -11.73 33.98
N SER B 479 -28.71 -12.24 35.20
CA SER B 479 -27.61 -11.83 36.01
C SER B 479 -27.18 -12.98 36.89
N ASN B 480 -25.97 -12.91 37.46
CA ASN B 480 -25.44 -13.99 38.28
C ASN B 480 -24.59 -13.49 39.38
N LEU B 481 -24.65 -14.20 40.49
CA LEU B 481 -23.80 -13.92 41.61
C LEU B 481 -22.78 -15.05 41.70
N ASN B 482 -21.49 -14.73 41.54
CA ASN B 482 -20.42 -15.73 41.41
C ASN B 482 -19.31 -15.64 42.46
N PRO B 483 -19.34 -16.54 43.46
CA PRO B 483 -18.35 -16.56 44.55
C PRO B 483 -17.07 -17.23 44.13
N SER B 484 -16.00 -17.06 44.88
CA SER B 484 -14.75 -17.66 44.55
C SER B 484 -13.95 -17.72 45.81
N PHE B 485 -13.20 -18.80 45.98
CA PHE B 485 -12.43 -19.02 47.22
C PHE B 485 -11.09 -19.57 46.78
N GLY B 486 -10.02 -19.16 47.42
CA GLY B 486 -8.72 -19.66 47.06
C GLY B 486 -7.80 -19.67 48.26
N VAL B 487 -7.01 -20.72 48.36
CA VAL B 487 -6.04 -20.91 49.41
C VAL B 487 -4.70 -21.21 48.80
N ILE B 488 -3.68 -20.52 49.27
CA ILE B 488 -2.32 -20.94 49.01
C ILE B 488 -1.62 -21.13 50.35
N TRP B 489 -0.86 -22.22 50.43
CA TRP B 489 -0.06 -22.48 51.60
C TRP B 489 1.41 -22.62 51.26
N GLN B 490 2.22 -21.82 51.91
CA GLN B 490 3.62 -21.84 51.66
C GLN B 490 4.42 -22.12 52.95
N PRO B 491 4.55 -23.41 53.29
CA PRO B 491 5.19 -23.87 54.53
C PRO B 491 6.69 -23.75 54.60
N HIS B 492 7.34 -23.76 53.44
CA HIS B 492 8.81 -23.82 53.29
C HIS B 492 9.03 -22.82 52.20
N GLU B 493 10.24 -22.32 52.07
CA GLU B 493 10.44 -21.31 51.06
C GLU B 493 10.51 -21.86 49.63
N HIS B 494 10.70 -23.16 49.49
CA HIS B 494 10.70 -23.77 48.18
C HIS B 494 9.38 -24.39 47.83
N TRP B 495 8.33 -24.19 48.63
CA TRP B 495 7.09 -24.93 48.38
C TRP B 495 5.83 -24.13 48.55
N SER B 496 4.90 -24.30 47.60
CA SER B 496 3.52 -23.89 47.75
C SER B 496 2.61 -25.01 47.39
N PHE B 497 1.37 -24.96 47.90
CA PHE B 497 0.31 -25.87 47.54
C PHE B 497 -0.93 -25.00 47.48
N SER B 498 -1.94 -25.43 46.73
CA SER B 498 -2.99 -24.55 46.31
C SER B 498 -4.25 -25.28 46.13
N ALA B 499 -5.34 -24.55 46.30
CA ALA B 499 -6.67 -25.02 46.02
C ALA B 499 -7.53 -23.80 45.84
N SER B 500 -8.50 -23.91 44.95
CA SER B 500 -9.42 -22.85 44.66
C SER B 500 -10.78 -23.44 44.26
N HIS B 501 -11.82 -22.65 44.42
CA HIS B 501 -13.17 -23.08 44.11
C HIS B 501 -13.87 -21.85 43.59
N ASN B 502 -13.94 -21.76 42.27
CA ASN B 502 -14.25 -20.52 41.61
C ASN B 502 -15.46 -20.72 40.77
N TYR B 503 -16.38 -19.80 40.91
CA TYR B 503 -17.56 -19.70 40.08
C TYR B 503 -17.40 -18.53 39.14
N ALA B 504 -17.90 -18.72 37.92
CA ALA B 504 -17.92 -17.68 36.94
C ALA B 504 -19.02 -17.91 35.93
N SER B 505 -19.40 -16.84 35.26
CA SER B 505 -20.46 -16.95 34.29
C SER B 505 -20.09 -16.30 32.96
N ARG B 506 -20.76 -16.74 31.90
CA ARG B 506 -20.41 -16.32 30.58
C ARG B 506 -21.68 -16.21 29.75
N SER B 507 -21.98 -14.99 29.32
CA SER B 507 -23.21 -14.68 28.60
C SER B 507 -23.30 -15.28 27.21
N PRO B 508 -24.50 -15.52 26.71
CA PRO B 508 -24.62 -16.05 25.34
C PRO B 508 -23.76 -15.29 24.36
N ARG B 509 -23.27 -15.93 23.31
CA ARG B 509 -22.62 -15.18 22.26
C ARG B 509 -23.62 -14.88 21.22
N LEU B 510 -23.43 -13.74 20.59
CA LEU B 510 -24.15 -13.36 19.41
C LEU B 510 -23.79 -14.36 18.33
N TYR B 511 -24.72 -14.52 17.40
CA TYR B 511 -24.51 -15.27 16.21
C TYR B 511 -23.33 -14.77 15.37
N ASP B 512 -23.03 -15.50 14.32
CA ASP B 512 -21.94 -15.12 13.46
C ASP B 512 -22.17 -13.77 12.82
N ALA B 513 -21.15 -12.90 12.92
CA ALA B 513 -21.29 -11.57 12.34
C ALA B 513 -21.64 -11.62 10.85
N LEU B 514 -21.03 -12.54 10.12
CA LEU B 514 -21.19 -12.63 8.68
C LEU B 514 -22.55 -13.16 8.25
N GLN B 515 -23.33 -13.69 9.20
CA GLN B 515 -24.62 -14.31 8.94
C GLN B 515 -25.77 -13.49 9.45
N THR B 516 -25.42 -12.38 10.11
CA THR B 516 -26.34 -11.45 10.74
C THR B 516 -27.28 -10.78 9.77
N HIS B 517 -26.91 -10.72 8.50
CA HIS B 517 -27.80 -10.10 7.49
C HIS B 517 -29.16 -10.79 7.45
N GLY B 518 -29.23 -12.02 7.96
CA GLY B 518 -30.52 -12.69 8.16
C GLY B 518 -31.12 -13.28 6.88
N LYS B 519 -30.30 -13.45 5.87
CA LYS B 519 -30.78 -14.07 4.66
C LYS B 519 -31.20 -15.55 4.81
N ARG B 520 -30.62 -16.21 5.80
CA ARG B 520 -30.96 -17.61 6.04
C ARG B 520 -31.98 -17.78 7.11
N GLY B 521 -32.57 -16.66 7.51
CA GLY B 521 -33.58 -16.70 8.51
C GLY B 521 -33.16 -15.95 9.72
N ILE B 522 -34.09 -15.90 10.66
CA ILE B 522 -34.02 -15.03 11.78
C ILE B 522 -33.38 -15.75 12.94
N ILE B 523 -32.56 -15.04 13.69
CA ILE B 523 -31.85 -15.68 14.77
C ILE B 523 -32.12 -14.88 16.02
N SER B 524 -32.79 -15.50 16.96
CA SER B 524 -33.27 -14.80 18.13
C SER B 524 -32.76 -15.47 19.41
N ILE B 525 -33.40 -15.17 20.53
CA ILE B 525 -33.03 -15.69 21.84
C ILE B 525 -34.30 -16.03 22.63
N ALA B 526 -34.33 -17.21 23.23
CA ALA B 526 -35.50 -17.65 24.00
C ALA B 526 -35.65 -16.87 25.30
N ASP B 527 -36.85 -16.92 25.87
CA ASP B 527 -37.23 -16.01 26.95
C ASP B 527 -36.44 -16.13 28.22
N GLY B 528 -36.15 -17.34 28.68
CA GLY B 528 -35.47 -17.42 29.97
C GLY B 528 -33.98 -17.64 29.88
N THR B 529 -33.40 -17.46 28.68
CA THR B 529 -32.05 -17.98 28.47
C THR B 529 -31.11 -17.27 29.35
N LYS B 530 -30.10 -17.99 29.81
CA LYS B 530 -29.21 -17.41 30.77
C LYS B 530 -27.81 -17.75 30.48
N ALA B 531 -26.95 -17.26 31.35
CA ALA B 531 -25.55 -17.36 31.14
C ALA B 531 -25.11 -18.76 31.56
N GLU B 532 -24.04 -19.22 30.94
CA GLU B 532 -23.32 -20.42 31.32
C GLU B 532 -22.66 -20.15 32.66
N ARG B 533 -22.50 -21.17 33.48
CA ARG B 533 -21.98 -20.95 34.77
C ARG B 533 -21.08 -22.06 35.20
N ALA B 534 -19.84 -21.69 35.52
CA ALA B 534 -18.76 -22.62 35.73
C ALA B 534 -18.51 -22.77 37.19
N ARG B 535 -18.18 -24.00 37.59
CA ARG B 535 -17.77 -24.29 38.94
C ARG B 535 -16.47 -25.03 38.73
N ASN B 536 -15.38 -24.37 39.07
CA ASN B 536 -14.09 -24.88 38.80
C ASN B 536 -13.35 -25.07 40.13
N THR B 537 -12.96 -26.32 40.38
CA THR B 537 -12.24 -26.65 41.59
C THR B 537 -10.91 -27.16 41.17
N GLU B 538 -9.86 -26.74 41.87
CA GLU B 538 -8.59 -27.31 41.52
C GLU B 538 -7.54 -27.24 42.58
N ILE B 539 -6.56 -28.13 42.49
CA ILE B 539 -5.41 -28.16 43.42
C ILE B 539 -4.08 -28.03 42.68
N GLY B 540 -3.02 -27.70 43.42
CA GLY B 540 -1.75 -27.49 42.78
C GLY B 540 -0.59 -27.44 43.72
N PHE B 541 0.61 -27.54 43.19
CA PHE B 541 1.78 -27.38 44.01
C PHE B 541 2.83 -26.71 43.15
N ASN B 542 3.75 -26.01 43.79
CA ASN B 542 4.93 -25.49 43.13
C ASN B 542 6.15 -25.79 43.97
N TYR B 543 7.13 -26.39 43.33
CA TYR B 543 8.41 -26.50 43.94
C TYR B 543 9.41 -25.61 43.11
N ASN B 544 10.32 -24.91 43.78
CA ASN B 544 11.48 -24.27 43.13
C ASN B 544 12.57 -23.99 44.13
N ASP B 545 13.76 -24.52 43.89
CA ASP B 545 14.82 -24.32 44.85
C ASP B 545 15.96 -23.49 44.25
N GLY B 546 15.78 -23.02 43.03
CA GLY B 546 16.79 -22.19 42.37
C GLY B 546 17.49 -22.95 41.27
N THR B 547 17.57 -24.27 41.40
CA THR B 547 18.14 -25.14 40.40
C THR B 547 17.00 -25.92 39.82
N PHE B 548 16.28 -26.63 40.67
CA PHE B 548 15.20 -27.45 40.16
C PHE B 548 13.84 -26.78 40.39
N ALA B 549 12.90 -26.96 39.47
CA ALA B 549 11.56 -26.46 39.69
C ALA B 549 10.55 -27.46 39.19
N ALA B 550 9.34 -27.39 39.75
CA ALA B 550 8.27 -28.24 39.29
C ALA B 550 6.96 -27.68 39.78
N ASN B 551 5.89 -28.03 39.04
CA ASN B 551 4.60 -27.52 39.37
C ASN B 551 3.67 -28.57 38.86
N GLY B 552 2.47 -28.58 39.45
CA GLY B 552 1.44 -29.56 39.09
C GLY B 552 0.07 -28.93 39.41
N SER B 553 -0.91 -29.33 38.62
CA SER B 553 -2.24 -28.85 38.76
C SER B 553 -3.17 -30.03 38.41
N TYR B 554 -4.18 -30.23 39.26
CA TYR B 554 -5.36 -31.00 38.89
C TYR B 554 -6.58 -30.10 39.01
N PHE B 555 -7.53 -30.28 38.09
CA PHE B 555 -8.70 -29.39 38.02
C PHE B 555 -9.90 -30.19 37.70
N TRP B 556 -11.04 -29.71 38.21
CA TRP B 556 -12.39 -30.19 37.86
C TRP B 556 -13.27 -29.02 37.50
N GLN B 557 -13.96 -29.16 36.36
CA GLN B 557 -14.85 -28.10 35.86
C GLN B 557 -16.26 -28.65 35.56
N THR B 558 -17.28 -27.95 36.06
CA THR B 558 -18.64 -28.18 35.58
C THR B 558 -19.19 -26.86 35.09
N ILE B 559 -19.88 -26.87 33.95
CA ILE B 559 -20.47 -25.65 33.45
C ILE B 559 -21.90 -25.95 33.05
N LYS B 560 -22.82 -25.22 33.67
CA LYS B 560 -24.25 -25.44 33.48
C LYS B 560 -24.76 -24.49 32.43
N ASP B 561 -25.85 -24.86 31.77
CA ASP B 561 -26.55 -23.98 30.81
C ASP B 561 -25.75 -23.61 29.55
N ALA B 562 -24.89 -24.52 29.13
CA ALA B 562 -24.20 -24.37 27.85
C ALA B 562 -25.17 -24.09 26.70
N LEU B 563 -24.71 -23.30 25.72
CA LEU B 563 -25.56 -22.89 24.64
C LEU B 563 -24.80 -23.14 23.41
N ALA B 564 -25.46 -23.60 22.35
CA ALA B 564 -24.69 -23.69 21.13
C ALA B 564 -25.53 -23.34 19.93
N ASN B 565 -26.26 -24.30 19.40
CA ASN B 565 -27.03 -24.04 18.22
C ASN B 565 -28.45 -23.66 18.64
N PRO B 566 -29.15 -22.89 17.78
CA PRO B 566 -30.46 -22.42 18.19
C PRO B 566 -31.59 -23.46 18.01
N GLN B 567 -32.67 -23.27 18.78
CA GLN B 567 -33.81 -24.16 18.77
C GLN B 567 -34.86 -23.57 17.87
N ASN B 568 -35.58 -24.43 17.16
CA ASN B 568 -36.72 -24.03 16.33
C ASN B 568 -37.86 -23.49 17.22
N ARG B 569 -38.54 -22.43 16.78
CA ARG B 569 -39.78 -21.98 17.45
C ARG B 569 -41.00 -21.85 16.51
N SER B 572 -40.40 -23.27 9.58
CA SER B 572 -40.24 -23.60 10.99
C SER B 572 -38.80 -23.36 11.48
N VAL B 573 -37.84 -23.75 10.62
CA VAL B 573 -36.38 -23.47 10.77
C VAL B 573 -36.04 -22.04 10.23
N ALA B 574 -37.07 -21.27 9.90
CA ALA B 574 -36.93 -19.88 9.49
C ALA B 574 -36.55 -19.01 10.69
N VAL B 575 -37.24 -19.25 11.82
CA VAL B 575 -36.99 -18.54 13.05
C VAL B 575 -36.45 -19.50 14.12
N ARG B 576 -35.29 -19.18 14.68
CA ARG B 576 -34.75 -19.96 15.77
C ARG B 576 -34.18 -19.09 16.86
N GLU B 577 -33.99 -19.66 18.04
CA GLU B 577 -33.61 -18.89 19.21
C GLU B 577 -32.48 -19.59 19.89
N ALA B 578 -31.50 -18.82 20.36
CA ALA B 578 -30.55 -19.31 21.33
C ALA B 578 -31.28 -19.80 22.56
N VAL B 579 -30.81 -20.93 23.05
CA VAL B 579 -31.29 -21.59 24.24
C VAL B 579 -30.18 -22.31 25.03
N ASN B 580 -30.34 -22.33 26.33
CA ASN B 580 -29.56 -23.28 27.14
C ASN B 580 -29.88 -24.72 26.73
N ALA B 581 -28.84 -25.50 26.54
CA ALA B 581 -29.09 -26.78 25.95
C ALA B 581 -28.32 -27.91 26.54
N GLY B 582 -27.64 -27.70 27.66
CA GLY B 582 -26.84 -28.80 28.22
C GLY B 582 -25.87 -28.42 29.31
N TYR B 583 -24.85 -29.25 29.54
CA TYR B 583 -23.84 -28.92 30.54
C TYR B 583 -22.48 -29.38 30.05
N ILE B 584 -21.43 -29.00 30.76
CA ILE B 584 -20.12 -29.32 30.33
C ILE B 584 -19.32 -29.84 31.51
N LYS B 585 -18.49 -30.87 31.20
CA LYS B 585 -17.52 -31.33 32.13
C LYS B 585 -16.14 -31.21 31.61
N ASN B 586 -15.22 -30.83 32.47
CA ASN B 586 -13.87 -30.95 32.10
C ASN B 586 -13.07 -31.37 33.31
N HIS B 587 -11.98 -32.09 33.10
CA HIS B 587 -11.04 -32.39 34.21
C HIS B 587 -9.75 -32.88 33.66
N GLY B 588 -8.67 -32.76 34.43
CA GLY B 588 -7.38 -33.28 34.00
C GLY B 588 -6.24 -32.75 34.83
N TYR B 589 -5.07 -32.71 34.25
CA TYR B 589 -3.91 -32.40 34.98
C TYR B 589 -2.91 -31.80 34.01
N GLU B 590 -1.90 -31.15 34.63
CA GLU B 590 -0.67 -30.66 34.02
C GLU B 590 0.52 -30.84 35.02
N LEU B 591 1.65 -31.33 34.51
CA LEU B 591 2.90 -31.33 35.21
C LEU B 591 3.94 -30.49 34.43
N GLY B 592 4.88 -29.89 35.14
CA GLY B 592 6.00 -29.22 34.49
C GLY B 592 7.23 -29.32 35.41
N ALA B 593 8.40 -29.36 34.80
CA ALA B 593 9.66 -29.35 35.55
C ALA B 593 10.67 -28.67 34.70
N SER B 594 11.67 -28.13 35.38
CA SER B 594 12.78 -27.40 34.77
C SER B 594 14.06 -27.70 35.54
N TYR B 595 15.19 -27.59 34.85
CA TYR B 595 16.45 -27.76 35.52
C TYR B 595 17.45 -26.73 35.01
N ARG B 596 17.99 -25.89 35.91
CA ARG B 596 18.85 -24.77 35.53
C ARG B 596 20.21 -24.78 36.25
N THR B 597 21.29 -24.73 35.46
CA THR B 597 22.69 -24.75 35.99
C THR B 597 23.70 -24.32 34.93
N GLY B 598 24.57 -23.39 35.35
CA GLY B 598 25.79 -23.00 34.60
C GLY B 598 25.68 -22.74 33.09
N GLY B 599 24.49 -22.29 32.66
CA GLY B 599 24.27 -22.10 31.23
C GLY B 599 23.36 -23.15 30.57
N LEU B 600 23.02 -24.23 31.28
CA LEU B 600 22.15 -25.28 30.75
C LEU B 600 20.71 -25.06 31.24
N THR B 601 19.74 -25.31 30.38
CA THR B 601 18.36 -25.03 30.75
C THR B 601 17.63 -26.20 30.16
N ALA B 602 16.95 -26.98 31.03
CA ALA B 602 16.26 -28.26 30.68
C ALA B 602 14.84 -28.15 31.10
N LYS B 603 13.91 -28.64 30.28
CA LYS B 603 12.47 -28.47 30.57
C LYS B 603 11.61 -29.60 30.02
N VAL B 604 10.57 -29.97 30.76
CA VAL B 604 9.59 -31.02 30.38
C VAL B 604 8.30 -30.58 30.95
N GLY B 605 7.22 -31.07 30.37
CA GLY B 605 5.87 -30.75 30.72
C GLY B 605 4.93 -31.71 30.03
N VAL B 606 3.74 -31.92 30.61
CA VAL B 606 2.74 -32.88 30.09
C VAL B 606 1.36 -32.41 30.57
N SER B 607 0.35 -32.69 29.77
CA SER B 607 -0.96 -32.17 30.01
C SER B 607 -1.91 -33.07 29.36
N HIS B 608 -2.98 -33.38 30.07
CA HIS B 608 -4.10 -34.07 29.46
C HIS B 608 -5.35 -33.59 30.14
N SER B 609 -6.40 -33.40 29.33
CA SER B 609 -7.70 -33.04 29.82
C SER B 609 -8.80 -33.68 29.02
N LYS B 610 -10.05 -33.61 29.50
CA LYS B 610 -11.15 -34.32 28.87
C LYS B 610 -12.47 -33.49 28.75
N PRO B 611 -12.54 -32.57 27.78
CA PRO B 611 -13.77 -31.78 27.67
C PRO B 611 -14.89 -32.61 27.14
N ARG B 612 -16.03 -32.53 27.85
CA ARG B 612 -17.26 -33.24 27.50
C ARG B 612 -18.53 -32.40 27.57
N PHE B 613 -19.32 -32.53 26.51
CA PHE B 613 -20.51 -31.75 26.27
C PHE B 613 -21.74 -32.68 26.26
N TYR B 614 -22.60 -32.46 27.24
CA TYR B 614 -23.74 -33.31 27.55
C TYR B 614 -25.01 -32.62 27.12
N ASP B 615 -25.64 -33.16 26.08
CA ASP B 615 -26.87 -32.62 25.53
C ASP B 615 -28.03 -32.94 26.45
N THR B 616 -28.94 -31.97 26.59
CA THR B 616 -29.96 -31.95 27.62
C THR B 616 -31.33 -31.63 27.01
N HIS B 617 -31.26 -31.28 25.75
CA HIS B 617 -32.33 -30.70 24.97
C HIS B 617 -32.76 -31.71 23.91
N LYS B 618 -34.07 -31.84 23.69
CA LYS B 618 -34.60 -32.97 22.90
C LYS B 618 -34.08 -32.97 21.47
N ASP B 619 -33.71 -31.79 20.97
CA ASP B 619 -33.22 -31.67 19.59
C ASP B 619 -31.70 -31.67 19.48
N LYS B 620 -31.07 -32.12 20.57
CA LYS B 620 -29.60 -32.18 20.80
C LYS B 620 -28.84 -31.09 20.04
N LEU B 621 -28.71 -29.93 20.66
CA LEU B 621 -28.20 -28.76 19.93
C LEU B 621 -26.71 -28.38 20.22
N LEU B 622 -26.04 -29.10 21.11
CA LEU B 622 -24.61 -28.90 21.34
C LEU B 622 -23.75 -29.27 20.10
N SER B 623 -22.50 -28.77 20.08
CA SER B 623 -21.69 -28.78 18.88
C SER B 623 -20.24 -29.20 19.13
N ALA B 624 -19.71 -29.92 18.14
CA ALA B 624 -18.31 -30.33 18.14
C ALA B 624 -17.46 -29.38 17.27
N ASN B 625 -18.07 -28.30 16.77
CA ASN B 625 -17.32 -27.22 16.17
C ASN B 625 -16.08 -26.95 17.09
N PRO B 626 -14.86 -26.97 16.49
CA PRO B 626 -13.62 -26.84 17.22
C PRO B 626 -13.58 -25.58 18.10
N GLU B 627 -14.34 -24.56 17.74
CA GLU B 627 -14.60 -23.40 18.58
C GLU B 627 -14.94 -23.79 20.09
N PHE B 628 -15.67 -24.88 20.25
CA PHE B 628 -16.10 -25.30 21.57
C PHE B 628 -14.95 -26.05 22.27
N GLY B 629 -14.30 -26.96 21.54
CA GLY B 629 -13.20 -27.69 22.10
C GLY B 629 -12.78 -28.79 21.20
N ALA B 630 -11.76 -29.51 21.63
CA ALA B 630 -11.39 -30.75 20.94
C ALA B 630 -10.85 -31.67 21.98
N GLN B 631 -11.07 -32.98 21.82
CA GLN B 631 -10.38 -33.97 22.65
C GLN B 631 -9.01 -34.19 22.06
N VAL B 632 -8.04 -33.51 22.69
CA VAL B 632 -6.68 -33.41 22.21
C VAL B 632 -5.92 -34.55 22.85
N GLY B 633 -4.93 -35.08 22.17
CA GLY B 633 -4.16 -36.16 22.78
C GLY B 633 -3.37 -35.64 23.94
N ARG B 634 -3.05 -36.52 24.87
CA ARG B 634 -2.15 -36.10 25.90
C ARG B 634 -0.86 -35.53 25.29
N THR B 635 -0.39 -34.42 25.82
CA THR B 635 0.63 -33.65 25.14
C THR B 635 1.82 -33.53 26.00
N TRP B 636 2.95 -33.91 25.44
CA TRP B 636 4.24 -33.80 26.11
C TRP B 636 5.06 -32.74 25.41
N THR B 637 5.79 -31.96 26.18
CA THR B 637 6.74 -31.05 25.55
C THR B 637 7.99 -31.09 26.36
N ALA B 638 9.10 -30.77 25.73
CA ALA B 638 10.38 -30.81 26.38
C ALA B 638 11.33 -29.86 25.65
N SER B 639 12.32 -29.35 26.38
CA SER B 639 13.34 -28.60 25.75
C SER B 639 14.70 -28.78 26.43
N LEU B 640 15.78 -28.54 25.67
CA LEU B 640 17.14 -28.70 26.15
C LEU B 640 17.96 -27.58 25.48
N ALA B 641 18.66 -26.77 26.24
CA ALA B 641 19.37 -25.67 25.63
C ALA B 641 20.61 -25.44 26.41
N TYR B 642 21.61 -24.92 25.74
CA TYR B 642 22.85 -24.57 26.40
C TYR B 642 23.36 -23.21 25.93
N ARG B 643 23.74 -22.36 26.89
CA ARG B 643 24.29 -21.04 26.57
C ARG B 643 25.80 -20.90 26.82
N PHE B 644 26.58 -20.70 25.76
CA PHE B 644 28.04 -20.69 25.90
C PHE B 644 28.47 -19.37 26.36
N GLN B 645 29.43 -19.34 27.28
CA GLN B 645 29.89 -18.01 27.72
C GLN B 645 30.56 -17.22 26.61
N ASN B 646 31.38 -17.92 25.80
CA ASN B 646 32.04 -17.30 24.65
C ASN B 646 32.07 -18.17 23.41
N PRO B 647 31.48 -17.73 22.30
CA PRO B 647 30.65 -16.54 22.04
C PRO B 647 29.32 -16.63 22.77
N ASN B 648 28.56 -15.54 22.79
CA ASN B 648 27.25 -15.56 23.46
C ASN B 648 26.27 -16.17 22.49
N LEU B 649 25.95 -17.45 22.73
CA LEU B 649 25.26 -18.27 21.78
C LEU B 649 24.52 -19.40 22.52
N GLU B 650 23.23 -19.52 22.29
CA GLU B 650 22.51 -20.60 22.84
C GLU B 650 22.14 -21.46 21.66
N ILE B 651 22.39 -22.76 21.81
CA ILE B 651 21.82 -23.77 20.92
C ILE B 651 21.00 -24.70 21.71
N GLY B 652 19.98 -25.25 21.08
CA GLY B 652 19.12 -26.18 21.76
C GLY B 652 18.11 -26.86 20.92
N TRP B 653 17.33 -27.71 21.55
CA TRP B 653 16.43 -28.60 20.85
C TRP B 653 15.12 -28.39 21.58
N ARG B 654 14.00 -28.63 20.91
CA ARG B 654 12.74 -28.48 21.55
C ARG B 654 11.79 -29.46 20.87
N GLY B 655 11.01 -30.17 21.66
CA GLY B 655 10.07 -31.09 21.02
C GLY B 655 8.70 -31.00 21.62
N ARG B 656 7.71 -31.43 20.86
CA ARG B 656 6.36 -31.47 21.33
C ARG B 656 5.79 -32.79 20.77
N TYR B 657 5.19 -33.58 21.64
CA TYR B 657 4.69 -34.85 21.23
C TYR B 657 3.32 -34.89 21.73
N VAL B 658 2.37 -35.04 20.80
CA VAL B 658 0.98 -35.24 21.15
C VAL B 658 0.57 -36.67 20.79
N GLN B 659 0.12 -37.42 21.79
CA GLN B 659 -0.37 -38.78 21.61
C GLN B 659 -1.69 -38.88 20.87
N LYS B 660 -1.95 -40.11 20.45
CA LYS B 660 -3.17 -40.48 19.76
C LYS B 660 -4.34 -40.15 20.66
N ALA B 661 -5.41 -39.64 20.05
CA ALA B 661 -6.60 -39.17 20.77
C ALA B 661 -7.74 -39.87 20.13
N THR B 662 -8.83 -39.99 20.89
CA THR B 662 -10.02 -40.78 20.55
C THR B 662 -11.26 -40.02 21.10
N GLY B 663 -12.33 -39.95 20.30
CA GLY B 663 -13.61 -39.53 20.86
C GLY B 663 -13.95 -38.07 20.64
N SER B 664 -15.24 -37.84 20.45
CA SER B 664 -15.79 -36.53 20.29
C SER B 664 -15.83 -35.80 21.64
N ILE B 665 -15.95 -34.46 21.58
CA ILE B 665 -16.22 -33.73 22.78
C ILE B 665 -17.67 -33.93 23.22
N LEU B 666 -18.57 -34.31 22.30
CA LEU B 666 -19.99 -34.56 22.65
C LEU B 666 -20.16 -35.97 23.22
N ALA B 667 -20.51 -36.08 24.50
CA ALA B 667 -20.74 -37.39 25.18
C ALA B 667 -21.64 -38.39 24.41
N ALA B 668 -22.59 -37.85 23.67
CA ALA B 668 -23.43 -38.65 22.83
C ALA B 668 -22.80 -38.85 21.43
N GLY B 669 -21.63 -38.28 21.15
CA GLY B 669 -21.01 -38.39 19.82
C GLY B 669 -21.48 -37.39 18.76
N GLN B 670 -20.67 -37.25 17.73
CA GLN B 670 -20.88 -36.25 16.68
C GLN B 670 -21.25 -36.90 15.33
N LYS B 671 -21.93 -36.15 14.46
CA LYS B 671 -22.42 -36.72 13.21
C LYS B 671 -21.75 -36.16 11.97
N ASP B 672 -22.39 -36.26 10.81
CA ASP B 672 -21.68 -35.96 9.58
C ASP B 672 -22.56 -35.53 8.39
N ARG B 673 -23.16 -34.35 8.51
CA ARG B 673 -23.89 -33.68 7.40
C ARG B 673 -24.96 -34.59 6.81
N LYS B 674 -24.74 -35.90 6.96
CA LYS B 674 -25.68 -36.93 6.60
C LYS B 674 -26.42 -37.31 7.88
N GLY B 675 -25.70 -37.27 9.01
CA GLY B 675 -26.22 -37.78 10.27
C GLY B 675 -25.90 -39.26 10.24
N ASN B 676 -24.82 -39.60 10.96
CA ASN B 676 -24.17 -40.92 11.05
C ASN B 676 -23.24 -40.71 12.21
N LEU B 677 -23.04 -41.72 13.06
CA LEU B 677 -22.09 -41.58 14.15
C LEU B 677 -20.65 -41.41 13.61
N GLU B 678 -19.83 -40.58 14.26
CA GLU B 678 -18.41 -40.50 13.87
C GLU B 678 -17.50 -41.13 14.92
N ASN B 679 -16.65 -42.03 14.46
CA ASN B 679 -15.68 -42.65 15.34
C ASN B 679 -14.43 -41.78 15.38
N VAL B 680 -14.51 -40.67 16.12
CA VAL B 680 -13.44 -39.70 16.12
C VAL B 680 -12.21 -40.40 16.64
N VAL B 681 -11.19 -40.44 15.78
CA VAL B 681 -9.83 -40.88 16.10
C VAL B 681 -8.91 -39.79 15.50
N ARG B 682 -7.77 -39.53 16.16
CA ARG B 682 -6.72 -38.67 15.60
C ARG B 682 -5.32 -39.19 15.97
N LYS B 683 -4.39 -39.20 15.01
CA LYS B 683 -2.99 -39.62 15.23
C LYS B 683 -2.13 -38.75 16.13
N GLY B 684 -1.25 -39.40 16.89
CA GLY B 684 -0.11 -38.73 17.53
C GLY B 684 0.99 -38.43 16.52
N PHE B 685 1.93 -37.61 16.94
CA PHE B 685 2.98 -37.11 16.08
C PHE B 685 3.90 -36.44 17.04
N GLY B 686 5.17 -36.37 16.64
CA GLY B 686 6.12 -35.51 17.37
C GLY B 686 6.59 -34.48 16.39
N VAL B 687 6.76 -33.24 16.85
CA VAL B 687 7.47 -32.20 16.10
C VAL B 687 8.80 -31.88 16.87
N ASN B 688 9.90 -31.80 16.12
CA ASN B 688 11.18 -31.44 16.71
C ASN B 688 11.80 -30.23 16.03
N ASP B 689 12.38 -29.37 16.86
CA ASP B 689 13.05 -28.16 16.42
C ASP B 689 14.41 -28.06 17.05
N VAL B 690 15.37 -27.51 16.32
CA VAL B 690 16.61 -27.07 16.90
C VAL B 690 16.69 -25.57 16.56
N PHE B 691 17.35 -24.79 17.43
CA PHE B 691 17.45 -23.33 17.23
C PHE B 691 18.75 -22.89 17.76
N ALA B 692 19.11 -21.65 17.39
CA ALA B 692 20.27 -21.00 17.90
C ALA B 692 19.95 -19.50 18.03
N ASN B 693 20.42 -18.87 19.12
CA ASN B 693 20.42 -17.43 19.26
C ASN B 693 21.86 -16.92 19.46
N TRP B 694 22.34 -16.12 18.53
CA TRP B 694 23.60 -15.42 18.83
C TRP B 694 23.57 -13.95 18.93
N LYS B 695 24.40 -13.49 19.85
CA LYS B 695 24.39 -12.15 20.30
C LYS B 695 25.79 -11.73 20.04
N PRO B 696 26.08 -11.32 18.81
CA PRO B 696 27.44 -11.03 18.37
C PRO B 696 28.10 -9.86 19.07
N LEU B 697 27.32 -9.07 19.80
CA LEU B 697 27.78 -7.85 20.39
C LEU B 697 27.88 -7.94 21.88
N GLY B 698 27.36 -9.02 22.48
CA GLY B 698 27.38 -9.21 23.95
C GLY B 698 26.17 -8.71 24.70
N LYS B 699 25.46 -7.74 24.08
CA LYS B 699 24.26 -7.08 24.63
C LYS B 699 23.07 -7.57 23.84
N ASP B 700 21.89 -7.19 24.30
CA ASP B 700 20.66 -7.69 23.69
C ASP B 700 20.24 -6.77 22.55
N THR B 701 21.18 -5.96 22.06
CA THR B 701 20.92 -5.01 20.97
C THR B 701 21.01 -5.67 19.59
N LEU B 702 21.66 -6.82 19.52
CA LEU B 702 21.72 -7.51 18.25
C LEU B 702 21.56 -9.00 18.45
N ASN B 703 20.55 -9.55 17.81
CA ASN B 703 20.19 -10.96 17.94
C ASN B 703 20.15 -11.50 16.54
N VAL B 704 20.86 -12.58 16.33
CA VAL B 704 20.83 -13.26 15.07
C VAL B 704 20.30 -14.62 15.46
N ASN B 705 19.20 -15.03 14.86
CA ASN B 705 18.56 -16.26 15.29
C ASN B 705 18.39 -17.18 14.13
N LEU B 706 18.68 -18.46 14.39
CA LEU B 706 18.54 -19.46 13.38
C LEU B 706 17.81 -20.62 13.94
N SER B 707 16.87 -21.15 13.19
CA SER B 707 16.08 -22.26 13.64
C SER B 707 15.79 -23.16 12.47
N VAL B 708 15.69 -24.44 12.80
CA VAL B 708 15.10 -25.39 11.88
C VAL B 708 14.01 -26.17 12.64
N ASN B 709 12.78 -25.92 12.18
CA ASN B 709 11.56 -26.30 12.85
C ASN B 709 11.00 -27.40 12.03
N ASN B 710 10.44 -28.36 12.75
CA ASN B 710 9.99 -29.61 12.24
C ASN B 710 11.15 -30.28 11.51
N VAL B 711 12.27 -30.44 12.21
CA VAL B 711 13.44 -31.11 11.61
C VAL B 711 13.14 -32.30 10.69
N PHE B 712 12.22 -33.20 11.09
CA PHE B 712 12.02 -34.44 10.36
C PHE B 712 10.98 -34.31 9.30
N ASN B 713 10.51 -33.07 9.09
CA ASN B 713 9.49 -32.82 8.09
C ASN B 713 8.28 -33.69 8.29
N LYS B 714 7.87 -33.83 9.55
CA LYS B 714 6.67 -34.58 9.89
C LYS B 714 5.38 -34.16 9.16
N PHE B 715 4.69 -35.09 8.52
CA PHE B 715 3.33 -34.91 8.01
C PHE B 715 2.31 -35.22 9.10
N TYR B 716 1.54 -34.22 9.53
CA TYR B 716 0.59 -34.44 10.60
C TYR B 716 -0.46 -33.40 10.58
N TYR B 717 -1.60 -33.74 11.24
CA TYR B 717 -2.70 -32.80 11.61
C TYR B 717 -2.75 -32.54 13.10
N PRO B 718 -2.72 -31.25 13.50
CA PRO B 718 -2.90 -30.97 14.94
C PRO B 718 -4.30 -31.32 15.35
N HIS B 719 -4.47 -31.41 16.66
CA HIS B 719 -5.72 -31.85 17.29
C HIS B 719 -6.85 -30.82 17.47
N SER B 720 -6.55 -29.54 17.65
CA SER B 720 -7.65 -28.59 17.84
C SER B 720 -8.19 -28.11 16.53
N GLN B 721 -9.03 -28.90 15.92
CA GLN B 721 -9.64 -28.51 14.66
C GLN B 721 -10.51 -29.72 14.41
N ARG B 722 -11.27 -29.76 13.32
CA ARG B 722 -12.02 -30.98 13.07
C ARG B 722 -11.05 -32.10 12.71
N TRP B 723 -11.55 -33.32 12.80
CA TRP B 723 -10.75 -34.53 12.79
C TRP B 723 -10.61 -35.18 11.43
N THR B 724 -11.42 -34.71 10.47
CA THR B 724 -11.39 -35.16 9.08
C THR B 724 -10.10 -34.53 8.56
N ASN B 725 -9.62 -34.75 7.35
CA ASN B 725 -8.20 -34.29 7.26
C ASN B 725 -7.98 -32.86 6.75
N THR B 726 -8.17 -31.89 7.65
CA THR B 726 -8.35 -30.50 7.27
C THR B 726 -7.08 -29.74 6.88
N LEU B 727 -6.25 -29.36 7.85
CA LEU B 727 -5.07 -28.57 7.53
C LEU B 727 -3.86 -29.04 8.31
N PRO B 728 -2.84 -29.53 7.59
CA PRO B 728 -1.72 -30.16 8.29
C PRO B 728 -0.80 -29.14 8.94
N GLY B 729 0.05 -29.62 9.84
CA GLY B 729 1.14 -28.80 10.40
C GLY B 729 2.14 -28.37 9.34
N VAL B 730 2.92 -27.34 9.64
CA VAL B 730 3.83 -26.87 8.65
C VAL B 730 4.87 -27.93 8.57
N GLY B 731 5.24 -28.28 7.35
CA GLY B 731 6.37 -29.12 7.21
C GLY B 731 7.60 -28.40 7.68
N ARG B 732 8.74 -28.98 7.42
CA ARG B 732 10.00 -28.40 7.83
C ARG B 732 10.26 -27.00 7.24
N ASP B 733 11.02 -26.17 7.95
CA ASP B 733 11.02 -24.70 7.83
C ASP B 733 12.29 -24.23 8.49
N VAL B 734 13.13 -23.56 7.72
CA VAL B 734 14.37 -23.09 8.27
C VAL B 734 14.30 -21.59 8.26
N ARG B 735 14.64 -21.00 9.40
CA ARG B 735 14.36 -19.58 9.61
C ARG B 735 15.54 -18.87 10.17
N LEU B 736 15.80 -17.71 9.61
CA LEU B 736 16.83 -16.86 10.10
C LEU B 736 16.13 -15.54 10.34
N GLY B 737 16.23 -15.02 11.56
CA GLY B 737 15.68 -13.74 11.99
C GLY B 737 16.81 -12.86 12.53
N VAL B 738 16.68 -11.54 12.37
CA VAL B 738 17.68 -10.61 12.96
C VAL B 738 16.91 -9.45 13.56
N ASN B 739 17.18 -9.05 14.80
CA ASN B 739 16.65 -7.75 15.28
C ASN B 739 17.83 -6.90 15.72
N TYR B 740 17.74 -5.58 15.53
CA TYR B 740 18.86 -4.72 15.85
C TYR B 740 18.40 -3.38 16.33
N LYS B 741 19.00 -2.92 17.43
CA LYS B 741 18.55 -1.78 18.21
C LYS B 741 19.69 -0.80 18.33
N PHE B 742 19.44 0.44 17.93
CA PHE B 742 20.41 1.51 18.06
C PHE B 742 19.75 2.85 18.45
N ASP C 61 40.85 -4.99 -18.51
CA ASP C 61 39.94 -5.75 -19.44
C ASP C 61 40.66 -5.96 -20.78
N ARG C 62 40.98 -7.21 -21.14
CA ARG C 62 41.82 -7.45 -22.31
C ARG C 62 41.32 -8.41 -23.38
N GLN C 63 40.02 -8.56 -23.51
CA GLN C 63 39.44 -9.37 -24.59
C GLN C 63 38.76 -8.46 -25.57
N GLY C 64 39.46 -7.38 -25.87
CA GLY C 64 38.95 -6.31 -26.69
C GLY C 64 37.74 -5.76 -25.98
N SER C 65 36.59 -6.11 -26.52
CA SER C 65 35.35 -5.56 -26.07
C SER C 65 34.32 -6.63 -25.60
N LYS C 66 34.79 -7.85 -25.46
CA LYS C 66 33.92 -8.95 -25.10
C LYS C 66 33.58 -9.06 -23.58
N ILE C 67 34.44 -8.50 -22.73
CA ILE C 67 34.19 -8.45 -21.31
C ILE C 67 34.38 -7.02 -20.96
N ARG C 68 33.31 -6.38 -20.49
CA ARG C 68 33.43 -5.00 -20.07
C ARG C 68 33.05 -4.97 -18.62
N THR C 69 34.07 -4.80 -17.79
CA THR C 69 33.94 -4.81 -16.37
C THR C 69 33.64 -3.40 -15.87
N ASN C 70 32.61 -3.23 -15.06
CA ASN C 70 32.38 -1.96 -14.42
C ASN C 70 32.12 -0.82 -15.41
N ILE C 71 31.23 -1.08 -16.36
CA ILE C 71 30.72 -0.11 -17.29
C ILE C 71 30.12 1.06 -16.55
N VAL C 72 29.41 0.74 -15.47
CA VAL C 72 28.83 1.72 -14.62
C VAL C 72 29.40 1.49 -13.24
N THR C 73 29.89 2.57 -12.68
CA THR C 73 30.37 2.59 -11.36
C THR C 73 29.32 3.36 -10.56
N LEU C 74 29.31 3.14 -9.25
CA LEU C 74 28.39 3.82 -8.36
C LEU C 74 28.60 5.35 -8.36
N GLN C 75 29.86 5.74 -8.41
CA GLN C 75 30.24 7.12 -8.31
C GLN C 75 29.88 7.83 -9.62
N GLN C 76 30.03 7.16 -10.75
CA GLN C 76 29.41 7.63 -12.02
C GLN C 76 27.87 7.70 -12.04
N LYS C 77 27.24 6.62 -11.62
CA LYS C 77 25.76 6.55 -11.51
C LYS C 77 25.21 7.73 -10.64
N ASP C 78 25.92 8.13 -9.59
CA ASP C 78 25.46 9.26 -8.78
C ASP C 78 25.53 10.59 -9.51
N GLU C 79 26.21 10.62 -10.66
CA GLU C 79 26.32 11.82 -11.44
C GLU C 79 25.34 11.81 -12.56
N SER C 80 24.59 10.73 -12.71
CA SER C 80 23.64 10.61 -13.79
C SER C 80 22.21 10.84 -13.29
N THR C 81 21.33 11.02 -14.24
CA THR C 81 19.97 11.39 -13.98
C THR C 81 19.04 10.21 -14.34
N ALA C 82 19.61 9.18 -14.96
CA ALA C 82 18.88 7.96 -15.34
C ALA C 82 18.34 7.18 -14.16
N THR C 83 17.23 6.50 -14.39
CA THR C 83 16.49 5.80 -13.34
C THR C 83 16.13 4.46 -13.89
N ASP C 84 16.68 4.11 -15.07
CA ASP C 84 16.57 2.77 -15.58
C ASP C 84 17.79 2.39 -16.40
N MET C 85 17.93 1.09 -16.64
CA MET C 85 19.09 0.53 -17.29
C MET C 85 19.20 1.10 -18.72
N ARG C 86 18.05 1.30 -19.38
CA ARG C 86 18.00 1.77 -20.72
C ARG C 86 18.71 3.12 -20.80
N GLU C 87 18.34 4.09 -19.97
CA GLU C 87 19.05 5.33 -20.03
C GLU C 87 20.48 5.21 -19.51
N LEU C 88 20.71 4.32 -18.55
CA LEU C 88 22.06 4.24 -17.95
C LEU C 88 23.12 3.67 -18.90
N LEU C 89 22.74 2.67 -19.70
CA LEU C 89 23.68 1.98 -20.56
C LEU C 89 23.59 2.46 -22.04
N LYS C 90 23.06 3.65 -22.27
CA LYS C 90 22.82 4.07 -23.66
C LYS C 90 24.11 4.33 -24.48
N GLU C 91 25.23 4.62 -23.82
CA GLU C 91 26.51 4.76 -24.51
C GLU C 91 27.12 3.45 -25.01
N GLU C 92 26.43 2.35 -24.76
CA GLU C 92 26.93 0.99 -25.08
C GLU C 92 26.23 0.50 -26.36
N PRO C 93 26.97 0.37 -27.45
CA PRO C 93 26.31 0.19 -28.73
C PRO C 93 25.81 -1.21 -29.04
N SER C 94 26.42 -2.22 -28.38
CA SER C 94 25.97 -3.59 -28.58
C SER C 94 24.70 -3.93 -27.81
N ILE C 95 24.31 -3.07 -26.84
CA ILE C 95 23.11 -3.19 -26.04
C ILE C 95 21.97 -2.28 -26.50
N ASP C 96 20.77 -2.85 -26.61
CA ASP C 96 19.64 -2.06 -27.16
C ASP C 96 18.44 -2.50 -26.43
N PHE C 97 17.61 -1.52 -26.10
CA PHE C 97 16.38 -1.77 -25.31
C PHE C 97 15.20 -1.38 -26.12
N GLY C 98 14.13 -2.18 -26.05
CA GLY C 98 12.88 -1.75 -26.62
C GLY C 98 12.21 -0.59 -25.93
N GLY C 99 11.17 -0.06 -26.57
CA GLY C 99 10.42 1.08 -26.01
C GLY C 99 9.47 0.70 -24.88
N GLY C 100 9.00 1.70 -24.15
CA GLY C 100 8.01 1.55 -23.11
C GLY C 100 8.61 1.50 -21.72
N ASN C 101 7.73 1.44 -20.71
CA ASN C 101 8.20 1.41 -19.34
C ASN C 101 8.27 -0.03 -18.82
N GLY C 102 9.13 -0.27 -17.81
CA GLY C 102 9.26 -1.56 -17.15
C GLY C 102 9.29 -2.75 -18.09
N THR C 103 8.44 -3.73 -17.84
CA THR C 103 8.56 -4.97 -18.64
C THR C 103 8.01 -4.88 -20.05
N SER C 104 7.74 -3.70 -20.56
CA SER C 104 7.41 -3.52 -21.96
C SER C 104 8.71 -3.75 -22.73
N GLN C 105 9.81 -3.49 -22.05
CA GLN C 105 11.12 -3.40 -22.67
C GLN C 105 11.68 -4.77 -22.93
N PHE C 106 12.24 -4.93 -24.13
CA PHE C 106 13.15 -6.06 -24.47
C PHE C 106 14.60 -5.63 -24.55
N LEU C 107 15.51 -6.47 -24.12
CA LEU C 107 16.93 -6.14 -24.19
C LEU C 107 17.55 -7.11 -25.21
N THR C 108 18.53 -6.61 -25.98
CA THR C 108 19.31 -7.41 -26.91
C THR C 108 20.77 -7.06 -26.74
N LEU C 109 21.59 -8.10 -26.78
CA LEU C 109 22.99 -7.95 -26.79
C LEU C 109 23.60 -8.59 -28.07
N ARG C 110 24.33 -7.77 -28.86
CA ARG C 110 24.79 -8.21 -30.18
C ARG C 110 23.59 -8.77 -30.98
N GLY C 111 22.42 -8.16 -30.79
CA GLY C 111 21.21 -8.54 -31.52
C GLY C 111 20.49 -9.75 -30.90
N MET C 112 21.11 -10.35 -29.88
CA MET C 112 20.49 -11.52 -29.19
C MET C 112 19.62 -11.12 -27.98
N GLY C 113 18.44 -11.74 -27.83
CA GLY C 113 17.44 -11.37 -26.82
C GLY C 113 17.53 -12.10 -25.49
N GLN C 114 16.54 -11.84 -24.61
CA GLN C 114 16.56 -12.31 -23.23
C GLN C 114 16.25 -13.80 -23.10
N ASN C 115 15.87 -14.43 -24.20
CA ASN C 115 15.94 -15.89 -24.33
C ASN C 115 17.37 -16.49 -24.12
N SER C 116 18.41 -15.74 -24.51
CA SER C 116 19.79 -16.23 -24.48
C SER C 116 20.64 -15.36 -23.60
N VAL C 117 20.19 -14.13 -23.26
CA VAL C 117 21.04 -13.21 -22.44
C VAL C 117 20.36 -12.96 -21.13
N ASP C 118 21.12 -13.00 -20.03
CA ASP C 118 20.55 -12.98 -18.67
C ASP C 118 20.95 -11.66 -17.97
N ILE C 119 20.21 -11.22 -16.96
CA ILE C 119 20.70 -10.19 -16.05
C ILE C 119 20.91 -10.91 -14.80
N LYS C 120 22.11 -10.78 -14.26
CA LYS C 120 22.55 -11.45 -13.07
C LYS C 120 22.64 -10.39 -12.04
N VAL C 121 21.92 -10.53 -10.90
CA VAL C 121 22.23 -9.63 -9.80
C VAL C 121 22.68 -10.42 -8.60
N ASP C 122 23.84 -10.02 -8.02
CA ASP C 122 24.49 -10.77 -6.94
C ASP C 122 24.63 -12.25 -7.31
N ASN C 123 24.76 -12.55 -8.59
CA ASN C 123 25.05 -13.88 -9.08
C ASN C 123 23.85 -14.81 -8.86
N ALA C 124 22.65 -14.27 -9.17
CA ALA C 124 21.39 -15.02 -9.16
C ALA C 124 20.61 -14.66 -10.44
N TYR C 125 20.03 -15.65 -11.12
CA TYR C 125 19.42 -15.39 -12.38
C TYR C 125 18.55 -16.55 -12.79
N SER C 126 17.40 -16.19 -13.34
CA SER C 126 16.39 -17.12 -13.81
C SER C 126 16.44 -17.04 -15.30
N ASP C 127 15.98 -18.07 -16.00
CA ASP C 127 15.91 -17.95 -17.43
C ASP C 127 14.47 -18.12 -17.88
N SER C 128 13.53 -18.15 -16.94
CA SER C 128 12.11 -18.32 -17.26
C SER C 128 11.42 -17.00 -17.60
N GLN C 129 10.21 -17.06 -18.10
CA GLN C 129 9.49 -15.80 -18.35
C GLN C 129 8.00 -15.88 -17.91
N ILE C 130 7.40 -14.73 -17.82
CA ILE C 130 6.02 -14.68 -17.42
C ILE C 130 5.10 -14.88 -18.60
N LEU C 131 5.39 -14.17 -19.67
CA LEU C 131 4.57 -14.13 -20.87
C LEU C 131 5.44 -13.49 -21.91
N TYR C 132 5.32 -13.99 -23.12
CA TYR C 132 6.20 -13.55 -24.19
C TYR C 132 5.83 -12.19 -24.79
N HIS C 133 4.71 -11.62 -24.40
CA HIS C 133 4.30 -10.30 -24.85
C HIS C 133 4.93 -9.17 -24.00
N GLN C 134 5.79 -9.54 -23.06
CA GLN C 134 6.55 -8.62 -22.30
C GLN C 134 7.95 -9.18 -22.26
N GLY C 135 8.92 -8.31 -21.95
CA GLY C 135 10.28 -8.71 -21.70
C GLY C 135 10.49 -9.20 -20.29
N ARG C 136 11.63 -9.82 -20.07
CA ARG C 136 12.01 -10.25 -18.76
C ARG C 136 12.46 -9.05 -17.97
N PHE C 137 12.33 -9.18 -16.67
CA PHE C 137 12.50 -8.12 -15.71
C PHE C 137 13.89 -7.54 -15.67
N ILE C 138 14.00 -6.21 -15.73
CA ILE C 138 15.28 -5.55 -15.71
C ILE C 138 15.37 -4.80 -14.41
N VAL C 139 16.37 -5.20 -13.63
CA VAL C 139 16.64 -4.65 -12.34
C VAL C 139 16.70 -3.11 -12.38
N ASP C 140 16.29 -2.49 -11.29
CA ASP C 140 16.36 -1.07 -11.01
C ASP C 140 17.81 -0.66 -10.64
N PRO C 141 18.40 0.26 -11.39
CA PRO C 141 19.79 0.65 -11.10
C PRO C 141 19.97 1.38 -9.75
N ALA C 142 18.86 1.77 -9.15
CA ALA C 142 18.89 2.35 -7.81
C ALA C 142 19.45 1.34 -6.84
N LEU C 143 19.18 0.04 -7.04
CA LEU C 143 19.75 -1.03 -6.23
C LEU C 143 21.26 -1.30 -6.41
N VAL C 144 21.85 -0.89 -7.52
CA VAL C 144 23.07 -1.50 -7.91
C VAL C 144 24.30 -0.66 -7.65
N LYS C 145 25.46 -1.32 -7.54
CA LYS C 145 26.66 -0.58 -7.38
C LYS C 145 27.52 -0.65 -8.62
N VAL C 146 27.46 -1.77 -9.35
CA VAL C 146 28.19 -1.90 -10.57
C VAL C 146 27.38 -2.68 -11.55
N VAL C 147 27.55 -2.32 -12.82
CA VAL C 147 27.06 -3.10 -13.94
C VAL C 147 28.27 -3.44 -14.88
N SER C 148 28.33 -4.71 -15.26
CA SER C 148 29.30 -5.25 -16.15
C SER C 148 28.60 -6.02 -17.26
N VAL C 149 29.37 -6.42 -18.27
CA VAL C 149 28.77 -7.15 -19.40
C VAL C 149 29.76 -8.20 -19.92
N GLN C 150 29.20 -9.32 -20.32
CA GLN C 150 30.01 -10.36 -20.91
C GLN C 150 29.21 -10.83 -22.10
N LYS C 151 29.88 -10.85 -23.25
CA LYS C 151 29.21 -11.02 -24.50
C LYS C 151 29.55 -12.36 -25.09
N GLY C 152 28.57 -12.98 -25.75
CA GLY C 152 28.77 -14.31 -26.39
C GLY C 152 28.99 -15.39 -25.35
N ALA C 153 29.52 -16.53 -25.79
CA ALA C 153 29.66 -17.70 -24.93
C ALA C 153 30.75 -17.39 -23.96
N GLY C 154 30.54 -17.67 -22.68
CA GLY C 154 31.58 -17.40 -21.68
C GLY C 154 32.55 -18.55 -21.48
N SER C 155 33.45 -18.35 -20.56
CA SER C 155 34.45 -19.39 -20.29
C SER C 155 33.85 -20.28 -19.20
N ALA C 156 34.63 -21.21 -18.66
CA ALA C 156 34.09 -22.24 -17.79
C ALA C 156 33.52 -21.72 -16.49
N SER C 157 34.12 -20.66 -15.92
CA SER C 157 33.72 -20.10 -14.64
C SER C 157 32.51 -19.18 -14.78
N ALA C 158 32.01 -19.00 -15.98
CA ALA C 158 30.91 -18.04 -16.20
C ALA C 158 29.53 -18.41 -15.59
N GLY C 159 29.32 -19.68 -15.19
CA GLY C 159 27.98 -20.05 -14.70
C GLY C 159 27.17 -20.82 -15.71
N ILE C 160 25.88 -20.89 -15.43
CA ILE C 160 25.02 -21.80 -16.15
C ILE C 160 24.48 -20.97 -17.29
N GLY C 161 24.44 -21.54 -18.49
CA GLY C 161 23.66 -21.00 -19.63
C GLY C 161 24.34 -19.91 -20.43
N ALA C 162 25.66 -19.74 -20.28
CA ALA C 162 26.37 -18.61 -20.86
C ALA C 162 26.64 -18.64 -22.38
N THR C 163 25.61 -18.95 -23.17
CA THR C 163 25.79 -19.07 -24.58
C THR C 163 25.92 -17.72 -25.27
N ASN C 164 25.12 -16.74 -24.80
CA ASN C 164 25.10 -15.43 -25.48
C ASN C 164 25.51 -14.17 -24.71
N GLY C 165 25.81 -14.33 -23.43
CA GLY C 165 26.26 -13.19 -22.62
C GLY C 165 25.26 -12.79 -21.58
N ALA C 166 25.64 -11.80 -20.78
CA ALA C 166 24.87 -11.40 -19.63
C ALA C 166 25.21 -9.98 -19.20
N ILE C 167 24.18 -9.26 -18.71
CA ILE C 167 24.40 -8.09 -17.92
C ILE C 167 24.52 -8.60 -16.49
N ILE C 168 25.53 -8.10 -15.80
CA ILE C 168 25.93 -8.58 -14.50
C ILE C 168 26.01 -7.42 -13.59
N ALA C 169 25.27 -7.49 -12.47
CA ALA C 169 25.15 -6.34 -11.56
C ALA C 169 25.37 -6.83 -10.18
N LYS C 170 25.91 -5.97 -9.33
CA LYS C 170 26.01 -6.27 -7.93
C LYS C 170 25.27 -5.16 -7.17
N THR C 171 24.57 -5.53 -6.10
CA THR C 171 23.83 -4.57 -5.30
C THR C 171 24.77 -3.84 -4.39
N VAL C 172 24.33 -2.66 -4.00
CA VAL C 172 25.14 -1.76 -3.20
C VAL C 172 25.39 -2.30 -1.79
N ASP C 173 26.49 -1.86 -1.19
CA ASP C 173 26.89 -2.31 0.13
C ASP C 173 27.15 -1.14 1.03
N ALA C 174 27.19 -1.46 2.33
CA ALA C 174 27.57 -0.53 3.39
C ALA C 174 28.87 0.30 3.14
N GLN C 175 29.96 -0.36 2.78
CA GLN C 175 31.22 0.36 2.51
C GLN C 175 31.16 1.31 1.29
N ASP C 176 30.36 0.96 0.27
CA ASP C 176 30.18 1.87 -0.87
C ASP C 176 29.46 3.13 -0.41
N LEU C 177 28.45 3.00 0.44
CA LEU C 177 27.73 4.16 0.94
C LEU C 177 28.52 5.01 1.93
N LEU C 178 29.32 4.37 2.77
CA LEU C 178 30.23 5.11 3.65
C LEU C 178 31.40 5.83 2.96
N LYS C 179 31.66 5.49 1.69
CA LYS C 179 32.74 6.10 0.95
C LYS C 179 33.01 7.55 1.35
N GLY C 180 32.12 8.47 1.04
CA GLY C 180 32.46 9.89 1.22
C GLY C 180 32.59 10.44 2.63
N LEU C 181 32.27 9.62 3.63
CA LEU C 181 32.02 10.08 5.01
C LEU C 181 33.15 9.65 5.93
N ASP C 182 33.38 10.40 7.01
CA ASP C 182 34.53 10.12 7.87
C ASP C 182 34.07 9.52 9.21
N LYS C 183 33.15 8.55 9.10
CA LYS C 183 32.52 7.93 10.26
C LYS C 183 31.90 6.58 9.90
N ASN C 184 31.30 5.93 10.90
CA ASN C 184 30.80 4.55 10.76
C ASN C 184 29.29 4.36 10.49
N TRP C 185 28.56 5.44 10.34
CA TRP C 185 27.17 5.34 9.92
C TRP C 185 26.92 6.45 8.95
N GLY C 186 25.79 6.41 8.27
CA GLY C 186 25.40 7.54 7.42
C GLY C 186 24.02 7.40 6.83
N VAL C 187 23.52 8.49 6.24
CA VAL C 187 22.24 8.52 5.57
C VAL C 187 22.46 9.06 4.19
N ARG C 188 21.67 8.58 3.26
CA ARG C 188 21.70 9.07 1.94
C ARG C 188 20.26 9.33 1.46
N LEU C 189 19.98 10.57 1.07
CA LEU C 189 18.71 10.92 0.48
C LEU C 189 18.88 11.32 -0.97
N ASN C 190 17.87 11.02 -1.75
CA ASN C 190 17.83 11.46 -3.09
C ASN C 190 16.44 11.87 -3.54
N SER C 191 16.41 12.68 -4.58
CA SER C 191 15.18 13.18 -5.14
C SER C 191 15.33 13.38 -6.64
N GLY C 192 14.27 13.12 -7.38
CA GLY C 192 14.33 13.31 -8.79
C GLY C 192 13.07 13.88 -9.35
N PHE C 193 13.20 14.77 -10.32
CA PHE C 193 12.10 15.22 -11.18
C PHE C 193 12.32 15.01 -12.54
N ALA C 194 11.29 14.55 -13.20
CA ALA C 194 11.39 14.45 -14.64
C ALA C 194 10.21 15.10 -15.27
N SER C 195 10.46 15.91 -16.27
CA SER C 195 9.38 16.65 -16.91
C SER C 195 8.52 15.73 -17.70
N ASN C 196 9.11 14.64 -18.17
CA ASN C 196 8.39 13.79 -19.06
C ASN C 196 8.33 12.27 -18.65
N ASN C 197 7.63 11.90 -17.56
CA ASN C 197 6.82 12.73 -16.65
C ASN C 197 7.01 11.87 -15.41
N GLY C 198 7.80 12.33 -14.45
CA GLY C 198 7.89 11.54 -13.25
C GLY C 198 8.49 12.23 -12.07
N VAL C 199 8.41 11.58 -10.93
CA VAL C 199 8.95 12.09 -9.72
C VAL C 199 9.52 10.88 -8.95
N SER C 200 10.71 11.04 -8.39
CA SER C 200 11.39 9.93 -7.70
C SER C 200 12.07 10.37 -6.41
N TYR C 201 12.17 9.47 -5.42
CA TYR C 201 12.90 9.74 -4.16
C TYR C 201 13.34 8.46 -3.51
N GLY C 202 14.20 8.58 -2.52
CA GLY C 202 14.66 7.42 -1.81
C GLY C 202 15.54 7.79 -0.66
N ALA C 203 15.74 6.83 0.18
CA ALA C 203 16.53 7.06 1.36
C ALA C 203 17.19 5.75 1.68
N SER C 204 18.27 5.88 2.42
CA SER C 204 19.13 4.79 2.69
C SER C 204 19.83 5.08 4.00
N VAL C 205 19.87 4.08 4.85
CA VAL C 205 20.59 4.20 6.11
C VAL C 205 21.53 3.02 6.26
N PHE C 206 22.72 3.27 6.74
CA PHE C 206 23.76 2.24 6.66
C PHE C 206 24.79 2.45 7.77
N GLY C 207 25.51 1.39 8.10
CA GLY C 207 26.54 1.50 9.11
C GLY C 207 27.35 0.26 9.42
N LYS C 208 28.19 0.40 10.43
CA LYS C 208 29.23 -0.53 10.76
C LYS C 208 29.41 -0.50 12.29
N GLU C 209 29.31 -1.65 12.95
CA GLU C 209 29.71 -1.76 14.38
C GLU C 209 30.48 -3.04 14.76
N GLY C 210 31.75 -2.90 15.09
CA GLY C 210 32.60 -4.06 15.34
C GLY C 210 32.80 -4.68 14.01
N ASN C 211 32.41 -5.94 13.93
CA ASN C 211 32.63 -6.76 12.74
C ASN C 211 31.41 -6.87 11.88
N PHE C 212 30.48 -5.95 12.08
CA PHE C 212 29.19 -5.97 11.51
C PHE C 212 28.83 -4.77 10.72
N ASP C 213 27.95 -4.94 9.76
CA ASP C 213 27.57 -3.85 8.94
C ASP C 213 26.21 -4.09 8.39
N GLY C 214 25.48 -3.05 8.02
CA GLY C 214 24.17 -3.26 7.40
C GLY C 214 23.67 -2.00 6.73
N LEU C 215 22.61 -2.14 5.95
CA LEU C 215 21.97 -1.06 5.23
C LEU C 215 20.54 -1.40 4.96
N PHE C 216 19.72 -0.36 4.85
CA PHE C 216 18.40 -0.47 4.31
C PHE C 216 18.24 0.69 3.29
N SER C 217 17.79 0.37 2.08
CA SER C 217 17.47 1.35 1.08
C SER C 217 16.08 1.16 0.57
N TYR C 218 15.37 2.28 0.46
CA TYR C 218 14.10 2.38 -0.22
C TYR C 218 14.22 3.36 -1.42
N ASN C 219 13.67 3.01 -2.59
CA ASN C 219 13.66 3.90 -3.73
C ASN C 219 12.35 3.84 -4.46
N ARG C 220 11.87 5.01 -4.85
CA ARG C 220 10.58 5.01 -5.49
C ARG C 220 10.64 5.89 -6.71
N ASN C 221 9.99 5.49 -7.77
CA ASN C 221 9.99 6.25 -9.00
C ASN C 221 8.61 6.16 -9.59
N ASP C 222 7.84 7.25 -9.44
CA ASP C 222 6.44 7.32 -9.83
C ASP C 222 6.35 8.03 -11.17
N GLU C 223 6.12 7.24 -12.22
CA GLU C 223 6.21 7.72 -13.58
C GLU C 223 4.86 7.73 -14.22
N LYS C 224 4.58 8.79 -14.94
CA LYS C 224 3.31 8.96 -15.62
C LYS C 224 3.44 8.40 -17.00
N ASP C 225 2.33 8.30 -17.74
CA ASP C 225 2.35 8.03 -19.20
C ASP C 225 3.37 8.98 -19.84
N TYR C 226 4.28 8.46 -20.66
CA TYR C 226 5.33 9.32 -21.24
C TYR C 226 4.86 9.90 -22.57
N GLU C 227 5.36 11.07 -22.88
CA GLU C 227 5.12 11.69 -24.15
C GLU C 227 6.19 11.27 -25.15
N ALA C 228 5.79 10.72 -26.29
CA ALA C 228 6.71 10.39 -27.37
C ALA C 228 7.18 11.66 -28.07
N GLY C 229 8.19 11.50 -28.93
CA GLY C 229 8.72 12.60 -29.72
C GLY C 229 7.68 13.18 -30.66
N LYS C 230 8.07 14.25 -31.32
CA LYS C 230 7.16 15.07 -32.05
C LYS C 230 6.47 14.41 -33.24
N GLY C 231 5.15 14.54 -33.26
CA GLY C 231 4.34 13.95 -34.30
C GLY C 231 3.58 12.71 -33.88
N PHE C 232 3.93 12.14 -32.72
CA PHE C 232 3.20 11.03 -32.16
C PHE C 232 1.86 11.46 -31.64
N ARG C 233 0.88 10.65 -31.94
CA ARG C 233 -0.46 10.97 -31.67
C ARG C 233 -1.08 9.65 -31.27
N ASN C 234 -1.79 9.68 -30.15
CA ASN C 234 -2.21 8.44 -29.54
C ASN C 234 -3.57 7.83 -29.77
N VAL C 235 -4.46 8.37 -30.60
CA VAL C 235 -5.78 7.70 -30.79
C VAL C 235 -6.95 8.35 -30.04
N ASN C 236 -6.62 9.00 -28.94
CA ASN C 236 -7.45 10.08 -28.44
C ASN C 236 -6.90 11.41 -28.91
N GLY C 237 -5.81 11.35 -29.68
CA GLY C 237 -5.13 12.52 -30.19
C GLY C 237 -4.31 13.21 -29.13
N GLY C 238 -3.87 12.47 -28.12
CA GLY C 238 -2.92 13.02 -27.16
C GLY C 238 -1.52 12.71 -27.58
N LYS C 239 -0.56 13.19 -26.81
CA LYS C 239 0.85 12.94 -27.12
C LYS C 239 1.47 11.85 -26.26
N THR C 240 0.70 11.29 -25.33
CA THR C 240 1.23 10.32 -24.40
C THR C 240 0.90 8.89 -24.82
N VAL C 241 1.75 7.96 -24.40
CA VAL C 241 1.61 6.57 -24.70
C VAL C 241 0.73 5.93 -23.62
N PRO C 242 -0.47 5.49 -24.01
CA PRO C 242 -1.37 4.93 -23.04
C PRO C 242 -0.77 3.75 -22.26
N TYR C 243 -0.98 3.76 -20.96
CA TYR C 243 -0.68 2.68 -19.99
C TYR C 243 0.81 2.37 -19.89
N SER C 244 1.60 3.42 -19.96
CA SER C 244 3.02 3.32 -19.82
C SER C 244 3.48 3.83 -18.46
N ALA C 245 2.53 4.35 -17.68
CA ALA C 245 2.79 4.74 -16.30
C ALA C 245 3.08 3.52 -15.40
N LEU C 246 4.06 3.70 -14.54
CA LEU C 246 4.43 2.69 -13.59
C LEU C 246 4.96 3.36 -12.38
N ASP C 247 4.61 2.76 -11.24
CA ASP C 247 5.01 3.17 -9.92
C ASP C 247 5.99 2.07 -9.59
N LYS C 248 7.25 2.42 -9.52
CA LYS C 248 8.34 1.46 -9.36
C LYS C 248 9.10 1.62 -8.09
N ARG C 249 9.07 0.59 -7.24
CA ARG C 249 9.66 0.60 -5.91
C ARG C 249 10.76 -0.43 -5.69
N SER C 250 11.81 -0.09 -4.94
CA SER C 250 12.76 -1.14 -4.63
C SER C 250 13.28 -1.00 -3.26
N TYR C 251 13.62 -2.14 -2.65
CA TYR C 251 14.33 -2.16 -1.37
C TYR C 251 15.49 -3.08 -1.31
N LEU C 252 16.38 -2.72 -0.43
CA LEU C 252 17.51 -3.48 -0.15
C LEU C 252 17.71 -3.55 1.33
N ALA C 253 17.84 -4.78 1.79
CA ALA C 253 18.15 -4.97 3.18
C ALA C 253 19.32 -5.86 3.25
N LYS C 254 20.34 -5.50 3.99
CA LYS C 254 21.57 -6.27 3.97
C LYS C 254 22.11 -6.22 5.33
N ILE C 255 22.77 -7.29 5.73
CA ILE C 255 23.56 -7.30 6.92
C ILE C 255 24.71 -8.23 6.69
N GLY C 256 25.88 -7.83 7.18
CA GLY C 256 27.10 -8.52 6.86
C GLY C 256 28.07 -8.56 8.02
N THR C 257 28.91 -9.57 8.05
CA THR C 257 30.06 -9.58 8.94
C THR C 257 31.37 -9.90 8.20
N THR C 258 32.40 -9.13 8.53
CA THR C 258 33.76 -9.30 8.02
C THR C 258 34.63 -9.67 9.21
N PHE C 259 35.22 -10.84 9.15
CA PHE C 259 36.05 -11.29 10.27
C PHE C 259 37.31 -12.07 9.83
N GLY C 260 38.24 -12.28 10.75
CA GLY C 260 39.38 -13.15 10.48
C GLY C 260 40.37 -12.45 9.60
N ASP C 261 40.88 -11.33 10.09
CA ASP C 261 41.97 -10.62 9.42
C ASP C 261 41.51 -9.97 8.14
N ASP C 262 40.19 -9.83 8.04
CA ASP C 262 39.51 -9.34 6.83
C ASP C 262 39.59 -10.27 5.65
N ASP C 263 39.72 -11.57 5.94
CA ASP C 263 39.86 -12.54 4.88
C ASP C 263 38.59 -13.38 4.79
N HIS C 264 37.65 -13.08 5.66
CA HIS C 264 36.33 -13.72 5.63
C HIS C 264 35.14 -12.76 5.69
N ARG C 265 34.11 -13.02 4.89
CA ARG C 265 32.91 -12.21 4.92
C ARG C 265 31.66 -13.04 4.58
N ILE C 266 30.60 -12.87 5.38
CA ILE C 266 29.26 -13.46 5.12
C ILE C 266 28.30 -12.29 5.05
N VAL C 267 27.45 -12.26 4.02
CA VAL C 267 26.52 -11.20 3.85
C VAL C 267 25.15 -11.83 3.63
N LEU C 268 24.12 -11.28 4.28
CA LEU C 268 22.77 -11.74 4.03
C LEU C 268 21.99 -10.56 3.55
N SER C 269 21.19 -10.81 2.51
CA SER C 269 20.67 -9.77 1.65
C SER C 269 19.16 -10.07 1.29
N HIS C 270 18.31 -9.05 1.31
CA HIS C 270 17.02 -9.21 0.68
C HIS C 270 16.76 -8.04 -0.26
N MET C 271 16.32 -8.35 -1.46
CA MET C 271 16.02 -7.33 -2.39
C MET C 271 14.61 -7.53 -2.93
N LYS C 272 13.91 -6.42 -3.14
CA LYS C 272 12.63 -6.45 -3.79
C LYS C 272 12.54 -5.30 -4.81
N ASP C 273 12.00 -5.59 -5.99
CA ASP C 273 11.96 -4.68 -7.11
C ASP C 273 10.59 -4.80 -7.73
N GLN C 274 9.80 -3.75 -7.74
CA GLN C 274 8.37 -3.96 -8.02
C GLN C 274 7.78 -2.87 -8.86
N HIS C 275 7.01 -3.27 -9.88
CA HIS C 275 6.33 -2.29 -10.70
C HIS C 275 4.86 -2.45 -10.55
N ARG C 276 4.13 -1.35 -10.39
CA ARG C 276 2.67 -1.42 -10.34
C ARG C 276 2.03 -0.33 -11.17
N GLY C 277 0.85 -0.64 -11.72
CA GLY C 277 0.07 0.33 -12.39
C GLY C 277 -0.92 -0.37 -13.26
N ILE C 278 -1.71 0.43 -13.97
CA ILE C 278 -2.73 -0.11 -14.84
C ILE C 278 -1.96 -0.40 -16.11
N ARG C 279 -1.98 -1.66 -16.47
CA ARG C 279 -1.16 -2.15 -17.58
C ARG C 279 -2.04 -2.96 -18.44
N THR C 280 -1.59 -3.10 -19.66
CA THR C 280 -2.37 -3.84 -20.64
C THR C 280 -1.98 -5.33 -20.65
N VAL C 281 -2.90 -6.17 -21.09
CA VAL C 281 -2.62 -7.58 -21.29
C VAL C 281 -1.56 -7.43 -22.37
N ARG C 282 -0.43 -8.10 -22.35
CA ARG C 282 0.50 -7.73 -23.47
C ARG C 282 1.16 -6.32 -23.36
N GLU C 283 2.16 -6.21 -22.50
CA GLU C 283 2.80 -4.92 -22.28
C GLU C 283 3.68 -4.36 -23.39
N GLU C 284 3.95 -5.15 -24.43
CA GLU C 284 4.75 -4.68 -25.55
C GLU C 284 3.99 -3.78 -26.48
N PHE C 285 2.67 -3.75 -26.32
CA PHE C 285 1.78 -2.89 -27.10
C PHE C 285 0.99 -1.92 -26.16
N THR C 286 0.58 -0.75 -26.65
CA THR C 286 -0.44 0.05 -25.93
C THR C 286 -1.78 -0.30 -26.48
N VAL C 287 -2.67 0.67 -26.46
CA VAL C 287 -4.00 0.54 -27.00
C VAL C 287 -4.00 1.28 -28.32
N GLY C 288 -4.43 0.60 -29.38
CA GLY C 288 -4.59 1.22 -30.68
C GLY C 288 -6.03 1.58 -31.00
N ASP C 289 -6.29 1.80 -32.29
CA ASP C 289 -7.63 2.13 -32.80
C ASP C 289 -8.60 0.97 -32.53
N LYS C 290 -9.90 1.25 -32.34
CA LYS C 290 -10.86 0.18 -32.01
C LYS C 290 -11.05 -0.86 -33.12
N SER C 291 -10.50 -0.54 -34.29
CA SER C 291 -10.45 -1.45 -35.41
C SER C 291 -9.19 -2.35 -35.41
N SER C 292 -8.21 -2.08 -34.54
CA SER C 292 -6.98 -2.88 -34.47
C SER C 292 -7.05 -4.06 -33.51
N ARG C 293 -6.07 -4.94 -33.60
CA ARG C 293 -5.91 -6.06 -32.68
C ARG C 293 -5.43 -5.66 -31.29
N ILE C 294 -5.24 -4.39 -31.13
CA ILE C 294 -4.61 -3.85 -29.97
C ILE C 294 -5.56 -2.83 -29.33
N ASN C 295 -6.84 -2.97 -29.64
CA ASN C 295 -7.84 -2.10 -29.09
C ASN C 295 -8.12 -2.36 -27.63
N ILE C 296 -8.83 -1.40 -27.01
CA ILE C 296 -9.11 -1.37 -25.57
C ILE C 296 -9.69 -2.67 -24.97
N ASP C 297 -10.54 -3.35 -25.74
CA ASP C 297 -11.15 -4.58 -25.32
C ASP C 297 -10.18 -5.74 -25.29
N ARG C 298 -9.46 -5.95 -26.40
CA ARG C 298 -8.45 -7.04 -26.47
C ARG C 298 -7.32 -6.81 -25.48
N GLN C 299 -6.97 -5.55 -25.28
CA GLN C 299 -5.83 -5.16 -24.45
C GLN C 299 -6.21 -4.93 -22.99
N ALA C 300 -7.52 -4.93 -22.72
CA ALA C 300 -8.12 -5.00 -21.37
C ALA C 300 -7.22 -4.57 -20.17
N PRO C 301 -6.93 -3.25 -20.06
CA PRO C 301 -5.98 -2.86 -19.05
C PRO C 301 -6.57 -3.09 -17.66
N ALA C 302 -5.72 -3.27 -16.67
CA ALA C 302 -6.09 -3.64 -15.33
C ALA C 302 -4.86 -3.46 -14.44
N TYR C 303 -5.10 -3.24 -13.16
CA TYR C 303 -4.02 -3.11 -12.21
C TYR C 303 -3.14 -4.34 -12.04
N ARG C 304 -1.85 -4.11 -12.01
CA ARG C 304 -0.89 -5.18 -12.04
C ARG C 304 0.27 -4.88 -11.16
N GLU C 305 0.82 -5.90 -10.51
CA GLU C 305 2.14 -5.77 -9.86
C GLU C 305 3.04 -6.88 -10.32
N THR C 306 4.24 -6.47 -10.75
CA THR C 306 5.17 -7.44 -11.21
C THR C 306 6.43 -7.26 -10.39
N THR C 307 6.99 -8.36 -9.86
CA THR C 307 7.96 -8.23 -8.77
C THR C 307 9.12 -9.19 -8.86
N GLN C 308 10.31 -8.65 -8.61
CA GLN C 308 11.49 -9.46 -8.47
C GLN C 308 12.09 -9.35 -7.09
N SER C 309 12.26 -10.49 -6.41
CA SER C 309 12.79 -10.50 -5.08
C SER C 309 13.87 -11.55 -4.98
N ASN C 310 14.85 -11.23 -4.15
CA ASN C 310 15.94 -12.12 -3.96
C ASN C 310 16.36 -12.08 -2.48
N THR C 311 16.37 -13.24 -1.84
CA THR C 311 17.10 -13.36 -0.57
C THR C 311 18.37 -14.12 -0.90
N ASN C 312 19.49 -13.63 -0.43
CA ASN C 312 20.81 -14.10 -0.87
C ASN C 312 21.71 -14.22 0.31
N LEU C 313 22.31 -15.38 0.46
CA LEU C 313 23.43 -15.57 1.40
C LEU C 313 24.71 -15.71 0.66
N ALA C 314 25.63 -14.82 0.96
CA ALA C 314 26.87 -14.82 0.22
C ALA C 314 28.02 -14.94 1.15
N TYR C 315 29.03 -15.73 0.75
CA TYR C 315 30.26 -15.95 1.51
C TYR C 315 31.49 -15.71 0.63
N THR C 316 32.47 -14.97 1.14
CA THR C 316 33.79 -15.00 0.52
C THR C 316 34.97 -15.18 1.53
N GLY C 317 35.79 -16.20 1.28
CA GLY C 317 36.99 -16.48 2.06
C GLY C 317 38.24 -16.35 1.20
N LYS C 318 39.29 -15.77 1.77
CA LYS C 318 40.56 -15.49 1.11
C LYS C 318 41.70 -16.06 1.91
N ASN C 319 42.79 -16.44 1.26
CA ASN C 319 43.98 -16.91 1.97
C ASN C 319 43.62 -18.03 2.96
N LEU C 320 42.93 -19.07 2.47
CA LEU C 320 42.64 -20.31 3.23
C LEU C 320 43.53 -21.52 2.85
N GLY C 321 44.82 -21.25 2.56
CA GLY C 321 45.82 -22.29 2.19
C GLY C 321 45.80 -22.65 0.70
N PHE C 322 45.42 -23.90 0.43
CA PHE C 322 45.24 -24.43 -0.95
C PHE C 322 44.28 -23.58 -1.83
N VAL C 323 43.21 -23.10 -1.20
CA VAL C 323 42.24 -22.18 -1.79
C VAL C 323 42.68 -20.74 -1.42
N GLU C 324 43.14 -19.99 -2.41
CA GLU C 324 43.48 -18.57 -2.28
C GLU C 324 42.22 -17.71 -2.06
N LYS C 325 41.12 -18.14 -2.66
CA LYS C 325 39.88 -17.47 -2.54
C LYS C 325 38.70 -18.37 -2.87
N LEU C 326 37.63 -18.14 -2.11
CA LEU C 326 36.41 -18.88 -2.23
C LEU C 326 35.26 -17.87 -2.27
N ASP C 327 34.35 -18.06 -3.23
CA ASP C 327 33.11 -17.32 -3.34
C ASP C 327 31.95 -18.22 -3.47
N ALA C 328 30.93 -17.97 -2.69
CA ALA C 328 29.79 -18.84 -2.70
C ALA C 328 28.57 -17.97 -2.42
N ASN C 329 27.43 -18.52 -2.74
CA ASN C 329 26.23 -17.74 -2.99
C ASN C 329 25.17 -18.84 -2.82
N ALA C 330 24.08 -18.58 -2.09
CA ALA C 330 22.91 -19.42 -2.14
C ALA C 330 21.76 -18.46 -1.96
N TYR C 331 20.72 -18.68 -2.75
CA TYR C 331 19.78 -17.63 -2.92
C TYR C 331 18.42 -18.23 -3.24
N VAL C 332 17.38 -17.42 -3.09
CA VAL C 332 16.02 -17.75 -3.58
C VAL C 332 15.43 -16.53 -4.25
N LEU C 333 15.01 -16.68 -5.50
CA LEU C 333 14.71 -15.52 -6.37
C LEU C 333 13.29 -15.79 -6.72
N GLU C 334 12.48 -14.77 -6.63
CA GLU C 334 11.05 -14.90 -6.83
C GLU C 334 10.65 -13.92 -7.82
N LYS C 335 9.89 -14.38 -8.79
CA LYS C 335 9.34 -13.50 -9.76
C LYS C 335 7.81 -13.65 -9.72
N GLU C 336 7.12 -12.52 -9.69
CA GLU C 336 5.69 -12.57 -9.55
C GLU C 336 4.94 -11.68 -10.43
N ARG C 337 3.83 -12.20 -10.90
CA ARG C 337 2.82 -11.40 -11.46
C ARG C 337 1.52 -11.50 -10.63
N TYR C 338 1.04 -10.32 -10.25
CA TYR C 338 -0.23 -10.16 -9.63
C TYR C 338 -1.12 -9.27 -10.48
N SER C 339 -2.33 -9.75 -10.75
CA SER C 339 -3.31 -8.96 -11.42
C SER C 339 -4.57 -8.92 -10.57
N ALA C 340 -5.15 -7.73 -10.46
CA ALA C 340 -6.42 -7.52 -9.72
C ALA C 340 -7.63 -8.09 -10.42
N ASP C 341 -7.64 -8.15 -11.73
CA ASP C 341 -8.67 -8.86 -12.44
C ASP C 341 -8.09 -9.41 -13.71
N ASP C 342 -8.18 -10.72 -13.91
CA ASP C 342 -7.76 -11.29 -15.15
C ASP C 342 -8.87 -11.76 -16.10
N SER C 343 -10.08 -11.24 -15.97
CA SER C 343 -11.20 -11.59 -16.91
C SER C 343 -10.95 -11.35 -18.37
N GLY C 344 -10.29 -10.22 -18.67
CA GLY C 344 -9.93 -9.85 -20.05
C GLY C 344 -8.55 -10.33 -20.47
N THR C 345 -7.89 -11.10 -19.63
CA THR C 345 -6.60 -11.70 -19.97
C THR C 345 -6.74 -13.13 -20.53
N GLY C 346 -6.83 -13.28 -21.85
CA GLY C 346 -6.89 -14.59 -22.47
C GLY C 346 -5.82 -15.56 -21.99
N TYR C 347 -4.59 -15.06 -21.82
CA TYR C 347 -3.41 -15.89 -21.58
C TYR C 347 -3.43 -16.52 -20.20
N ALA C 348 -4.10 -15.84 -19.28
CA ALA C 348 -4.26 -16.35 -17.92
C ALA C 348 -5.49 -17.26 -17.76
N GLY C 349 -6.17 -17.57 -18.86
CA GLY C 349 -7.41 -18.34 -18.83
C GLY C 349 -8.65 -17.52 -18.44
N ASN C 350 -8.60 -16.21 -18.66
CA ASN C 350 -9.71 -15.28 -18.39
C ASN C 350 -10.21 -15.44 -16.95
N VAL C 351 -9.26 -15.60 -16.03
CA VAL C 351 -9.54 -15.85 -14.63
C VAL C 351 -10.10 -14.62 -13.98
N LYS C 352 -11.33 -14.77 -13.53
CA LYS C 352 -12.02 -13.66 -12.93
C LYS C 352 -11.49 -13.26 -11.54
N GLY C 353 -11.32 -11.97 -11.32
CA GLY C 353 -10.74 -11.49 -10.07
C GLY C 353 -9.22 -11.70 -9.96
N PRO C 354 -8.65 -11.53 -8.76
CA PRO C 354 -7.21 -11.51 -8.58
C PRO C 354 -6.48 -12.79 -8.92
N ASN C 355 -5.27 -12.66 -9.43
CA ASN C 355 -4.54 -13.76 -9.92
C ASN C 355 -3.06 -13.53 -9.71
N HIS C 356 -2.40 -14.57 -9.20
CA HIS C 356 -1.00 -14.57 -8.92
C HIS C 356 -0.31 -15.61 -9.63
N THR C 357 0.83 -15.32 -10.19
CA THR C 357 1.61 -16.32 -10.86
C THR C 357 3.03 -16.17 -10.32
N ARG C 358 3.64 -17.30 -9.95
CA ARG C 358 4.97 -17.28 -9.39
C ARG C 358 6.02 -18.07 -10.10
N ILE C 359 7.24 -17.54 -10.09
CA ILE C 359 8.39 -18.32 -10.49
C ILE C 359 9.40 -18.22 -9.40
N THR C 360 9.82 -19.39 -8.92
CA THR C 360 10.80 -19.46 -7.79
C THR C 360 12.08 -20.10 -8.27
N THR C 361 13.15 -19.43 -7.97
CA THR C 361 14.43 -19.90 -8.45
C THR C 361 15.35 -20.04 -7.28
N ARG C 362 15.70 -21.29 -6.97
CA ARG C 362 16.67 -21.59 -5.89
C ARG C 362 18.03 -21.89 -6.48
N GLY C 363 19.06 -21.27 -5.96
CA GLY C 363 20.35 -21.53 -6.54
C GLY C 363 21.47 -21.49 -5.58
N ALA C 364 22.57 -22.05 -5.99
CA ALA C 364 23.77 -21.94 -5.22
C ALA C 364 24.92 -22.07 -6.17
N ASN C 365 26.02 -21.41 -5.79
CA ASN C 365 27.21 -21.38 -6.61
C ASN C 365 28.40 -21.44 -5.72
N PHE C 366 29.36 -22.28 -6.07
CA PHE C 366 30.59 -22.29 -5.29
C PHE C 366 31.73 -22.19 -6.18
N ASN C 367 32.71 -21.42 -5.77
CA ASN C 367 33.76 -21.04 -6.66
C ASN C 367 35.08 -20.97 -5.94
N PHE C 368 36.05 -21.76 -6.36
CA PHE C 368 37.33 -21.77 -5.68
C PHE C 368 38.40 -21.32 -6.60
N ASP C 369 39.33 -20.59 -6.04
CA ASP C 369 40.55 -20.21 -6.74
C ASP C 369 41.74 -20.87 -6.05
N SER C 370 42.46 -21.73 -6.76
CA SER C 370 43.68 -22.27 -6.23
C SER C 370 44.88 -21.82 -7.06
N ARG C 371 45.91 -21.48 -6.35
CA ARG C 371 47.12 -21.09 -6.96
C ARG C 371 48.20 -22.20 -7.09
N LEU C 372 48.44 -22.68 -8.31
CA LEU C 372 49.28 -23.83 -8.50
C LEU C 372 50.75 -23.41 -8.57
N ALA C 373 51.01 -22.12 -8.63
CA ALA C 373 52.33 -21.56 -8.89
C ALA C 373 52.11 -20.07 -9.02
N GLU C 374 53.14 -19.26 -8.87
CA GLU C 374 52.95 -17.80 -8.98
C GLU C 374 52.25 -17.28 -10.26
N GLN C 375 52.38 -17.99 -11.39
CA GLN C 375 51.81 -17.59 -12.68
C GLN C 375 50.61 -18.37 -13.10
N THR C 376 50.15 -19.26 -12.26
CA THR C 376 49.02 -20.04 -12.68
C THR C 376 47.93 -20.13 -11.62
N LEU C 377 46.74 -19.78 -12.01
CA LEU C 377 45.63 -19.91 -11.13
C LEU C 377 44.69 -20.98 -11.62
N LEU C 378 44.17 -21.79 -10.71
CA LEU C 378 43.20 -22.78 -11.05
C LEU C 378 41.87 -22.37 -10.42
N LYS C 379 40.83 -22.28 -11.22
CA LYS C 379 39.50 -21.96 -10.72
C LYS C 379 38.73 -23.22 -10.95
N TYR C 380 37.83 -23.48 -10.05
CA TYR C 380 37.00 -24.67 -10.21
C TYR C 380 35.80 -24.46 -9.32
N GLY C 381 34.69 -25.10 -9.61
CA GLY C 381 33.54 -24.96 -8.73
C GLY C 381 32.34 -25.59 -9.36
N ILE C 382 31.17 -25.20 -8.87
CA ILE C 382 29.92 -25.93 -9.17
C ILE C 382 28.79 -24.95 -9.10
N ASN C 383 27.79 -25.12 -9.95
CA ASN C 383 26.63 -24.22 -10.03
C ASN C 383 25.45 -25.05 -9.90
N TYR C 384 24.45 -24.57 -9.17
CA TYR C 384 23.19 -25.32 -9.03
C TYR C 384 22.02 -24.35 -9.07
N ARG C 385 21.01 -24.69 -9.87
CA ARG C 385 19.83 -23.90 -9.95
C ARG C 385 18.58 -24.75 -10.14
N HIS C 386 17.55 -24.47 -9.35
CA HIS C 386 16.23 -25.11 -9.49
C HIS C 386 15.17 -24.03 -9.71
N GLN C 387 14.35 -24.23 -10.72
CA GLN C 387 13.36 -23.29 -11.03
C GLN C 387 12.05 -24.01 -11.05
N GLU C 388 11.04 -23.34 -10.51
CA GLU C 388 9.71 -23.93 -10.38
C GLU C 388 8.69 -22.85 -10.62
N ILE C 389 7.75 -23.17 -11.49
CA ILE C 389 6.71 -22.26 -11.84
C ILE C 389 5.43 -22.69 -11.17
N LYS C 390 4.74 -21.74 -10.53
CA LYS C 390 3.48 -22.04 -9.85
C LYS C 390 2.27 -21.22 -10.30
N PRO C 391 1.37 -21.82 -11.11
CA PRO C 391 0.16 -21.11 -11.38
C PRO C 391 -0.67 -21.10 -10.11
N GLN C 392 -1.60 -20.17 -10.06
CA GLN C 392 -2.55 -20.15 -8.97
C GLN C 392 -3.47 -21.35 -8.94
N ALA C 393 -3.74 -21.91 -10.11
CA ALA C 393 -4.60 -23.07 -10.29
C ALA C 393 -4.47 -23.57 -11.71
N PHE C 394 -4.54 -24.89 -11.89
CA PHE C 394 -4.55 -25.44 -13.24
C PHE C 394 -5.94 -25.38 -13.88
N LEU C 395 -5.99 -25.21 -15.20
CA LEU C 395 -7.26 -24.86 -15.84
C LEU C 395 -7.72 -25.65 -17.03
N ASN C 396 -6.81 -26.42 -17.61
CA ASN C 396 -6.99 -27.82 -17.90
C ASN C 396 -8.43 -28.30 -18.24
N SER C 397 -9.28 -28.32 -17.21
CA SER C 397 -10.68 -28.77 -17.31
C SER C 397 -11.54 -27.86 -18.17
N LYS C 398 -11.12 -26.60 -18.35
CA LYS C 398 -11.90 -25.65 -19.12
C LYS C 398 -11.34 -25.39 -20.50
N PHE C 399 -10.38 -26.21 -20.90
CA PHE C 399 -9.97 -26.21 -22.29
C PHE C 399 -11.22 -26.32 -23.16
N SER C 400 -11.30 -25.40 -24.13
CA SER C 400 -12.43 -25.25 -25.06
C SER C 400 -11.98 -24.68 -26.44
N ILE C 401 -12.24 -25.42 -27.53
CA ILE C 401 -11.98 -24.96 -28.92
C ILE C 401 -13.32 -24.51 -29.55
N PRO C 402 -13.42 -23.19 -29.92
CA PRO C 402 -14.68 -22.70 -30.54
C PRO C 402 -14.98 -23.34 -31.93
N THR C 403 -16.26 -23.46 -32.30
CA THR C 403 -16.59 -23.80 -33.70
C THR C 403 -16.22 -22.55 -34.50
N THR C 404 -16.60 -21.38 -33.96
CA THR C 404 -16.28 -19.97 -34.38
C THR C 404 -17.57 -19.17 -34.58
N PRO C 415 -18.68 -23.38 -38.92
CA PRO C 415 -17.35 -23.58 -39.56
C PRO C 415 -16.18 -23.76 -38.56
N MET C 416 -15.08 -24.45 -38.91
CA MET C 416 -14.95 -25.31 -40.10
C MET C 416 -15.63 -26.68 -39.81
N GLU C 417 -15.77 -27.54 -40.82
CA GLU C 417 -16.49 -28.83 -40.67
C GLU C 417 -15.64 -30.02 -40.15
N GLN C 418 -14.37 -29.73 -39.87
CA GLN C 418 -13.45 -30.62 -39.18
C GLN C 418 -13.27 -30.22 -37.71
N GLN C 419 -14.41 -30.10 -37.02
CA GLN C 419 -14.50 -29.87 -35.57
C GLN C 419 -14.21 -31.19 -34.87
N MET C 420 -14.60 -32.30 -35.52
CA MET C 420 -14.29 -33.70 -35.15
C MET C 420 -13.15 -33.94 -34.15
N LYS C 421 -11.94 -34.00 -34.71
CA LYS C 421 -10.64 -34.00 -34.00
C LYS C 421 -10.55 -32.95 -32.88
N ASP C 422 -10.96 -31.70 -33.14
CA ASP C 422 -11.18 -30.74 -32.03
C ASP C 422 -11.81 -31.56 -30.86
N ARG C 423 -13.11 -31.85 -30.97
CA ARG C 423 -13.87 -32.59 -29.95
C ARG C 423 -13.06 -33.65 -29.19
N ALA C 424 -12.37 -34.47 -29.97
CA ALA C 424 -11.32 -35.38 -29.49
C ALA C 424 -10.22 -34.70 -28.60
N ASP C 425 -9.55 -33.66 -29.13
CA ASP C 425 -8.45 -32.93 -28.46
C ASP C 425 -8.95 -32.36 -27.10
N GLU C 426 -10.18 -31.82 -27.11
CA GLU C 426 -10.87 -31.32 -25.89
C GLU C 426 -10.92 -32.37 -24.78
N ASP C 427 -11.22 -33.62 -25.15
CA ASP C 427 -11.20 -34.73 -24.18
C ASP C 427 -9.83 -35.08 -23.72
N THR C 428 -8.89 -35.13 -24.68
CA THR C 428 -7.47 -35.38 -24.43
C THR C 428 -7.02 -34.50 -23.27
N VAL C 429 -7.25 -33.19 -23.44
CA VAL C 429 -6.77 -32.14 -22.53
C VAL C 429 -7.39 -32.20 -21.12
N HIS C 430 -8.73 -32.36 -21.02
CA HIS C 430 -9.46 -32.42 -19.71
C HIS C 430 -9.04 -33.63 -18.87
N ALA C 431 -8.49 -34.63 -19.54
CA ALA C 431 -8.02 -35.82 -18.85
C ALA C 431 -6.67 -35.65 -18.12
N TYR C 432 -5.90 -34.59 -18.34
CA TYR C 432 -4.59 -34.50 -17.65
C TYR C 432 -4.68 -34.09 -16.19
N LYS C 433 -3.72 -34.50 -15.34
CA LYS C 433 -3.54 -33.88 -14.01
C LYS C 433 -2.16 -33.20 -13.99
N LEU C 434 -2.16 -31.91 -13.77
CA LEU C 434 -0.96 -31.15 -14.01
C LEU C 434 -0.27 -30.71 -12.76
N SER C 435 1.05 -30.69 -12.81
CA SER C 435 1.86 -30.29 -11.69
C SER C 435 2.69 -29.05 -12.12
N ASN C 436 3.21 -28.33 -11.15
CA ASN C 436 4.12 -27.22 -11.41
C ASN C 436 5.32 -27.75 -12.22
N PRO C 437 5.68 -27.08 -13.33
CA PRO C 437 6.87 -27.41 -14.08
C PRO C 437 8.10 -27.04 -13.31
N THR C 438 9.17 -27.79 -13.48
CA THR C 438 10.42 -27.42 -12.83
C THR C 438 11.57 -27.56 -13.79
N LYS C 439 12.67 -26.90 -13.46
CA LYS C 439 13.89 -27.16 -14.20
C LYS C 439 15.08 -27.09 -13.35
N THR C 440 15.92 -28.08 -13.44
CA THR C 440 17.09 -28.08 -12.58
C THR C 440 18.28 -28.04 -13.48
N ASP C 441 19.22 -27.18 -13.17
CA ASP C 441 20.45 -27.04 -13.98
C ASP C 441 21.52 -27.19 -13.01
N THR C 442 22.55 -27.92 -13.43
CA THR C 442 23.72 -28.00 -12.59
C THR C 442 24.97 -28.17 -13.44
N GLY C 443 26.10 -27.66 -12.94
CA GLY C 443 27.35 -27.66 -13.70
C GLY C 443 28.52 -27.75 -12.75
N VAL C 444 29.57 -28.45 -13.17
CA VAL C 444 30.85 -28.45 -12.49
C VAL C 444 31.82 -27.91 -13.52
N TYR C 445 32.83 -27.18 -13.12
CA TYR C 445 33.71 -26.60 -14.11
C TYR C 445 35.12 -26.54 -13.55
N ILE C 446 36.09 -26.44 -14.46
CA ILE C 446 37.47 -26.14 -14.13
C ILE C 446 38.12 -25.23 -15.18
N GLU C 447 38.97 -24.32 -14.71
CA GLU C 447 39.59 -23.41 -15.58
C GLU C 447 41.02 -23.12 -15.15
N ALA C 448 41.95 -23.23 -16.08
CA ALA C 448 43.30 -22.91 -15.74
C ALA C 448 43.54 -21.58 -16.41
N ILE C 449 44.22 -20.70 -15.69
CA ILE C 449 44.75 -19.44 -16.27
C ILE C 449 46.26 -19.31 -16.13
N HIS C 450 46.95 -19.34 -17.25
CA HIS C 450 48.40 -19.48 -17.22
C HIS C 450 49.04 -18.31 -17.92
N ASP C 451 49.98 -17.71 -17.21
CA ASP C 451 50.80 -16.67 -17.75
C ASP C 451 52.17 -17.12 -18.14
N ILE C 452 52.52 -16.93 -19.40
CA ILE C 452 53.88 -17.26 -19.86
C ILE C 452 54.42 -16.26 -20.89
N GLY C 453 55.53 -15.59 -20.57
CA GLY C 453 56.09 -14.57 -21.45
C GLY C 453 55.04 -13.46 -21.36
N ASP C 454 54.61 -12.92 -22.48
CA ASP C 454 53.60 -11.87 -22.36
C ASP C 454 52.25 -12.28 -22.94
N PHE C 455 52.03 -13.60 -22.85
CA PHE C 455 50.81 -14.30 -23.13
C PHE C 455 50.12 -14.74 -21.84
N THR C 456 48.78 -14.65 -21.85
CA THR C 456 47.93 -15.20 -20.82
C THR C 456 46.99 -16.20 -21.47
N LEU C 457 47.06 -17.45 -21.04
CA LEU C 457 46.32 -18.53 -21.70
C LEU C 457 45.28 -18.98 -20.72
N THR C 458 44.11 -19.31 -21.22
CA THR C 458 43.00 -19.76 -20.39
C THR C 458 42.39 -21.03 -20.98
N GLY C 459 42.28 -22.13 -20.19
CA GLY C 459 41.68 -23.32 -20.69
C GLY C 459 40.64 -23.72 -19.70
N GLY C 460 39.50 -24.18 -20.19
CA GLY C 460 38.54 -24.62 -19.23
C GLY C 460 37.55 -25.60 -19.77
N LEU C 461 36.81 -26.17 -18.82
CA LEU C 461 35.79 -27.15 -19.17
C LEU C 461 34.66 -27.05 -18.25
N ARG C 462 33.48 -27.26 -18.77
CA ARG C 462 32.29 -27.34 -17.96
C ARG C 462 31.54 -28.56 -18.34
N TYR C 463 30.94 -29.19 -17.34
CA TYR C 463 30.02 -30.23 -17.59
C TYR C 463 28.68 -29.73 -17.10
N ASP C 464 27.66 -29.71 -17.96
CA ASP C 464 26.36 -29.12 -17.59
C ASP C 464 25.28 -30.16 -17.76
N ARG C 465 24.40 -30.28 -16.78
CA ARG C 465 23.20 -31.07 -17.03
C ARG C 465 22.00 -30.33 -16.65
N PHE C 466 20.91 -30.70 -17.30
CA PHE C 466 19.66 -30.17 -16.92
C PHE C 466 18.63 -31.28 -16.81
N LYS C 467 17.55 -30.91 -16.19
CA LYS C 467 16.45 -31.77 -16.15
C LYS C 467 15.16 -30.99 -16.15
N VAL C 468 14.30 -31.28 -17.11
CA VAL C 468 13.09 -30.47 -17.32
C VAL C 468 11.94 -31.38 -17.00
N LYS C 469 11.11 -30.94 -16.07
CA LYS C 469 9.88 -31.60 -15.76
C LYS C 469 8.77 -30.64 -16.16
N THR C 470 8.11 -30.91 -17.28
CA THR C 470 7.02 -30.06 -17.72
C THR C 470 5.72 -30.24 -16.90
N HIS C 471 4.65 -29.58 -17.31
CA HIS C 471 3.46 -29.54 -16.42
C HIS C 471 2.58 -30.78 -16.46
N ASP C 472 2.83 -31.64 -17.43
CA ASP C 472 2.22 -32.98 -17.50
C ASP C 472 2.98 -34.04 -16.71
N GLY C 473 4.09 -33.66 -16.06
CA GLY C 473 4.87 -34.57 -15.21
C GLY C 473 5.96 -35.30 -15.98
N LYS C 474 6.03 -35.05 -17.30
CA LYS C 474 7.08 -35.63 -18.11
C LYS C 474 8.44 -35.03 -17.81
N THR C 475 9.46 -35.89 -17.83
CA THR C 475 10.80 -35.55 -17.41
C THR C 475 11.78 -35.92 -18.53
N VAL C 476 12.62 -34.95 -18.94
CA VAL C 476 13.63 -35.16 -19.95
C VAL C 476 14.89 -34.43 -19.50
N SER C 477 16.03 -35.14 -19.52
CA SER C 477 17.32 -34.53 -19.24
C SER C 477 18.31 -34.79 -20.36
N SER C 478 19.41 -34.05 -20.29
CA SER C 478 20.56 -34.20 -21.14
C SER C 478 21.70 -33.54 -20.42
N SER C 479 22.89 -33.69 -20.97
CA SER C 479 24.10 -33.16 -20.39
C SER C 479 25.04 -32.77 -21.52
N ASN C 480 26.01 -31.91 -21.22
CA ASN C 480 26.99 -31.47 -22.23
C ASN C 480 28.31 -31.21 -21.64
N LEU C 481 29.34 -31.50 -22.42
CA LEU C 481 30.72 -31.19 -22.06
C LEU C 481 31.24 -30.02 -22.91
N ASN C 482 31.47 -28.87 -22.28
CA ASN C 482 31.78 -27.61 -22.99
C ASN C 482 33.16 -27.03 -22.73
N PRO C 483 34.09 -27.23 -23.68
CA PRO C 483 35.46 -26.72 -23.62
C PRO C 483 35.54 -25.22 -23.96
N SER C 484 36.61 -24.56 -23.54
CA SER C 484 36.81 -23.15 -23.82
C SER C 484 38.29 -22.85 -23.81
N PHE C 485 38.74 -22.05 -24.75
CA PHE C 485 40.15 -21.74 -24.86
C PHE C 485 40.27 -20.26 -25.10
N GLY C 486 41.21 -19.62 -24.42
CA GLY C 486 41.42 -18.20 -24.60
C GLY C 486 42.86 -17.73 -24.49
N VAL C 487 43.23 -16.84 -25.40
CA VAL C 487 44.59 -16.32 -25.47
C VAL C 487 44.56 -14.81 -25.43
N ILE C 488 45.35 -14.24 -24.54
CA ILE C 488 45.62 -12.81 -24.61
C ILE C 488 47.13 -12.58 -24.79
N TRP C 489 47.49 -11.72 -25.69
CA TRP C 489 48.88 -11.41 -25.88
C TRP C 489 49.16 -9.92 -25.67
N GLN C 490 50.03 -9.60 -24.74
CA GLN C 490 50.32 -8.24 -24.41
C GLN C 490 51.83 -7.96 -24.61
N PRO C 491 52.21 -7.67 -25.86
CA PRO C 491 53.56 -7.38 -26.27
C PRO C 491 54.19 -6.06 -25.85
N HIS C 492 53.36 -5.04 -25.63
CA HIS C 492 53.81 -3.69 -25.31
C HIS C 492 52.90 -3.31 -24.17
N GLU C 493 53.23 -2.27 -23.43
CA GLU C 493 52.39 -1.99 -22.29
C GLU C 493 51.05 -1.31 -22.62
N HIS C 494 50.98 -0.80 -23.83
CA HIS C 494 49.78 -0.18 -24.35
C HIS C 494 48.97 -1.07 -25.25
N TRP C 495 49.28 -2.35 -25.36
CA TRP C 495 48.57 -3.20 -26.31
C TRP C 495 48.29 -4.60 -25.89
N SER C 496 47.07 -5.06 -26.16
CA SER C 496 46.66 -6.47 -26.01
C SER C 496 46.02 -6.87 -27.29
N PHE C 497 46.08 -8.16 -27.57
CA PHE C 497 45.33 -8.79 -28.65
C PHE C 497 44.77 -10.07 -28.09
N SER C 498 43.65 -10.52 -28.65
CA SER C 498 42.86 -11.55 -28.02
C SER C 498 42.22 -12.44 -29.01
N ALA C 499 42.01 -13.67 -28.59
CA ALA C 499 41.17 -14.62 -29.28
C ALA C 499 40.65 -15.61 -28.26
N SER C 500 39.46 -16.14 -28.50
CA SER C 500 38.90 -17.16 -27.65
C SER C 500 38.05 -18.07 -28.51
N HIS C 501 37.89 -19.30 -28.06
CA HIS C 501 37.05 -20.25 -28.74
C HIS C 501 36.26 -20.94 -27.63
N ASN C 502 35.01 -20.53 -27.46
CA ASN C 502 34.25 -20.93 -26.27
C ASN C 502 33.02 -21.69 -26.64
N TYR C 503 32.85 -22.83 -25.99
CA TYR C 503 31.63 -23.61 -26.07
C TYR C 503 30.79 -23.46 -24.81
N ALA C 504 29.48 -23.42 -25.00
CA ALA C 504 28.56 -23.32 -23.87
C ALA C 504 27.22 -23.88 -24.28
N SER C 505 26.46 -24.24 -23.28
CA SER C 505 25.14 -24.79 -23.56
C SER C 505 24.09 -24.11 -22.71
N ARG C 506 22.87 -24.21 -23.19
CA ARG C 506 21.75 -23.56 -22.56
C ARG C 506 20.50 -24.44 -22.72
N SER C 507 20.03 -24.93 -21.58
CA SER C 507 18.87 -25.81 -21.45
C SER C 507 17.53 -25.19 -21.88
N PRO C 508 16.57 -26.02 -22.35
CA PRO C 508 15.27 -25.51 -22.79
C PRO C 508 14.63 -24.63 -21.73
N ARG C 509 13.93 -23.58 -22.15
CA ARG C 509 13.16 -22.81 -21.20
C ARG C 509 11.79 -23.41 -21.05
N LEU C 510 11.30 -23.33 -19.83
CA LEU C 510 9.94 -23.62 -19.52
C LEU C 510 9.08 -22.63 -20.25
N TYR C 511 7.92 -23.12 -20.65
CA TYR C 511 6.88 -22.30 -21.20
C TYR C 511 6.53 -21.07 -20.34
N ASP C 512 5.78 -20.15 -20.92
CA ASP C 512 5.34 -18.97 -20.15
C ASP C 512 4.66 -19.32 -18.85
N ALA C 513 5.09 -18.66 -17.79
CA ALA C 513 4.50 -18.88 -16.46
C ALA C 513 2.98 -18.69 -16.42
N LEU C 514 2.51 -17.65 -17.11
CA LEU C 514 1.13 -17.25 -17.08
C LEU C 514 0.25 -18.16 -17.92
N GLN C 515 0.84 -19.06 -18.70
CA GLN C 515 0.10 -19.97 -19.58
C GLN C 515 0.16 -21.40 -19.09
N THR C 516 0.96 -21.61 -18.04
CA THR C 516 1.17 -22.90 -17.35
C THR C 516 -0.12 -23.58 -16.85
N HIS C 517 -1.15 -22.81 -16.58
CA HIS C 517 -2.42 -23.35 -16.12
C HIS C 517 -3.01 -24.36 -17.10
N GLY C 518 -2.63 -24.28 -18.36
CA GLY C 518 -2.89 -25.38 -19.27
C GLY C 518 -4.24 -25.27 -19.93
N LYS C 519 -4.89 -24.13 -19.76
CA LYS C 519 -6.18 -23.97 -20.35
C LYS C 519 -6.21 -23.97 -21.84
N ARG C 520 -5.08 -23.66 -22.47
CA ARG C 520 -4.95 -23.74 -23.92
C ARG C 520 -4.32 -25.00 -24.39
N GLY C 521 -4.13 -25.95 -23.49
CA GLY C 521 -3.62 -27.18 -23.95
C GLY C 521 -2.34 -27.47 -23.26
N ILE C 522 -1.88 -28.68 -23.51
CA ILE C 522 -0.81 -29.26 -22.76
C ILE C 522 0.50 -28.90 -23.41
N ILE C 523 1.48 -28.54 -22.59
CA ILE C 523 2.79 -28.23 -23.12
C ILE C 523 3.85 -29.16 -22.54
N SER C 524 4.42 -29.97 -23.41
CA SER C 524 5.33 -30.98 -22.97
C SER C 524 6.77 -30.83 -23.55
N ILE C 525 7.56 -31.89 -23.51
CA ILE C 525 8.90 -31.86 -24.04
C ILE C 525 9.13 -33.23 -24.72
N ALA C 526 9.67 -33.19 -25.94
CA ALA C 526 9.95 -34.40 -26.74
C ALA C 526 11.11 -35.22 -26.17
N ASP C 527 11.17 -36.49 -26.54
CA ASP C 527 12.06 -37.45 -25.89
C ASP C 527 13.54 -37.15 -25.93
N GLY C 528 14.08 -36.75 -27.05
CA GLY C 528 15.53 -36.55 -27.05
C GLY C 528 16.00 -35.10 -26.93
N THR C 529 15.10 -34.19 -26.55
CA THR C 529 15.42 -32.82 -26.70
C THR C 529 16.59 -32.44 -25.86
N LYS C 530 17.37 -31.54 -26.39
CA LYS C 530 18.59 -31.26 -25.71
C LYS C 530 18.86 -29.79 -25.65
N ALA C 531 19.99 -29.49 -25.02
CA ALA C 531 20.41 -28.13 -24.79
C ALA C 531 20.90 -27.53 -26.09
N GLU C 532 20.70 -26.22 -26.18
CA GLU C 532 21.28 -25.44 -27.25
C GLU C 532 22.79 -25.49 -27.05
N ARG C 533 23.56 -25.46 -28.12
CA ARG C 533 24.99 -25.37 -27.84
C ARG C 533 25.73 -24.38 -28.68
N ALA C 534 26.43 -23.49 -28.01
CA ALA C 534 27.08 -22.38 -28.70
C ALA C 534 28.55 -22.65 -28.93
N ARG C 535 29.04 -22.18 -30.10
CA ARG C 535 30.44 -22.22 -30.46
C ARG C 535 30.79 -20.81 -30.86
N ASN C 536 31.41 -20.09 -29.93
CA ASN C 536 31.72 -18.72 -30.13
C ASN C 536 33.24 -18.52 -30.29
N THR C 537 33.65 -18.01 -31.43
CA THR C 537 35.03 -17.67 -31.69
C THR C 537 35.12 -16.17 -31.81
N GLU C 538 36.17 -15.60 -31.24
CA GLU C 538 36.31 -14.20 -31.50
C GLU C 538 37.69 -13.66 -31.37
N ILE C 539 37.94 -12.47 -31.93
CA ILE C 539 39.23 -11.80 -31.75
C ILE C 539 39.06 -10.38 -31.29
N GLY C 540 40.12 -9.76 -30.80
CA GLY C 540 39.99 -8.36 -30.35
C GLY C 540 41.30 -7.72 -30.04
N PHE C 541 41.25 -6.43 -29.77
CA PHE C 541 42.47 -5.69 -29.41
C PHE C 541 42.07 -4.59 -28.47
N ASN C 542 43.04 -4.20 -27.64
CA ASN C 542 42.87 -3.07 -26.76
C ASN C 542 44.08 -2.24 -26.81
N TYR C 543 43.92 -0.99 -27.23
CA TYR C 543 44.95 -0.01 -27.09
C TYR C 543 44.60 0.94 -25.93
N ASN C 544 45.60 1.33 -25.14
CA ASN C 544 45.45 2.41 -24.15
C ASN C 544 46.80 3.00 -23.81
N ASP C 545 46.94 4.31 -23.94
CA ASP C 545 48.22 4.93 -23.61
C ASP C 545 48.13 5.97 -22.50
N GLY C 546 46.96 6.10 -21.89
CA GLY C 546 46.73 7.06 -20.80
C GLY C 546 45.99 8.31 -21.23
N THR C 547 46.07 8.63 -22.52
CA THR C 547 45.32 9.71 -23.11
C THR C 547 44.34 9.09 -24.10
N PHE C 548 44.86 8.28 -25.03
CA PHE C 548 44.00 7.69 -26.03
C PHE C 548 43.72 6.24 -25.73
N ALA C 549 42.47 5.80 -25.93
CA ALA C 549 42.13 4.39 -25.83
C ALA C 549 41.22 3.83 -26.94
N ALA C 550 41.30 2.54 -27.16
CA ALA C 550 40.51 1.90 -28.20
C ALA C 550 40.46 0.41 -27.95
N ASN C 551 39.44 -0.19 -28.54
CA ASN C 551 39.26 -1.59 -28.39
C ASN C 551 38.46 -1.97 -29.60
N GLY C 552 38.55 -3.24 -30.00
CA GLY C 552 37.79 -3.74 -31.13
C GLY C 552 37.58 -5.23 -30.88
N SER C 553 36.49 -5.73 -31.43
CA SER C 553 36.12 -7.10 -31.27
C SER C 553 35.51 -7.49 -32.58
N TYR C 554 35.88 -8.67 -33.06
CA TYR C 554 35.10 -9.35 -34.08
C TYR C 554 34.77 -10.71 -33.53
N PHE C 555 33.53 -11.16 -33.78
CA PHE C 555 33.02 -12.44 -33.26
C PHE C 555 32.26 -13.22 -34.31
N TRP C 556 32.26 -14.54 -34.14
CA TRP C 556 31.43 -15.49 -34.88
C TRP C 556 30.81 -16.48 -33.92
N GLN C 557 29.52 -16.77 -34.18
CA GLN C 557 28.70 -17.55 -33.26
C GLN C 557 27.85 -18.51 -34.05
N THR C 558 27.98 -19.78 -33.70
CA THR C 558 27.03 -20.83 -34.11
C THR C 558 26.36 -21.49 -32.91
N ILE C 559 25.05 -21.65 -32.99
CA ILE C 559 24.33 -22.28 -31.91
C ILE C 559 23.46 -23.35 -32.52
N LYS C 560 23.75 -24.58 -32.09
CA LYS C 560 23.01 -25.78 -32.56
C LYS C 560 21.83 -26.09 -31.65
N ASP C 561 20.76 -26.65 -32.21
CA ASP C 561 19.62 -27.21 -31.46
C ASP C 561 18.72 -26.17 -30.82
N ALA C 562 18.68 -25.03 -31.47
CA ALA C 562 17.81 -23.95 -31.08
C ALA C 562 16.39 -24.49 -30.90
N LEU C 563 15.69 -23.94 -29.90
CA LEU C 563 14.30 -24.36 -29.57
C LEU C 563 13.47 -23.16 -29.49
N ALA C 564 12.26 -23.24 -30.00
CA ALA C 564 11.40 -22.09 -29.82
C ALA C 564 9.97 -22.49 -29.59
N ASN C 565 9.23 -22.72 -30.64
CA ASN C 565 7.85 -23.06 -30.49
C ASN C 565 7.71 -24.58 -30.46
N PRO C 566 6.73 -25.06 -29.68
CA PRO C 566 6.59 -26.50 -29.56
C PRO C 566 5.98 -27.13 -30.81
N GLN C 567 6.25 -28.43 -30.93
CA GLN C 567 5.71 -29.38 -31.91
C GLN C 567 4.27 -29.76 -31.62
N VAL C 575 -1.93 -31.34 -27.09
CA VAL C 575 -0.55 -31.60 -26.65
C VAL C 575 0.51 -31.11 -27.65
N ARG C 576 1.34 -30.17 -27.20
CA ARG C 576 2.50 -29.72 -27.97
C ARG C 576 3.78 -29.99 -27.18
N GLU C 577 4.87 -30.33 -27.88
CA GLU C 577 6.16 -30.54 -27.19
C GLU C 577 7.31 -29.65 -27.62
N ALA C 578 8.09 -29.29 -26.61
CA ALA C 578 9.38 -28.61 -26.78
C ALA C 578 10.30 -29.50 -27.59
N VAL C 579 10.76 -29.01 -28.74
CA VAL C 579 11.73 -29.70 -29.59
C VAL C 579 12.89 -28.82 -30.01
N ASN C 580 14.01 -29.46 -30.36
CA ASN C 580 15.05 -28.77 -31.11
C ASN C 580 14.54 -28.57 -32.53
N ALA C 581 14.69 -27.36 -33.08
CA ALA C 581 14.01 -27.01 -34.35
C ALA C 581 14.88 -26.27 -35.39
N GLY C 582 16.17 -26.12 -35.08
CA GLY C 582 17.10 -25.46 -35.96
C GLY C 582 18.35 -24.95 -35.27
N TYR C 583 18.95 -23.90 -35.86
CA TYR C 583 20.23 -23.37 -35.46
C TYR C 583 20.39 -21.84 -35.74
N ILE C 584 21.40 -21.26 -35.12
CA ILE C 584 21.52 -19.81 -35.06
C ILE C 584 22.91 -19.44 -35.50
N LYS C 585 22.98 -18.35 -36.26
CA LYS C 585 24.22 -17.70 -36.53
C LYS C 585 24.21 -16.24 -36.10
N ASN C 586 25.40 -15.77 -35.76
CA ASN C 586 25.61 -14.41 -35.40
C ASN C 586 27.06 -14.03 -35.65
N HIS C 587 27.30 -12.92 -36.33
CA HIS C 587 28.67 -12.42 -36.44
C HIS C 587 28.61 -10.87 -36.48
N GLY C 588 29.73 -10.24 -36.19
CA GLY C 588 29.72 -8.78 -36.21
C GLY C 588 30.86 -8.31 -35.43
N TYR C 589 30.80 -7.01 -35.06
CA TYR C 589 31.94 -6.30 -34.55
C TYR C 589 31.53 -5.17 -33.66
N GLU C 590 32.51 -4.66 -32.93
CA GLU C 590 32.36 -3.52 -32.09
C GLU C 590 33.73 -2.80 -31.99
N LEU C 591 33.74 -1.51 -32.25
CA LEU C 591 34.91 -0.70 -32.00
C LEU C 591 34.54 0.35 -30.96
N GLY C 592 35.50 0.78 -30.18
CA GLY C 592 35.31 1.84 -29.21
C GLY C 592 36.64 2.57 -29.13
N ALA C 593 36.60 3.81 -28.64
CA ALA C 593 37.81 4.58 -28.34
C ALA C 593 37.42 5.75 -27.47
N SER C 594 38.37 6.23 -26.70
CA SER C 594 38.12 7.25 -25.73
C SER C 594 39.38 8.14 -25.75
N TYR C 595 39.25 9.37 -25.23
CA TYR C 595 40.30 10.42 -25.26
C TYR C 595 40.04 11.26 -24.06
N ARG C 596 41.01 11.25 -23.12
CA ARG C 596 40.92 11.94 -21.82
C ARG C 596 42.22 12.65 -21.53
N THR C 597 42.13 13.96 -21.27
CA THR C 597 43.21 14.87 -21.04
C THR C 597 42.64 16.21 -20.53
N GLY C 598 43.31 16.78 -19.55
CA GLY C 598 42.92 17.97 -18.80
C GLY C 598 41.46 18.43 -18.79
N GLY C 599 40.60 17.68 -18.09
CA GLY C 599 39.23 18.11 -18.01
C GLY C 599 38.32 17.54 -19.07
N LEU C 600 38.80 17.41 -20.30
CA LEU C 600 37.94 16.88 -21.34
C LEU C 600 37.93 15.34 -21.32
N THR C 601 36.77 14.75 -21.62
CA THR C 601 36.69 13.33 -21.93
C THR C 601 35.79 13.11 -23.17
N ALA C 602 36.31 12.44 -24.20
CA ALA C 602 35.56 12.16 -25.46
C ALA C 602 35.48 10.67 -25.75
N LYS C 603 34.27 10.20 -26.13
CA LYS C 603 34.14 8.79 -26.46
C LYS C 603 33.33 8.57 -27.69
N VAL C 604 33.52 7.41 -28.31
CA VAL C 604 32.79 6.91 -29.47
C VAL C 604 32.76 5.37 -29.38
N GLY C 605 31.85 4.79 -30.13
CA GLY C 605 31.57 3.36 -30.09
C GLY C 605 30.69 3.07 -31.32
N VAL C 606 30.87 1.89 -31.93
CA VAL C 606 29.96 1.46 -33.00
C VAL C 606 29.82 -0.06 -32.90
N SER C 607 28.71 -0.61 -33.34
CA SER C 607 28.51 -2.03 -33.17
C SER C 607 27.55 -2.42 -34.22
N HIS C 608 27.74 -3.60 -34.79
CA HIS C 608 26.78 -4.12 -35.75
C HIS C 608 26.78 -5.63 -35.64
N SER C 609 25.60 -6.22 -35.54
CA SER C 609 25.53 -7.64 -35.56
C SER C 609 24.44 -8.17 -36.45
N LYS C 610 24.47 -9.46 -36.69
CA LYS C 610 23.53 -10.04 -37.66
C LYS C 610 23.04 -11.44 -37.23
N PRO C 611 22.07 -11.49 -36.28
CA PRO C 611 21.49 -12.73 -35.78
C PRO C 611 20.54 -13.33 -36.80
N ARG C 612 20.71 -14.63 -37.05
CA ARG C 612 19.94 -15.37 -38.06
C ARG C 612 19.60 -16.76 -37.60
N PHE C 613 18.31 -17.05 -37.72
CA PHE C 613 17.70 -18.27 -37.13
C PHE C 613 17.18 -19.16 -38.27
N TYR C 614 17.80 -20.34 -38.39
CA TYR C 614 17.60 -21.21 -39.51
C TYR C 614 16.74 -22.35 -39.07
N ASP C 615 15.52 -22.44 -39.61
CA ASP C 615 14.61 -23.56 -39.41
C ASP C 615 15.09 -24.87 -39.98
N THR C 616 14.87 -25.95 -39.24
CA THR C 616 15.30 -27.31 -39.65
C THR C 616 14.13 -28.26 -39.63
N HIS C 617 13.14 -27.87 -38.86
CA HIS C 617 11.93 -28.63 -38.71
C HIS C 617 10.91 -28.34 -39.82
N LYS C 618 10.17 -29.38 -40.22
CA LYS C 618 9.11 -29.31 -41.21
C LYS C 618 8.03 -28.28 -40.91
N ASP C 619 7.53 -28.26 -39.69
CA ASP C 619 6.69 -27.16 -39.26
C ASP C 619 7.67 -26.03 -38.95
N LYS C 620 7.49 -24.85 -39.45
CA LYS C 620 8.66 -24.00 -39.31
C LYS C 620 8.49 -23.54 -37.88
N LEU C 621 9.49 -23.67 -37.02
CA LEU C 621 9.14 -23.57 -35.58
C LEU C 621 9.89 -22.54 -34.77
N LEU C 622 10.97 -22.00 -35.32
CA LEU C 622 11.63 -20.91 -34.65
C LEU C 622 10.78 -19.62 -34.75
N SER C 623 11.16 -18.61 -33.97
CA SER C 623 10.29 -17.46 -33.73
C SER C 623 10.99 -16.14 -33.89
N ALA C 624 10.32 -15.17 -34.51
CA ALA C 624 10.83 -13.78 -34.55
C ALA C 624 10.45 -12.93 -33.33
N ASN C 625 9.92 -13.53 -32.26
CA ASN C 625 9.76 -12.84 -30.98
C ASN C 625 11.05 -12.12 -30.52
N PRO C 626 10.92 -10.86 -30.07
CA PRO C 626 12.08 -10.04 -29.62
C PRO C 626 12.96 -10.64 -28.50
N GLU C 627 12.36 -11.45 -27.66
CA GLU C 627 12.95 -12.43 -26.77
C GLU C 627 14.14 -13.18 -27.38
N PHE C 628 13.98 -13.62 -28.61
CA PHE C 628 15.01 -14.32 -29.32
C PHE C 628 16.04 -13.40 -29.87
N GLY C 629 15.59 -12.22 -30.29
CA GLY C 629 16.51 -11.28 -30.90
C GLY C 629 15.83 -10.39 -31.91
N ALA C 630 16.63 -9.49 -32.48
CA ALA C 630 16.18 -8.44 -33.43
C ALA C 630 17.38 -8.05 -34.30
N GLN C 631 17.10 -7.80 -35.59
CA GLN C 631 18.12 -7.26 -36.48
C GLN C 631 18.07 -5.78 -36.26
N VAL C 632 19.06 -5.26 -35.55
CA VAL C 632 19.06 -3.89 -35.07
C VAL C 632 20.05 -3.19 -35.94
N GLY C 633 19.79 -1.92 -36.22
CA GLY C 633 20.60 -1.16 -37.15
C GLY C 633 21.97 -0.98 -36.59
N ARG C 634 22.91 -0.65 -37.47
CA ARG C 634 24.23 -0.36 -36.99
C ARG C 634 24.16 0.80 -36.01
N THR C 635 24.73 0.62 -34.83
CA THR C 635 24.55 1.53 -33.76
C THR C 635 25.87 2.21 -33.37
N TRP C 636 25.80 3.54 -33.29
CA TRP C 636 26.91 4.42 -33.00
C TRP C 636 26.56 5.18 -31.72
N THR C 637 27.55 5.49 -30.89
CA THR C 637 27.32 6.27 -29.70
C THR C 637 28.54 7.17 -29.56
N ALA C 638 28.39 8.29 -28.87
CA ALA C 638 29.45 9.25 -28.81
C ALA C 638 29.14 10.13 -27.63
N SER C 639 30.17 10.72 -27.02
CA SER C 639 29.96 11.67 -25.92
C SER C 639 31.19 12.54 -25.70
N LEU C 640 30.93 13.70 -25.10
CA LEU C 640 31.91 14.73 -24.99
C LEU C 640 31.58 15.50 -23.70
N ALA C 641 32.51 15.59 -22.78
CA ALA C 641 32.17 16.14 -21.49
C ALA C 641 33.38 16.86 -20.96
N TYR C 642 33.13 17.87 -20.13
CA TYR C 642 34.22 18.69 -19.67
C TYR C 642 34.04 18.98 -18.22
N ARG C 643 35.01 18.56 -17.41
CA ARG C 643 34.87 18.81 -15.98
C ARG C 643 35.59 20.13 -15.59
N PHE C 644 34.87 21.23 -15.28
CA PHE C 644 35.48 22.49 -14.82
C PHE C 644 35.96 22.28 -13.43
N GLN C 645 36.95 23.04 -12.97
CA GLN C 645 37.43 22.81 -11.60
C GLN C 645 36.85 23.77 -10.55
N ASN C 646 36.50 24.98 -10.96
CA ASN C 646 35.63 25.83 -10.10
C ASN C 646 34.49 26.53 -10.84
N PRO C 647 33.21 26.24 -10.48
CA PRO C 647 32.74 25.12 -9.64
C PRO C 647 33.20 23.73 -10.16
N ASN C 648 33.20 22.71 -9.27
CA ASN C 648 33.23 21.30 -9.67
C ASN C 648 31.95 20.93 -10.42
N LEU C 649 32.02 21.08 -11.74
CA LEU C 649 30.86 20.96 -12.60
C LEU C 649 31.30 20.32 -13.91
N GLU C 650 30.52 19.37 -14.36
CA GLU C 650 30.80 18.74 -15.63
C GLU C 650 29.57 18.94 -16.51
N ILE C 651 29.85 19.33 -17.76
CA ILE C 651 28.79 19.57 -18.72
C ILE C 651 29.18 18.68 -19.88
N GLY C 652 28.18 18.15 -20.60
CA GLY C 652 28.49 17.25 -21.68
C GLY C 652 27.36 16.99 -22.59
N TRP C 653 27.68 16.37 -23.71
CA TRP C 653 26.74 16.01 -24.73
C TRP C 653 26.84 14.48 -24.81
N ARG C 654 25.77 13.77 -25.15
CA ARG C 654 25.86 12.34 -25.46
C ARG C 654 24.92 12.13 -26.60
N GLY C 655 25.21 11.19 -27.47
CA GLY C 655 24.37 10.94 -28.63
C GLY C 655 24.35 9.47 -28.94
N ARG C 656 23.26 9.01 -29.50
CA ARG C 656 23.18 7.64 -29.86
C ARG C 656 22.44 7.66 -31.20
N TYR C 657 22.97 6.88 -32.13
CA TYR C 657 22.49 6.91 -33.50
C TYR C 657 22.47 5.48 -34.00
N VAL C 658 21.27 5.02 -34.35
CA VAL C 658 21.06 3.71 -34.92
C VAL C 658 20.57 3.80 -36.35
N GLN C 659 21.30 3.13 -37.21
CA GLN C 659 21.01 3.25 -38.61
C GLN C 659 19.84 2.38 -38.95
N LYS C 660 19.26 2.68 -40.10
CA LYS C 660 18.20 1.86 -40.66
C LYS C 660 18.55 0.37 -40.69
N ALA C 661 17.69 -0.51 -40.22
CA ALA C 661 17.99 -1.95 -40.33
C ALA C 661 16.99 -2.61 -41.20
N THR C 662 17.39 -3.71 -41.80
CA THR C 662 16.51 -4.40 -42.71
C THR C 662 15.93 -5.73 -42.33
N GLY C 663 16.63 -6.80 -42.11
CA GLY C 663 15.74 -8.04 -42.12
C GLY C 663 14.93 -8.61 -40.94
N SER C 664 14.32 -9.78 -41.13
CA SER C 664 13.81 -10.57 -40.02
C SER C 664 15.01 -11.29 -39.39
N ILE C 665 14.86 -11.76 -38.16
CA ILE C 665 15.95 -12.55 -37.56
C ILE C 665 15.86 -13.96 -38.09
N LEU C 666 14.75 -14.26 -38.75
CA LEU C 666 14.51 -15.63 -39.33
C LEU C 666 14.95 -15.58 -40.75
N ALA C 667 15.96 -16.35 -41.07
CA ALA C 667 16.47 -16.45 -42.45
C ALA C 667 15.43 -16.72 -43.57
N ALA C 668 14.39 -17.51 -43.30
CA ALA C 668 13.35 -17.77 -44.29
C ALA C 668 12.21 -16.71 -44.27
N GLY C 669 12.36 -15.70 -43.40
CA GLY C 669 11.33 -14.70 -43.24
C GLY C 669 10.32 -15.03 -42.15
N GLN C 670 9.83 -13.98 -41.48
CA GLN C 670 8.77 -14.11 -40.46
C GLN C 670 7.34 -13.87 -41.03
N LYS C 671 6.34 -14.54 -40.45
CA LYS C 671 4.96 -14.44 -40.95
C LYS C 671 3.94 -13.86 -39.95
N ASP C 672 3.00 -13.12 -40.49
CA ASP C 672 2.04 -12.27 -39.77
C ASP C 672 0.65 -12.85 -39.45
N ARG C 673 0.49 -13.76 -38.51
CA ARG C 673 -0.92 -14.12 -38.08
C ARG C 673 -1.80 -14.69 -39.21
N LYS C 674 -2.06 -13.93 -40.26
CA LYS C 674 -2.61 -14.47 -41.49
C LYS C 674 -1.57 -15.24 -42.38
N GLY C 675 -0.38 -15.57 -41.85
CA GLY C 675 0.62 -16.38 -42.58
C GLY C 675 1.41 -15.79 -43.73
N ASN C 676 1.29 -14.47 -43.96
CA ASN C 676 2.02 -13.78 -45.03
C ASN C 676 3.39 -13.33 -44.55
N LEU C 677 4.39 -13.31 -45.46
CA LEU C 677 5.75 -12.86 -45.13
C LEU C 677 5.70 -11.36 -44.85
N GLU C 678 6.40 -10.90 -43.83
CA GLU C 678 6.42 -9.50 -43.47
C GLU C 678 7.69 -8.85 -43.96
N ASN C 679 7.55 -7.69 -44.61
CA ASN C 679 8.72 -7.04 -45.17
C ASN C 679 9.42 -6.18 -44.10
N VAL C 680 10.27 -6.78 -43.29
CA VAL C 680 10.69 -6.10 -42.09
C VAL C 680 11.67 -5.00 -42.38
N VAL C 681 11.28 -3.75 -42.05
CA VAL C 681 12.10 -2.56 -42.23
C VAL C 681 11.98 -1.71 -40.95
N ARG C 682 13.10 -1.15 -40.46
CA ARG C 682 13.12 -0.30 -39.23
C ARG C 682 13.93 0.94 -39.51
N LYS C 683 13.31 2.11 -39.36
CA LYS C 683 13.95 3.41 -39.53
C LYS C 683 15.11 3.67 -38.60
N GLY C 684 16.02 4.52 -39.09
CA GLY C 684 17.17 5.01 -38.33
C GLY C 684 16.75 6.23 -37.54
N PHE C 685 17.49 6.53 -36.50
CA PHE C 685 17.17 7.71 -35.75
C PHE C 685 18.40 8.11 -34.96
N GLY C 686 18.37 9.28 -34.36
CA GLY C 686 19.45 9.77 -33.55
C GLY C 686 18.88 10.62 -32.43
N VAL C 687 19.40 10.39 -31.23
CA VAL C 687 18.89 10.97 -29.99
C VAL C 687 20.10 11.73 -29.45
N ASN C 688 19.88 12.95 -28.97
CA ASN C 688 20.92 13.76 -28.44
C ASN C 688 20.52 14.16 -27.04
N ASP C 689 21.51 14.26 -26.15
CA ASP C 689 21.27 14.49 -24.76
C ASP C 689 22.30 15.46 -24.31
N VAL C 690 21.94 16.42 -23.44
CA VAL C 690 22.94 17.26 -22.72
C VAL C 690 22.71 17.07 -21.24
N PHE C 691 23.81 17.07 -20.49
CA PHE C 691 23.77 16.86 -19.09
C PHE C 691 24.80 17.67 -18.32
N ALA C 692 24.58 17.78 -17.01
CA ALA C 692 25.51 18.49 -16.15
C ALA C 692 25.53 17.77 -14.81
N ASN C 693 26.71 17.63 -14.25
CA ASN C 693 26.84 17.16 -12.89
C ASN C 693 27.60 18.16 -12.02
N TRP C 694 26.94 18.71 -11.00
CA TRP C 694 27.74 19.51 -10.09
C TRP C 694 27.79 19.03 -8.70
N LYS C 695 28.97 19.27 -8.12
CA LYS C 695 29.29 18.91 -6.75
C LYS C 695 29.56 20.18 -5.95
N PRO C 696 28.50 20.74 -5.33
CA PRO C 696 28.59 22.00 -4.63
C PRO C 696 29.64 22.02 -3.53
N LEU C 697 30.06 20.88 -3.05
CA LEU C 697 31.02 20.89 -1.96
C LEU C 697 32.36 20.31 -2.35
N GLY C 698 32.50 19.87 -3.60
CA GLY C 698 33.76 19.28 -4.06
C GLY C 698 33.88 17.78 -3.82
N LYS C 699 33.18 17.27 -2.80
CA LYS C 699 33.20 15.86 -2.46
C LYS C 699 32.11 15.14 -3.26
N ASP C 700 32.03 13.81 -3.16
CA ASP C 700 31.06 12.99 -3.88
C ASP C 700 29.78 12.72 -3.07
N THR C 701 29.68 13.44 -1.95
CA THR C 701 28.63 13.27 -0.99
C THR C 701 27.41 14.14 -1.33
N LEU C 702 27.46 14.87 -2.44
CA LEU C 702 26.36 15.72 -2.89
C LEU C 702 26.44 15.89 -4.40
N ASN C 703 25.46 15.38 -5.11
CA ASN C 703 25.49 15.54 -6.57
C ASN C 703 24.22 16.24 -6.98
N VAL C 704 24.34 17.26 -7.82
CA VAL C 704 23.15 17.90 -8.32
C VAL C 704 23.27 17.68 -9.77
N ASN C 705 22.34 16.96 -10.38
CA ASN C 705 22.44 16.55 -11.77
C ASN C 705 21.30 17.11 -12.60
N LEU C 706 21.63 17.82 -13.66
CA LEU C 706 20.65 18.34 -14.60
C LEU C 706 20.82 17.72 -15.97
N SER C 707 19.76 17.25 -16.59
CA SER C 707 19.90 16.80 -17.98
C SER C 707 18.67 17.15 -18.80
N VAL C 708 18.86 17.17 -20.11
CA VAL C 708 17.77 17.21 -21.06
C VAL C 708 18.06 16.03 -21.98
N ASN C 709 17.14 15.11 -22.08
CA ASN C 709 17.37 13.95 -22.94
C ASN C 709 16.48 14.09 -24.10
N ASN C 710 16.87 13.47 -25.22
CA ASN C 710 16.20 13.64 -26.50
C ASN C 710 15.88 15.13 -26.83
N VAL C 711 16.91 15.98 -26.74
CA VAL C 711 16.85 17.42 -26.96
C VAL C 711 16.01 17.75 -28.20
N PHE C 712 16.09 16.99 -29.25
CA PHE C 712 15.33 17.43 -30.43
C PHE C 712 13.96 16.83 -30.50
N ASN C 713 13.56 16.15 -29.44
CA ASN C 713 12.17 15.62 -29.26
C ASN C 713 11.88 14.76 -30.43
N LYS C 714 12.80 13.86 -30.72
CA LYS C 714 12.67 12.95 -31.85
C LYS C 714 11.63 11.88 -31.61
N PHE C 715 10.80 11.67 -32.64
CA PHE C 715 9.81 10.59 -32.67
C PHE C 715 10.48 9.39 -33.36
N TYR C 716 10.58 8.25 -32.66
CA TYR C 716 11.18 7.06 -33.26
C TYR C 716 10.72 5.82 -32.55
N TYR C 717 10.94 4.69 -33.19
CA TYR C 717 10.77 3.38 -32.58
C TYR C 717 12.13 2.76 -32.45
N PRO C 718 12.48 2.24 -31.24
CA PRO C 718 13.70 1.45 -31.11
C PRO C 718 13.55 0.19 -31.93
N HIS C 719 14.67 -0.48 -32.14
CA HIS C 719 14.73 -1.73 -32.90
C HIS C 719 14.51 -3.05 -32.16
N SER C 720 14.86 -3.15 -30.87
CA SER C 720 14.71 -4.42 -30.11
C SER C 720 13.29 -4.63 -29.59
N GLN C 721 12.38 -4.98 -30.47
CA GLN C 721 10.95 -5.09 -30.14
C GLN C 721 10.39 -5.51 -31.50
N ARG C 722 9.06 -5.68 -31.62
CA ARG C 722 8.46 -5.95 -32.90
C ARG C 722 8.50 -4.74 -33.79
N TRP C 723 8.52 -5.02 -35.09
CA TRP C 723 8.85 -4.03 -36.07
C TRP C 723 7.66 -3.21 -36.43
N THR C 724 6.44 -3.73 -36.26
CA THR C 724 5.21 -2.92 -36.54
C THR C 724 5.32 -1.73 -35.55
N ASN C 725 4.39 -0.83 -35.34
CA ASN C 725 4.90 0.33 -34.55
C ASN C 725 4.43 0.27 -33.13
N THR C 726 5.28 -0.28 -32.28
CA THR C 726 4.77 -0.74 -31.01
C THR C 726 4.85 0.35 -30.00
N LEU C 727 6.02 0.58 -29.44
CA LEU C 727 6.16 1.56 -28.39
C LEU C 727 7.33 2.44 -28.80
N PRO C 728 7.07 3.77 -28.94
CA PRO C 728 8.10 4.71 -29.36
C PRO C 728 9.04 5.07 -28.22
N GLY C 729 10.22 5.58 -28.57
CA GLY C 729 11.12 6.19 -27.61
C GLY C 729 10.50 7.37 -26.84
N VAL C 730 11.08 7.63 -25.67
CA VAL C 730 10.64 8.73 -24.89
C VAL C 730 10.96 10.00 -25.67
N GLY C 731 9.96 10.87 -25.85
CA GLY C 731 10.24 12.17 -26.32
C GLY C 731 11.27 12.85 -25.43
N ARG C 732 11.50 14.08 -25.76
CA ARG C 732 12.27 14.97 -24.95
C ARG C 732 11.88 15.04 -23.47
N ASP C 733 12.87 15.18 -22.59
CA ASP C 733 12.68 14.99 -21.16
C ASP C 733 13.73 15.78 -20.39
N VAL C 734 13.30 16.64 -19.48
CA VAL C 734 14.26 17.46 -18.73
C VAL C 734 14.29 16.94 -17.34
N ARG C 735 15.46 16.73 -16.76
CA ARG C 735 15.57 15.94 -15.55
C ARG C 735 16.49 16.61 -14.53
N LEU C 736 16.11 16.48 -13.27
CA LEU C 736 16.93 16.96 -12.17
C LEU C 736 16.97 15.89 -11.10
N GLY C 737 18.16 15.65 -10.54
CA GLY C 737 18.37 14.56 -9.58
C GLY C 737 19.34 15.13 -8.58
N VAL C 738 19.06 15.01 -7.28
CA VAL C 738 20.04 15.30 -6.23
C VAL C 738 20.27 14.06 -5.37
N ASN C 739 21.54 13.73 -5.06
CA ASN C 739 21.77 12.75 -3.97
C ASN C 739 22.64 13.40 -2.98
N TYR C 740 22.44 13.04 -1.70
CA TYR C 740 23.17 13.67 -0.65
C TYR C 740 23.35 12.69 0.47
N LYS C 741 24.53 12.73 1.05
CA LYS C 741 25.02 11.72 1.96
C LYS C 741 25.64 12.47 3.08
N PHE C 742 25.30 12.09 4.30
CA PHE C 742 25.84 12.72 5.47
C PHE C 742 25.93 11.66 6.57
#